data_4CRH
# 
_entry.id   4CRH 
# 
_audit_conform.dict_name       mmcif_pdbx.dic 
_audit_conform.dict_version    5.383 
_audit_conform.dict_location   http://mmcif.pdb.org/dictionaries/ascii/mmcif_pdbx.dic 
# 
loop_
_database_2.database_id 
_database_2.database_code 
_database_2.pdbx_database_accession 
_database_2.pdbx_DOI 
PDB   4CRH         pdb_00004crh 10.2210/pdb4crh/pdb 
PDBE  EBI-59851    ?            ?                   
WWPDB D_1290059851 ?            ?                   
# 
_pdbx_database_status.status_code                     REL 
_pdbx_database_status.entry_id                        4CRH 
_pdbx_database_status.deposit_site                    PDBE 
_pdbx_database_status.process_site                    PDBE 
_pdbx_database_status.SG_entry                        . 
_pdbx_database_status.recvd_initial_deposition_date   2014-02-26 
_pdbx_database_status.pdb_format_compatible           Y 
_pdbx_database_status.status_code_sf                  REL 
_pdbx_database_status.status_code_mr                  ? 
_pdbx_database_status.status_code_cs                  ? 
_pdbx_database_status.methods_development_category    ? 
_pdbx_database_status.status_code_nmr_data            ? 
# 
loop_
_audit_author.name 
_audit_author.pdbx_ordinal 
'Pinkas, D.M.'     1  
'Solcan, N.'       2  
'Krojer, T.'       3  
'Goubin, S.'       4  
'Williams, E.P.'   5  
'von Delft, F.'    6  
'Arrowsmith, C.H.' 7  
'Edwards, A.M.'    8  
'Bountra, C.'      9  
'Bullock, A.'      10 
# 
_citation.id                        primary 
_citation.title                     'Structural complexity in the KCTD family of Cullin3-dependent E3 ubiquitin ligases.' 
_citation.journal_abbrev            'Biochem. J.' 
_citation.journal_volume            474 
_citation.page_first                3747 
_citation.page_last                 3761 
_citation.year                      2017 
_citation.journal_id_ASTM           BIJOAK 
_citation.country                   UK 
_citation.journal_id_ISSN           1470-8728 
_citation.journal_id_CSD            0043 
_citation.book_publisher            ? 
_citation.pdbx_database_id_PubMed   28963344 
_citation.pdbx_database_id_DOI      10.1042/BCJ20170527 
# 
loop_
_citation_author.citation_id 
_citation_author.name 
_citation_author.ordinal 
_citation_author.identifier_ORCID 
primary 'Pinkas, D.M.'    1 ? 
primary 'Sanvitale, C.E.' 2 ? 
primary 'Bufton, J.C.'    3 ? 
primary 'Sorrell, F.J.'   4 ? 
primary 'Solcan, N.'      5 ? 
primary 'Chalk, R.'       6 ? 
primary 'Doutch, J.'      7 ? 
primary 'Bullock, A.N.'   8 ? 
# 
_cell.entry_id           4CRH 
_cell.length_a           71.290 
_cell.length_b           71.290 
_cell.length_c           38.410 
_cell.angle_alpha        90.00 
_cell.angle_beta         90.00 
_cell.angle_gamma        120.00 
_cell.Z_PDB              6 
_cell.pdbx_unique_axis   ? 
# 
_symmetry.entry_id                         4CRH 
_symmetry.space_group_name_H-M             'P 65' 
_symmetry.pdbx_full_space_group_name_H-M   ? 
_symmetry.cell_setting                     ? 
_symmetry.Int_Tables_number                170 
# 
loop_
_entity.id 
_entity.type 
_entity.src_method 
_entity.pdbx_description 
_entity.formula_weight 
_entity.pdbx_number_of_molecules 
_entity.pdbx_ec 
_entity.pdbx_mutation 
_entity.pdbx_fragment 
_entity.details 
1 polymer man 'SH3KBP1-BINDING PROTEIN 1' 14333.148 1  ? ? 'BTB-T1, RESIDUES 18-120' ? 
2 water   nat water                       18.015    98 ? ? ?                         ? 
# 
_entity_name_com.entity_id   1 
_entity_name_com.name        SHKBP1 
# 
_entity_poly.entity_id                      1 
_entity_poly.type                           'polypeptide(L)' 
_entity_poly.nstd_linkage                   no 
_entity_poly.nstd_monomer                   no 
_entity_poly.pdbx_seq_one_letter_code       
;MHHHHHHSSGVDLGTENLYFQSMGEVIHLNVGGKRFSTSRQTLTWIPDSFFSSLLSGRISTLKDETGAIFIDRDPTVFAP
ILNFLRTKELDPRGVHGSSLLHEAQFYGLTPLVRRLQLREELDRSS
;
_entity_poly.pdbx_seq_one_letter_code_can   
;MHHHHHHSSGVDLGTENLYFQSMGEVIHLNVGGKRFSTSRQTLTWIPDSFFSSLLSGRISTLKDETGAIFIDRDPTVFAP
ILNFLRTKELDPRGVHGSSLLHEAQFYGLTPLVRRLQLREELDRSS
;
_entity_poly.pdbx_strand_id                 A 
_entity_poly.pdbx_target_identifier         ? 
# 
loop_
_entity_poly_seq.entity_id 
_entity_poly_seq.num 
_entity_poly_seq.mon_id 
_entity_poly_seq.hetero 
1 1   MET n 
1 2   HIS n 
1 3   HIS n 
1 4   HIS n 
1 5   HIS n 
1 6   HIS n 
1 7   HIS n 
1 8   SER n 
1 9   SER n 
1 10  GLY n 
1 11  VAL n 
1 12  ASP n 
1 13  LEU n 
1 14  GLY n 
1 15  THR n 
1 16  GLU n 
1 17  ASN n 
1 18  LEU n 
1 19  TYR n 
1 20  PHE n 
1 21  GLN n 
1 22  SER n 
1 23  MET n 
1 24  GLY n 
1 25  GLU n 
1 26  VAL n 
1 27  ILE n 
1 28  HIS n 
1 29  LEU n 
1 30  ASN n 
1 31  VAL n 
1 32  GLY n 
1 33  GLY n 
1 34  LYS n 
1 35  ARG n 
1 36  PHE n 
1 37  SER n 
1 38  THR n 
1 39  SER n 
1 40  ARG n 
1 41  GLN n 
1 42  THR n 
1 43  LEU n 
1 44  THR n 
1 45  TRP n 
1 46  ILE n 
1 47  PRO n 
1 48  ASP n 
1 49  SER n 
1 50  PHE n 
1 51  PHE n 
1 52  SER n 
1 53  SER n 
1 54  LEU n 
1 55  LEU n 
1 56  SER n 
1 57  GLY n 
1 58  ARG n 
1 59  ILE n 
1 60  SER n 
1 61  THR n 
1 62  LEU n 
1 63  LYS n 
1 64  ASP n 
1 65  GLU n 
1 66  THR n 
1 67  GLY n 
1 68  ALA n 
1 69  ILE n 
1 70  PHE n 
1 71  ILE n 
1 72  ASP n 
1 73  ARG n 
1 74  ASP n 
1 75  PRO n 
1 76  THR n 
1 77  VAL n 
1 78  PHE n 
1 79  ALA n 
1 80  PRO n 
1 81  ILE n 
1 82  LEU n 
1 83  ASN n 
1 84  PHE n 
1 85  LEU n 
1 86  ARG n 
1 87  THR n 
1 88  LYS n 
1 89  GLU n 
1 90  LEU n 
1 91  ASP n 
1 92  PRO n 
1 93  ARG n 
1 94  GLY n 
1 95  VAL n 
1 96  HIS n 
1 97  GLY n 
1 98  SER n 
1 99  SER n 
1 100 LEU n 
1 101 LEU n 
1 102 HIS n 
1 103 GLU n 
1 104 ALA n 
1 105 GLN n 
1 106 PHE n 
1 107 TYR n 
1 108 GLY n 
1 109 LEU n 
1 110 THR n 
1 111 PRO n 
1 112 LEU n 
1 113 VAL n 
1 114 ARG n 
1 115 ARG n 
1 116 LEU n 
1 117 GLN n 
1 118 LEU n 
1 119 ARG n 
1 120 GLU n 
1 121 GLU n 
1 122 LEU n 
1 123 ASP n 
1 124 ARG n 
1 125 SER n 
1 126 SER n 
# 
_entity_src_gen.entity_id                          1 
_entity_src_gen.pdbx_src_id                        1 
_entity_src_gen.pdbx_alt_source_flag               sample 
_entity_src_gen.pdbx_seq_type                      ? 
_entity_src_gen.pdbx_beg_seq_num                   ? 
_entity_src_gen.pdbx_end_seq_num                   ? 
_entity_src_gen.gene_src_common_name               HUMAN 
_entity_src_gen.gene_src_genus                     ? 
_entity_src_gen.pdbx_gene_src_gene                 ? 
_entity_src_gen.gene_src_species                   ? 
_entity_src_gen.gene_src_strain                    ? 
_entity_src_gen.gene_src_tissue                    ? 
_entity_src_gen.gene_src_tissue_fraction           ? 
_entity_src_gen.gene_src_details                   ? 
_entity_src_gen.pdbx_gene_src_fragment             ? 
_entity_src_gen.pdbx_gene_src_scientific_name      'HOMO SAPIENS' 
_entity_src_gen.pdbx_gene_src_ncbi_taxonomy_id     9606 
_entity_src_gen.pdbx_gene_src_variant              ? 
_entity_src_gen.pdbx_gene_src_cell_line            ? 
_entity_src_gen.pdbx_gene_src_atcc                 ? 
_entity_src_gen.pdbx_gene_src_organ                ? 
_entity_src_gen.pdbx_gene_src_organelle            ? 
_entity_src_gen.pdbx_gene_src_cell                 ? 
_entity_src_gen.pdbx_gene_src_cellular_location    ? 
_entity_src_gen.host_org_common_name               ? 
_entity_src_gen.pdbx_host_org_scientific_name      'ESCHERICHIA COLI' 
_entity_src_gen.pdbx_host_org_ncbi_taxonomy_id     511693 
_entity_src_gen.host_org_genus                     ? 
_entity_src_gen.pdbx_host_org_gene                 ? 
_entity_src_gen.pdbx_host_org_organ                ? 
_entity_src_gen.host_org_species                   ? 
_entity_src_gen.pdbx_host_org_tissue               ? 
_entity_src_gen.pdbx_host_org_tissue_fraction      ? 
_entity_src_gen.pdbx_host_org_strain               BL21 
_entity_src_gen.pdbx_host_org_variant              ? 
_entity_src_gen.pdbx_host_org_cell_line            ? 
_entity_src_gen.pdbx_host_org_atcc                 ? 
_entity_src_gen.pdbx_host_org_culture_collection   ? 
_entity_src_gen.pdbx_host_org_cell                 ? 
_entity_src_gen.pdbx_host_org_organelle            ? 
_entity_src_gen.pdbx_host_org_cellular_location    ? 
_entity_src_gen.pdbx_host_org_vector_type          ? 
_entity_src_gen.pdbx_host_org_vector               ? 
_entity_src_gen.host_org_details                   ? 
_entity_src_gen.expression_system_id               ? 
_entity_src_gen.plasmid_name                       ? 
_entity_src_gen.plasmid_details                    ? 
_entity_src_gen.pdbx_description                   ? 
# 
_struct_ref.id                         1 
_struct_ref.db_name                    UNP 
_struct_ref.db_code                    SHKB1_HUMAN 
_struct_ref.entity_id                  1 
_struct_ref.pdbx_seq_one_letter_code   ? 
_struct_ref.pdbx_align_begin           ? 
_struct_ref.pdbx_db_accession          Q8TBC3 
_struct_ref.pdbx_db_isoform            ? 
# 
_struct_ref_seq.align_id                      1 
_struct_ref_seq.ref_id                        1 
_struct_ref_seq.pdbx_PDB_id_code              4CRH 
_struct_ref_seq.pdbx_strand_id                A 
_struct_ref_seq.seq_align_beg                 24 
_struct_ref_seq.pdbx_seq_align_beg_ins_code   ? 
_struct_ref_seq.seq_align_end                 126 
_struct_ref_seq.pdbx_seq_align_end_ins_code   ? 
_struct_ref_seq.pdbx_db_accession             Q8TBC3 
_struct_ref_seq.db_align_beg                  18 
_struct_ref_seq.pdbx_db_align_beg_ins_code    ? 
_struct_ref_seq.db_align_end                  120 
_struct_ref_seq.pdbx_db_align_end_ins_code    ? 
_struct_ref_seq.pdbx_auth_seq_align_beg       18 
_struct_ref_seq.pdbx_auth_seq_align_end       120 
# 
loop_
_struct_ref_seq_dif.align_id 
_struct_ref_seq_dif.pdbx_pdb_id_code 
_struct_ref_seq_dif.mon_id 
_struct_ref_seq_dif.pdbx_pdb_strand_id 
_struct_ref_seq_dif.seq_num 
_struct_ref_seq_dif.pdbx_pdb_ins_code 
_struct_ref_seq_dif.pdbx_seq_db_name 
_struct_ref_seq_dif.pdbx_seq_db_accession_code 
_struct_ref_seq_dif.db_mon_id 
_struct_ref_seq_dif.pdbx_seq_db_seq_num 
_struct_ref_seq_dif.details 
_struct_ref_seq_dif.pdbx_auth_seq_num 
_struct_ref_seq_dif.pdbx_ordinal 
1 4CRH MET A 1  ? UNP Q8TBC3 ? ? 'expression tag' -5 1  
1 4CRH HIS A 2  ? UNP Q8TBC3 ? ? 'expression tag' -4 2  
1 4CRH HIS A 3  ? UNP Q8TBC3 ? ? 'expression tag' -3 3  
1 4CRH HIS A 4  ? UNP Q8TBC3 ? ? 'expression tag' -2 4  
1 4CRH HIS A 5  ? UNP Q8TBC3 ? ? 'expression tag' -1 5  
1 4CRH HIS A 6  ? UNP Q8TBC3 ? ? 'expression tag' 0  6  
1 4CRH HIS A 7  ? UNP Q8TBC3 ? ? 'expression tag' 1  7  
1 4CRH SER A 8  ? UNP Q8TBC3 ? ? 'expression tag' 2  8  
1 4CRH SER A 9  ? UNP Q8TBC3 ? ? 'expression tag' 3  9  
1 4CRH GLY A 10 ? UNP Q8TBC3 ? ? 'expression tag' 4  10 
1 4CRH VAL A 11 ? UNP Q8TBC3 ? ? 'expression tag' 5  11 
1 4CRH ASP A 12 ? UNP Q8TBC3 ? ? 'expression tag' 6  12 
1 4CRH LEU A 13 ? UNP Q8TBC3 ? ? 'expression tag' 7  13 
1 4CRH GLY A 14 ? UNP Q8TBC3 ? ? 'expression tag' 8  14 
1 4CRH THR A 15 ? UNP Q8TBC3 ? ? 'expression tag' 9  15 
1 4CRH GLU A 16 ? UNP Q8TBC3 ? ? 'expression tag' 10 16 
1 4CRH ASN A 17 ? UNP Q8TBC3 ? ? 'expression tag' 11 17 
1 4CRH LEU A 18 ? UNP Q8TBC3 ? ? 'expression tag' 12 18 
1 4CRH TYR A 19 ? UNP Q8TBC3 ? ? 'expression tag' 13 19 
1 4CRH PHE A 20 ? UNP Q8TBC3 ? ? 'expression tag' 14 20 
1 4CRH GLN A 21 ? UNP Q8TBC3 ? ? 'expression tag' 15 21 
1 4CRH SER A 22 ? UNP Q8TBC3 ? ? 'expression tag' 16 22 
1 4CRH MET A 23 ? UNP Q8TBC3 ? ? 'expression tag' 17 23 
# 
loop_
_chem_comp.id 
_chem_comp.type 
_chem_comp.mon_nstd_flag 
_chem_comp.name 
_chem_comp.pdbx_synonyms 
_chem_comp.formula 
_chem_comp.formula_weight 
ALA 'L-peptide linking' y ALANINE         ? 'C3 H7 N O2'     89.093  
ARG 'L-peptide linking' y ARGININE        ? 'C6 H15 N4 O2 1' 175.209 
ASN 'L-peptide linking' y ASPARAGINE      ? 'C4 H8 N2 O3'    132.118 
ASP 'L-peptide linking' y 'ASPARTIC ACID' ? 'C4 H7 N O4'     133.103 
GLN 'L-peptide linking' y GLUTAMINE       ? 'C5 H10 N2 O3'   146.144 
GLU 'L-peptide linking' y 'GLUTAMIC ACID' ? 'C5 H9 N O4'     147.129 
GLY 'peptide linking'   y GLYCINE         ? 'C2 H5 N O2'     75.067  
HIS 'L-peptide linking' y HISTIDINE       ? 'C6 H10 N3 O2 1' 156.162 
HOH non-polymer         . WATER           ? 'H2 O'           18.015  
ILE 'L-peptide linking' y ISOLEUCINE      ? 'C6 H13 N O2'    131.173 
LEU 'L-peptide linking' y LEUCINE         ? 'C6 H13 N O2'    131.173 
LYS 'L-peptide linking' y LYSINE          ? 'C6 H15 N2 O2 1' 147.195 
MET 'L-peptide linking' y METHIONINE      ? 'C5 H11 N O2 S'  149.211 
PHE 'L-peptide linking' y PHENYLALANINE   ? 'C9 H11 N O2'    165.189 
PRO 'L-peptide linking' y PROLINE         ? 'C5 H9 N O2'     115.130 
SER 'L-peptide linking' y SERINE          ? 'C3 H7 N O3'     105.093 
THR 'L-peptide linking' y THREONINE       ? 'C4 H9 N O3'     119.119 
TRP 'L-peptide linking' y TRYPTOPHAN      ? 'C11 H12 N2 O2'  204.225 
TYR 'L-peptide linking' y TYROSINE        ? 'C9 H11 N O3'    181.189 
VAL 'L-peptide linking' y VALINE          ? 'C5 H11 N O2'    117.146 
# 
_exptl.entry_id          4CRH 
_exptl.method            'X-RAY DIFFRACTION' 
_exptl.crystals_number   1 
# 
_exptl_crystal.id                    1 
_exptl_crystal.density_meas          ? 
_exptl_crystal.density_Matthews      2 
_exptl_crystal.density_percent_sol   38 
_exptl_crystal.description           NONE 
# 
_exptl_crystal_grow.crystal_id      1 
_exptl_crystal_grow.method          ? 
_exptl_crystal_grow.temp            ? 
_exptl_crystal_grow.temp_details    ? 
_exptl_crystal_grow.pH              8.4 
_exptl_crystal_grow.pdbx_pH_range   ? 
_exptl_crystal_grow.pdbx_details    '17% PEG 2000, MME 0.1M TRIS PH 8.4, 0.15M TMAO' 
# 
_diffrn.id                     1 
_diffrn.ambient_temp           100 
_diffrn.ambient_temp_details   ? 
_diffrn.crystal_id             1 
# 
_diffrn_detector.diffrn_id              1 
_diffrn_detector.detector               PIXEL 
_diffrn_detector.type                   'DECTRIS PILATUS 6M' 
_diffrn_detector.pdbx_collection_date   2014-02-09 
_diffrn_detector.details                ? 
# 
_diffrn_radiation.diffrn_id                        1 
_diffrn_radiation.wavelength_id                    1 
_diffrn_radiation.pdbx_monochromatic_or_laue_m_l   M 
_diffrn_radiation.monochromator                    ? 
_diffrn_radiation.pdbx_diffrn_protocol             'SINGLE WAVELENGTH' 
_diffrn_radiation.pdbx_scattering_type             x-ray 
# 
_diffrn_radiation_wavelength.id           1 
_diffrn_radiation_wavelength.wavelength   0.9795 
_diffrn_radiation_wavelength.wt           1.0 
# 
_diffrn_source.diffrn_id                   1 
_diffrn_source.source                      SYNCHROTRON 
_diffrn_source.type                        'DIAMOND BEAMLINE I04' 
_diffrn_source.pdbx_synchrotron_site       Diamond 
_diffrn_source.pdbx_synchrotron_beamline   I04 
_diffrn_source.pdbx_wavelength             0.9795 
_diffrn_source.pdbx_wavelength_list        ? 
# 
_reflns.pdbx_diffrn_id               1 
_reflns.pdbx_ordinal                 1 
_reflns.entry_id                     4CRH 
_reflns.observed_criterion_sigma_I   -3.0 
_reflns.observed_criterion_sigma_F   ? 
_reflns.d_resolution_low             38.41 
_reflns.d_resolution_high            1.72 
_reflns.number_obs                   11971 
_reflns.number_all                   ? 
_reflns.percent_possible_obs         99.8 
_reflns.pdbx_Rmerge_I_obs            0.05 
_reflns.pdbx_Rsym_value              ? 
_reflns.pdbx_netI_over_sigmaI        21.70 
_reflns.B_iso_Wilson_estimate        23.60 
_reflns.pdbx_redundancy              5.6 
# 
_reflns_shell.pdbx_diffrn_id         1 
_reflns_shell.pdbx_ordinal           1 
_reflns_shell.d_res_high             1.72 
_reflns_shell.d_res_low              1.76 
_reflns_shell.percent_possible_all   100.0 
_reflns_shell.Rmerge_I_obs           0.69 
_reflns_shell.pdbx_Rsym_value        ? 
_reflns_shell.meanI_over_sigI_obs    2.40 
_reflns_shell.pdbx_redundancy        5.7 
# 
_refine.pdbx_refine_id                           'X-RAY DIFFRACTION' 
_refine.entry_id                                 4CRH 
_refine.pdbx_diffrn_id                           1 
_refine.pdbx_TLS_residual_ADP_flag               ? 
_refine.ls_number_reflns_obs                     11951 
_refine.ls_number_reflns_all                     ? 
_refine.pdbx_ls_sigma_I                          ? 
_refine.pdbx_ls_sigma_F                          1.35 
_refine.pdbx_data_cutoff_high_absF               ? 
_refine.pdbx_data_cutoff_low_absF                ? 
_refine.pdbx_data_cutoff_high_rms_absF           ? 
_refine.ls_d_res_low                             35.645 
_refine.ls_d_res_high                            1.720 
_refine.ls_percent_reflns_obs                    99.76 
_refine.ls_R_factor_obs                          0.1651 
_refine.ls_R_factor_all                          ? 
_refine.ls_R_factor_R_work                       0.1637 
_refine.ls_R_factor_R_free                       0.1928 
_refine.ls_R_factor_R_free_error                 ? 
_refine.ls_R_factor_R_free_error_details         ? 
_refine.ls_percent_reflns_R_free                 4.8 
_refine.ls_number_reflns_R_free                  572 
_refine.ls_number_parameters                     ? 
_refine.ls_number_restraints                     ? 
_refine.occupancy_min                            ? 
_refine.occupancy_max                            ? 
_refine.correlation_coeff_Fo_to_Fc               ? 
_refine.correlation_coeff_Fo_to_Fc_free          ? 
_refine.B_iso_mean                               ? 
_refine.aniso_B[1][1]                            ? 
_refine.aniso_B[2][2]                            ? 
_refine.aniso_B[3][3]                            ? 
_refine.aniso_B[1][2]                            ? 
_refine.aniso_B[1][3]                            ? 
_refine.aniso_B[2][3]                            ? 
_refine.solvent_model_details                    'FLAT BULK SOLVENT MODEL' 
_refine.solvent_model_param_ksol                 ? 
_refine.solvent_model_param_bsol                 ? 
_refine.pdbx_solvent_vdw_probe_radii             1.11 
_refine.pdbx_solvent_ion_probe_radii             ? 
_refine.pdbx_solvent_shrinkage_radii             0.90 
_refine.pdbx_ls_cross_valid_method               ? 
_refine.details                                  ? 
_refine.pdbx_starting_model                      'PDB ENTRY 3DRX' 
_refine.pdbx_method_to_determine_struct          'MOLECULAR REPLACEMENT' 
_refine.pdbx_isotropic_thermal_model             ? 
_refine.pdbx_stereochemistry_target_values       ML 
_refine.pdbx_stereochem_target_val_spec_case     ? 
_refine.pdbx_R_Free_selection_details            ? 
_refine.pdbx_overall_ESU_R                       ? 
_refine.pdbx_overall_ESU_R_Free                  ? 
_refine.overall_SU_ML                            0.14 
_refine.pdbx_overall_phase_error                 22.03 
_refine.overall_SU_B                             ? 
_refine.overall_SU_R_Cruickshank_DPI             ? 
_refine.pdbx_overall_SU_R_free_Cruickshank_DPI   ? 
_refine.pdbx_overall_SU_R_Blow_DPI               ? 
_refine.pdbx_overall_SU_R_free_Blow_DPI          ? 
# 
_refine_hist.pdbx_refine_id                   'X-RAY DIFFRACTION' 
_refine_hist.cycle_id                         LAST 
_refine_hist.pdbx_number_atoms_protein        759 
_refine_hist.pdbx_number_atoms_nucleic_acid   0 
_refine_hist.pdbx_number_atoms_ligand         0 
_refine_hist.number_atoms_solvent             98 
_refine_hist.number_atoms_total               857 
_refine_hist.d_res_high                       1.720 
_refine_hist.d_res_low                        35.645 
# 
loop_
_refine_ls_restr.type 
_refine_ls_restr.dev_ideal 
_refine_ls_restr.dev_ideal_target 
_refine_ls_restr.weight 
_refine_ls_restr.number 
_refine_ls_restr.pdbx_refine_id 
_refine_ls_restr.pdbx_restraint_function 
f_bond_d           0.008  ? ? 787  'X-RAY DIFFRACTION' ? 
f_angle_d          1.211  ? ? 1065 'X-RAY DIFFRACTION' ? 
f_dihedral_angle_d 13.719 ? ? 295  'X-RAY DIFFRACTION' ? 
f_chiral_restr     0.045  ? ? 124  'X-RAY DIFFRACTION' ? 
f_plane_restr      0.007  ? ? 135  'X-RAY DIFFRACTION' ? 
# 
loop_
_refine_ls_shell.pdbx_refine_id 
_refine_ls_shell.pdbx_total_number_of_bins_used 
_refine_ls_shell.d_res_high 
_refine_ls_shell.d_res_low 
_refine_ls_shell.number_reflns_R_work 
_refine_ls_shell.R_factor_R_work 
_refine_ls_shell.percent_reflns_obs 
_refine_ls_shell.R_factor_R_free 
_refine_ls_shell.R_factor_R_free_error 
_refine_ls_shell.percent_reflns_R_free 
_refine_ls_shell.number_reflns_R_free 
_refine_ls_shell.number_reflns_all 
_refine_ls_shell.R_factor_all 
'X-RAY DIFFRACTION' . 1.7203 1.8934  2815 0.2068 100.00 0.2482 . . 130 . . 
'X-RAY DIFFRACTION' . 1.8934 2.1673  2837 0.1835 100.00 0.2080 . . 138 . . 
'X-RAY DIFFRACTION' . 2.1673 2.7304  2834 0.1722 100.00 0.2267 . . 149 . . 
'X-RAY DIFFRACTION' . 2.7304 35.6526 2893 0.1493 100.00 0.1677 . . 155 . . 
# 
_struct.entry_id                  4CRH 
_struct.title                     'Crystal structure of the BTB-T1 domain of human SHKBP1' 
_struct.pdbx_model_details        ? 
_struct.pdbx_CASP_flag            ? 
_struct.pdbx_model_type_details   ? 
# 
_struct_keywords.entry_id        4CRH 
_struct_keywords.pdbx_keywords   'PROTEIN-BINDING PROTEIN' 
_struct_keywords.text            'PROTEIN-BINDING PROTEIN' 
# 
loop_
_struct_asym.id 
_struct_asym.pdbx_blank_PDB_chainid_flag 
_struct_asym.pdbx_modified 
_struct_asym.entity_id 
_struct_asym.details 
A N N 1 ? 
B N N 2 ? 
# 
_struct_biol.id   1 
# 
loop_
_struct_conf.conf_type_id 
_struct_conf.id 
_struct_conf.pdbx_PDB_helix_id 
_struct_conf.beg_label_comp_id 
_struct_conf.beg_label_asym_id 
_struct_conf.beg_label_seq_id 
_struct_conf.pdbx_beg_PDB_ins_code 
_struct_conf.end_label_comp_id 
_struct_conf.end_label_asym_id 
_struct_conf.end_label_seq_id 
_struct_conf.pdbx_end_PDB_ins_code 
_struct_conf.beg_auth_comp_id 
_struct_conf.beg_auth_asym_id 
_struct_conf.beg_auth_seq_id 
_struct_conf.end_auth_comp_id 
_struct_conf.end_auth_asym_id 
_struct_conf.end_auth_seq_id 
_struct_conf.pdbx_PDB_helix_class 
_struct_conf.details 
_struct_conf.pdbx_PDB_helix_length 
HELX_P HELX_P1 1 ARG A 40  ? TRP A 45  ? ARG A 34  TRP A 39  1 ? 6  
HELX_P HELX_P2 2 SER A 49  ? LEU A 55  ? SER A 43  LEU A 49  1 ? 7  
HELX_P HELX_P3 3 VAL A 77  ? LYS A 88  ? VAL A 71  LYS A 82  1 ? 12 
HELX_P HELX_P4 4 SER A 98  ? GLY A 108 ? SER A 92  GLY A 102 1 ? 11 
HELX_P HELX_P5 5 LEU A 109 ? ARG A 124 ? LEU A 103 ARG A 118 1 ? 16 
# 
_struct_conf_type.id          HELX_P 
_struct_conf_type.criteria    ? 
_struct_conf_type.reference   ? 
# 
_struct_sheet.id               AA 
_struct_sheet.type             ? 
_struct_sheet.number_strands   3 
_struct_sheet.details          ? 
# 
loop_
_struct_sheet_order.sheet_id 
_struct_sheet_order.range_id_1 
_struct_sheet_order.range_id_2 
_struct_sheet_order.offset 
_struct_sheet_order.sense 
AA 1 2 ? anti-parallel 
AA 2 3 ? parallel      
# 
loop_
_struct_sheet_range.sheet_id 
_struct_sheet_range.id 
_struct_sheet_range.beg_label_comp_id 
_struct_sheet_range.beg_label_asym_id 
_struct_sheet_range.beg_label_seq_id 
_struct_sheet_range.pdbx_beg_PDB_ins_code 
_struct_sheet_range.end_label_comp_id 
_struct_sheet_range.end_label_asym_id 
_struct_sheet_range.end_label_seq_id 
_struct_sheet_range.pdbx_end_PDB_ins_code 
_struct_sheet_range.beg_auth_comp_id 
_struct_sheet_range.beg_auth_asym_id 
_struct_sheet_range.beg_auth_seq_id 
_struct_sheet_range.end_auth_comp_id 
_struct_sheet_range.end_auth_asym_id 
_struct_sheet_range.end_auth_seq_id 
AA 1 LYS A 34 ? SER A 39 ? LYS A 28 SER A 33 
AA 2 VAL A 26 ? VAL A 31 ? VAL A 20 VAL A 25 
AA 3 ILE A 69 ? ILE A 71 ? ILE A 63 ILE A 65 
# 
loop_
_pdbx_struct_sheet_hbond.sheet_id 
_pdbx_struct_sheet_hbond.range_id_1 
_pdbx_struct_sheet_hbond.range_id_2 
_pdbx_struct_sheet_hbond.range_1_label_atom_id 
_pdbx_struct_sheet_hbond.range_1_label_comp_id 
_pdbx_struct_sheet_hbond.range_1_label_asym_id 
_pdbx_struct_sheet_hbond.range_1_label_seq_id 
_pdbx_struct_sheet_hbond.range_1_PDB_ins_code 
_pdbx_struct_sheet_hbond.range_1_auth_atom_id 
_pdbx_struct_sheet_hbond.range_1_auth_comp_id 
_pdbx_struct_sheet_hbond.range_1_auth_asym_id 
_pdbx_struct_sheet_hbond.range_1_auth_seq_id 
_pdbx_struct_sheet_hbond.range_2_label_atom_id 
_pdbx_struct_sheet_hbond.range_2_label_comp_id 
_pdbx_struct_sheet_hbond.range_2_label_asym_id 
_pdbx_struct_sheet_hbond.range_2_label_seq_id 
_pdbx_struct_sheet_hbond.range_2_PDB_ins_code 
_pdbx_struct_sheet_hbond.range_2_auth_atom_id 
_pdbx_struct_sheet_hbond.range_2_auth_comp_id 
_pdbx_struct_sheet_hbond.range_2_auth_asym_id 
_pdbx_struct_sheet_hbond.range_2_auth_seq_id 
AA 1 2 N THR A 38 ? N THR A 32 O ILE A 27 ? O ILE A 21 
AA 2 3 N ASN A 30 ? N ASN A 24 O ILE A 69 ? O ILE A 63 
# 
_atom_sites.entry_id                    4CRH 
_atom_sites.fract_transf_matrix[1][1]   0.00963151 
_atom_sites.fract_transf_matrix[1][2]   -0.00374998 
_atom_sites.fract_transf_matrix[1][3]   -0.01247085 
_atom_sites.fract_transf_matrix[2][1]   0.00410319 
_atom_sites.fract_transf_matrix[2][2]   -0.01543264 
_atom_sites.fract_transf_matrix[2][3]   -0.00270931 
_atom_sites.fract_transf_matrix[3][1]   -0.02089011 
_atom_sites.fract_transf_matrix[3][2]   -0.00287348 
_atom_sites.fract_transf_matrix[3][3]   -0.01526983 
_atom_sites.fract_transf_vector[1]      1.717717 
_atom_sites.fract_transf_vector[2]      -0.374936 
_atom_sites.fract_transf_vector[3]      1.948599 
# 
loop_
_atom_type.symbol 
C 
H 
N 
O 
S 
# 
loop_
_atom_site.group_PDB 
_atom_site.id 
_atom_site.type_symbol 
_atom_site.label_atom_id 
_atom_site.label_alt_id 
_atom_site.label_comp_id 
_atom_site.label_asym_id 
_atom_site.label_entity_id 
_atom_site.label_seq_id 
_atom_site.pdbx_PDB_ins_code 
_atom_site.Cartn_x 
_atom_site.Cartn_y 
_atom_site.Cartn_z 
_atom_site.occupancy 
_atom_site.B_iso_or_equiv 
_atom_site.pdbx_formal_charge 
_atom_site.auth_seq_id 
_atom_site.auth_comp_id 
_atom_site.auth_asym_id 
_atom_site.auth_atom_id 
_atom_site.pdbx_PDB_model_num 
ATOM   1    N N    . MET A 1 23  ? -21.130 -8.353  -4.651  1.00 49.85 ? 17   MET A N    1 
ATOM   2    C CA   . MET A 1 23  ? -20.817 -6.934  -4.509  1.00 51.60 ? 17   MET A CA   1 
ATOM   3    C C    . MET A 1 23  ? -19.324 -6.715  -4.286  1.00 41.00 ? 17   MET A C    1 
ATOM   4    O O    . MET A 1 23  ? -18.660 -7.493  -3.598  1.00 44.44 ? 17   MET A O    1 
ATOM   5    C CB   . MET A 1 23  ? -21.603 -6.300  -3.352  1.00 56.53 ? 17   MET A CB   1 
ATOM   6    C CG   . MET A 1 23  ? -21.253 -4.826  -3.113  1.00 50.62 ? 17   MET A CG   1 
ATOM   7    S SD   . MET A 1 23  ? -21.767 -4.171  -1.506  1.00 58.06 ? 17   MET A SD   1 
ATOM   8    C CE   . MET A 1 23  ? -20.749 -5.106  -0.360  1.00 51.68 ? 17   MET A CE   1 
ATOM   9    N N    . GLY A 1 24  ? -18.823 -5.633  -4.872  1.00 38.66 ? 18   GLY A N    1 
ATOM   10   C CA   . GLY A 1 24  ? -17.425 -5.243  -4.766  1.00 37.95 ? 18   GLY A CA   1 
ATOM   11   C C    . GLY A 1 24  ? -16.690 -5.408  -6.080  1.00 33.50 ? 18   GLY A C    1 
ATOM   12   O O    . GLY A 1 24  ? -17.275 -5.803  -7.090  1.00 28.52 ? 18   GLY A O    1 
ATOM   13   H H    . GLY A 1 24  ? -19.290 -5.092  -5.351  1.00 46.40 ? 18   GLY A H    1 
ATOM   14   H HA2  . GLY A 1 24  ? -17.367 -4.313  -4.495  1.00 45.54 ? 18   GLY A HA2  1 
ATOM   15   H HA3  . GLY A 1 24  ? -16.986 -5.789  -4.096  1.00 45.54 ? 18   GLY A HA3  1 
ATOM   16   N N    . GLU A 1 25  ? -15.398 -5.108  -6.068  1.00 23.83 ? 19   GLU A N    1 
ATOM   17   C CA   . GLU A 1 25  ? -14.567 -5.290  -7.244  1.00 24.34 ? 19   GLU A CA   1 
ATOM   18   C C    . GLU A 1 25  ? -13.214 -5.875  -6.831  1.00 24.84 ? 19   GLU A C    1 
ATOM   19   O O    . GLU A 1 25  ? -12.580 -5.344  -5.904  1.00 23.05 ? 19   GLU A O    1 
ATOM   20   C CB   . GLU A 1 25  ? -14.375 -3.964  -7.979  1.00 24.35 ? 19   GLU A CB   1 
ATOM   21   C CG   . GLU A 1 25  ? -13.368 -4.065  -9.109  1.00 32.92 ? 19   GLU A CG   1 
ATOM   22   C CD   . GLU A 1 25  ? -13.322 -2.823  -9.983  1.00 45.30 ? 19   GLU A CD   1 
ATOM   23   O OE1  . GLU A 1 25  ? -13.830 -1.768  -9.559  1.00 38.45 ? 19   GLU A OE1  1 
ATOM   24   O OE2  . GLU A 1 25  ? -12.768 -2.906  -11.099 1.00 40.25 ? 19   GLU A OE2  1 
ATOM   25   H H    . GLU A 1 25  ? -14.978 -4.796  -5.385  1.00 28.60 ? 19   GLU A H    1 
ATOM   26   H HA   . GLU A 1 25  ? -14.997 -5.915  -7.848  1.00 29.21 ? 19   GLU A HA   1 
ATOM   27   H HB2  . GLU A 1 25  ? -15.223 -3.686  -8.358  1.00 29.22 ? 19   GLU A HB2  1 
ATOM   28   H HB3  . GLU A 1 25  ? -14.055 -3.297  -7.352  1.00 29.22 ? 19   GLU A HB3  1 
ATOM   29   H HG2  . GLU A 1 25  ? -12.484 -4.198  -8.732  1.00 39.51 ? 19   GLU A HG2  1 
ATOM   30   H HG3  . GLU A 1 25  ? -13.603 -4.818  -9.674  1.00 39.51 ? 19   GLU A HG3  1 
ATOM   31   N N    . VAL A 1 26  ? -12.810 -6.972  -7.479  1.00 22.54 ? 20   VAL A N    1 
ATOM   32   C CA   . VAL A 1 26  ? -11.453 -7.534  -7.318  1.00 20.46 ? 20   VAL A CA   1 
ATOM   33   C C    . VAL A 1 26  ? -10.502 -6.750  -8.204  1.00 22.91 ? 20   VAL A C    1 
ATOM   34   O O    . VAL A 1 26  ? -10.773 -6.551  -9.392  1.00 22.16 ? 20   VAL A O    1 
ATOM   35   C CB   . VAL A 1 26  ? -11.380 -9.034  -7.694  1.00 19.88 ? 20   VAL A CB   1 
ATOM   36   C CG1  . VAL A 1 26  ? -9.961  -9.570  -7.591  1.00 24.12 ? 20   VAL A CG1  1 
ATOM   37   C CG2  . VAL A 1 26  ? -12.286 -9.848  -6.799  1.00 19.85 ? 20   VAL A CG2  1 
ATOM   38   H H    . VAL A 1 26  ? -13.304 -7.418  -8.025  1.00 27.05 ? 20   VAL A H    1 
ATOM   39   H HA   . VAL A 1 26  ? -11.169 -7.434  -6.396  1.00 24.55 ? 20   VAL A HA   1 
ATOM   40   H HB   . VAL A 1 26  ? -11.679 -9.148  -8.610  1.00 23.85 ? 20   VAL A HB   1 
ATOM   41   H HG11 . VAL A 1 26  ? -9.651  -9.464  -6.678  1.00 28.94 ? 20   VAL A HG11 1 
ATOM   42   H HG12 . VAL A 1 26  ? -9.960  -10.509 -7.834  1.00 28.94 ? 20   VAL A HG12 1 
ATOM   43   H HG13 . VAL A 1 26  ? -9.390  -9.069  -8.195  1.00 28.94 ? 20   VAL A HG13 1 
ATOM   44   H HG21 . VAL A 1 26  ? -13.198 -9.537  -6.905  1.00 23.83 ? 20   VAL A HG21 1 
ATOM   45   H HG22 . VAL A 1 26  ? -12.223 -10.783 -7.053  1.00 23.83 ? 20   VAL A HG22 1 
ATOM   46   H HG23 . VAL A 1 26  ? -12.003 -9.736  -5.878  1.00 23.83 ? 20   VAL A HG23 1 
ATOM   47   N N    . ILE A 1 27  ? -9.405  -6.305  -7.615  1.00 18.74 ? 21   ILE A N    1 
ATOM   48   C CA   . ILE A 1 27  ? -8.367  -5.526  -8.286  1.00 17.28 ? 21   ILE A CA   1 
ATOM   49   C C    . ILE A 1 27  ? -7.087  -6.357  -8.335  1.00 19.07 ? 21   ILE A C    1 
ATOM   50   O O    . ILE A 1 27  ? -6.557  -6.764  -7.297  1.00 20.84 ? 21   ILE A O    1 
ATOM   51   C CB   . ILE A 1 27  ? -8.069  -4.192  -7.560  1.00 18.12 ? 21   ILE A CB   1 
ATOM   52   C CG1  . ILE A 1 27  ? -9.335  -3.349  -7.344  1.00 21.68 ? 21   ILE A CG1  1 
ATOM   53   C CG2  . ILE A 1 27  ? -7.011  -3.392  -8.302  1.00 22.98 ? 21   ILE A CG2  1 
ATOM   54   C CD1  . ILE A 1 27  ? -10.044 -2.958  -8.599  1.00 26.06 ? 21   ILE A CD1  1 
ATOM   55   H H    . ILE A 1 27  ? -9.229  -6.447  -6.786  1.00 22.49 ? 21   ILE A H    1 
ATOM   56   H HA   . ILE A 1 27  ? -8.644  -5.330  -9.195  1.00 20.74 ? 21   ILE A HA   1 
ATOM   57   H HB   . ILE A 1 27  ? -7.711  -4.410  -6.685  1.00 21.74 ? 21   ILE A HB   1 
ATOM   58   H HG12 . ILE A 1 27  ? -9.957  -3.857  -6.802  1.00 26.01 ? 21   ILE A HG12 1 
ATOM   59   H HG13 . ILE A 1 27  ? -9.089  -2.533  -6.880  1.00 26.01 ? 21   ILE A HG13 1 
ATOM   60   H HG21 . ILE A 1 27  ? -7.333  -3.199  -9.197  1.00 27.58 ? 21   ILE A HG21 1 
ATOM   61   H HG22 . ILE A 1 27  ? -6.848  -2.565  -7.824  1.00 27.58 ? 21   ILE A HG22 1 
ATOM   62   H HG23 . ILE A 1 27  ? -6.195  -3.914  -8.349  1.00 27.58 ? 21   ILE A HG23 1 
ATOM   63   H HD11 . ILE A 1 27  ? -10.313 -3.761  -9.072  1.00 31.28 ? 21   ILE A HD11 1 
ATOM   64   H HD12 . ILE A 1 27  ? -10.826 -2.432  -8.369  1.00 31.28 ? 21   ILE A HD12 1 
ATOM   65   H HD13 . ILE A 1 27  ? -9.443  -2.435  -9.151  1.00 31.28 ? 21   ILE A HD13 1 
ATOM   66   N N    . HIS A 1 28  ? -6.597  -6.601  -9.543  1.00 19.67 ? 22   HIS A N    1 
ATOM   67   C CA   . HIS A 1 28  ? -5.314  -7.265  -9.729  1.00 21.22 ? 22   HIS A CA   1 
ATOM   68   C C    . HIS A 1 28  ? -4.245  -6.225  -9.968  1.00 18.37 ? 22   HIS A C    1 
ATOM   69   O O    . HIS A 1 28  ? -4.398  -5.348  -10.824 1.00 21.65 ? 22   HIS A O    1 
ATOM   70   C CB   . HIS A 1 28  ? -5.382  -8.252  -10.888 1.00 23.88 ? 22   HIS A CB   1 
ATOM   71   C CG   . HIS A 1 28  ? -6.497  -9.236  -10.749 1.00 21.12 ? 22   HIS A CG   1 
ATOM   72   N ND1  . HIS A 1 28  ? -6.517  -10.191 -9.756  1.00 26.54 ? 22   HIS A ND1  1 
ATOM   73   C CD2  . HIS A 1 28  ? -7.660  -9.375  -11.430 1.00 27.47 ? 22   HIS A CD2  1 
ATOM   74   C CE1  . HIS A 1 28  ? -7.626  -10.901 -9.856  1.00 24.82 ? 22   HIS A CE1  1 
ATOM   75   N NE2  . HIS A 1 28  ? -8.338  -10.423 -10.863 1.00 26.78 ? 22   HIS A NE2  1 
ATOM   76   H H    . HIS A 1 28  ? -6.989  -6.389  -10.278 1.00 23.61 ? 22   HIS A H    1 
ATOM   77   H HA   . HIS A 1 28  ? -5.087  -7.756  -8.924  1.00 25.47 ? 22   HIS A HA   1 
ATOM   78   H HB2  . HIS A 1 28  ? -5.516  -7.761  -11.713 1.00 28.65 ? 22   HIS A HB2  1 
ATOM   79   H HB3  . HIS A 1 28  ? -4.548  -8.747  -10.930 1.00 28.65 ? 22   HIS A HB3  1 
ATOM   80   H HD2  . HIS A 1 28  ? -7.936  -8.867  -12.159 1.00 32.97 ? 22   HIS A HD2  1 
ATOM   81   H HE1  . HIS A 1 28  ? -7.869  -11.612 -9.308  1.00 29.78 ? 22   HIS A HE1  1 
ATOM   82   N N    . LEU A 1 29  ? -3.175  -6.353  -9.206  1.00 17.62 ? 23   LEU A N    1 
ATOM   83   C CA   . LEU A 1 29  ? -2.045  -5.447  -9.296  1.00 17.89 ? 23   LEU A CA   1 
ATOM   84   C C    . LEU A 1 29  ? -0.814  -6.187  -9.773  1.00 23.81 ? 23   LEU A C    1 
ATOM   85   O O    . LEU A 1 29  ? -0.633  -7.367  -9.491  1.00 21.78 ? 23   LEU A O    1 
ATOM   86   C CB   . LEU A 1 29  ? -1.754  -4.806  -7.952  1.00 19.32 ? 23   LEU A CB   1 
ATOM   87   C CG   . LEU A 1 29  ? -2.842  -4.002  -7.249  1.00 19.61 ? 23   LEU A CG   1 
ATOM   88   C CD1  . LEU A 1 29  ? -2.345  -3.561  -5.889  1.00 22.32 ? 23   LEU A CD1  1 
ATOM   89   C CD2  . LEU A 1 29  ? -3.242  -2.818  -8.090  1.00 18.65 ? 23   LEU A CD2  1 
ATOM   90   H H    . LEU A 1 29  ? -3.075  -6.970  -8.615  1.00 21.15 ? 23   LEU A H    1 
ATOM   91   H HA   . LEU A 1 29  ? -2.247  -4.744  -9.934  1.00 21.47 ? 23   LEU A HA   1 
ATOM   92   H HB2  . LEU A 1 29  ? -1.495  -5.513  -7.341  1.00 23.18 ? 23   LEU A HB2  1 
ATOM   93   H HB3  . LEU A 1 29  ? -1.001  -4.206  -8.072  1.00 23.18 ? 23   LEU A HB3  1 
ATOM   94   H HG   . LEU A 1 29  ? -3.623  -4.562  -7.122  1.00 23.54 ? 23   LEU A HG   1 
ATOM   95   H HD11 . LEU A 1 29  ? -1.555  -3.010  -6.006  1.00 26.78 ? 23   LEU A HD11 1 
ATOM   96   H HD12 . LEU A 1 29  ? -3.043  -3.050  -5.449  1.00 26.78 ? 23   LEU A HD12 1 
ATOM   97   H HD13 . LEU A 1 29  ? -2.128  -4.345  -5.363  1.00 26.78 ? 23   LEU A HD13 1 
ATOM   98   H HD21 . LEU A 1 29  ? -3.578  -3.135  -8.942  1.00 22.38 ? 23   LEU A HD21 1 
ATOM   99   H HD22 . LEU A 1 29  ? -3.933  -2.320  -7.626  1.00 22.38 ? 23   LEU A HD22 1 
ATOM   100  H HD23 . LEU A 1 29  ? -2.465  -2.253  -8.230  1.00 22.38 ? 23   LEU A HD23 1 
ATOM   101  N N    . ASN A 1 30  ? 0.038   -5.471  -10.486 1.00 19.37 ? 24   ASN A N    1 
ATOM   102  C CA   . ASN A 1 30  ? 1.372   -5.955  -10.820 1.00 20.32 ? 24   ASN A CA   1 
ATOM   103  C C    . ASN A 1 30  ? 2.321   -4.867  -10.351 1.00 18.28 ? 24   ASN A C    1 
ATOM   104  O O    . ASN A 1 30  ? 2.387   -3.800  -10.953 1.00 18.93 ? 24   ASN A O    1 
ATOM   105  C CB   . ASN A 1 30  ? 1.495   -6.221  -12.318 1.00 22.45 ? 24   ASN A CB   1 
ATOM   106  C CG   . ASN A 1 30  ? 2.878   -6.714  -12.724 1.00 20.21 ? 24   ASN A CG   1 
ATOM   107  O OD1  . ASN A 1 30  ? 3.826   -6.668  -11.946 1.00 22.62 ? 24   ASN A OD1  1 
ATOM   108  N ND2  . ASN A 1 30  ? 2.985   -7.202  -13.963 1.00 25.43 ? 24   ASN A ND2  1 
ATOM   109  H H    . ASN A 1 30  ? -0.133  -4.687  -10.795 1.00 23.24 ? 24   ASN A H    1 
ATOM   110  H HA   . ASN A 1 30  ? 1.562   -6.774  -10.335 1.00 24.38 ? 24   ASN A HA   1 
ATOM   111  H HB2  . ASN A 1 30  ? 0.850   -6.899  -12.572 1.00 26.94 ? 24   ASN A HB2  1 
ATOM   112  H HB3  . ASN A 1 30  ? 1.318   -5.397  -12.799 1.00 26.94 ? 24   ASN A HB3  1 
ATOM   113  H HD21 . ASN A 1 30  ? 2.297   -7.224  -14.478 1.00 30.52 ? 24   ASN A HD21 1 
ATOM   114  H HD22 . ASN A 1 30  ? 3.743   -7.495  -14.245 1.00 30.52 ? 24   ASN A HD22 1 
ATOM   115  N N    . VAL A 1 31  ? 3.004   -5.118  -9.241  1.00 17.99 ? 25   VAL A N    1 
ATOM   116  C CA   . VAL A 1 31  ? 3.890   -4.138  -8.651  1.00 18.12 ? 25   VAL A CA   1 
ATOM   117  C C    . VAL A 1 31  ? 5.321   -4.489  -9.036  1.00 17.92 ? 25   VAL A C    1 
ATOM   118  O O    . VAL A 1 31  ? 5.934   -5.375  -8.444  1.00 22.33 ? 25   VAL A O    1 
ATOM   119  C CB   . VAL A 1 31  ? 3.751   -4.074  -7.111  1.00 20.26 ? 25   VAL A CB   1 
ATOM   120  C CG1  . VAL A 1 31  ? 4.559   -2.940  -6.573  1.00 22.35 ? 25   VAL A CG1  1 
ATOM   121  C CG2  . VAL A 1 31  ? 2.265   -3.913  -6.691  1.00 18.42 ? 25   VAL A CG2  1 
ATOM   122  H H    . VAL A 1 31  ? 2.967   -5.860  -8.807  1.00 21.58 ? 25   VAL A H    1 
ATOM   123  H HA   . VAL A 1 31  ? 3.684   -3.262  -9.011  1.00 21.74 ? 25   VAL A HA   1 
ATOM   124  H HB   . VAL A 1 31  ? 4.088   -4.897  -6.725  1.00 24.31 ? 25   VAL A HB   1 
ATOM   125  H HG11 . VAL A 1 31  ? 4.237   -2.111  -6.962  1.00 26.82 ? 25   VAL A HG11 1 
ATOM   126  H HG12 . VAL A 1 31  ? 4.461   -2.914  -5.608  1.00 26.82 ? 25   VAL A HG12 1 
ATOM   127  H HG13 . VAL A 1 31  ? 5.490   -3.077  -6.808  1.00 26.82 ? 25   VAL A HG13 1 
ATOM   128  H HG21 . VAL A 1 31  ? 1.759   -4.673  -7.020  1.00 22.11 ? 25   VAL A HG21 1 
ATOM   129  H HG22 . VAL A 1 31  ? 2.213   -3.877  -5.723  1.00 22.11 ? 25   VAL A HG22 1 
ATOM   130  H HG23 . VAL A 1 31  ? 1.916   -3.092  -7.072  1.00 22.11 ? 25   VAL A HG23 1 
ATOM   131  N N    . GLY A 1 32  ? 5.840   -3.824  -10.059 1.00 18.82 ? 26   GLY A N    1 
ATOM   132  C CA   . GLY A 1 32  ? 7.203   -4.068  -10.492 1.00 17.91 ? 26   GLY A CA   1 
ATOM   133  C C    . GLY A 1 32  ? 7.496   -5.530  -10.805 1.00 20.32 ? 26   GLY A C    1 
ATOM   134  O O    . GLY A 1 32  ? 8.625   -5.994  -10.623 1.00 22.82 ? 26   GLY A O    1 
ATOM   135  H H    . GLY A 1 32  ? 5.422   -3.229  -10.518 1.00 22.58 ? 26   GLY A H    1 
ATOM   136  H HA2  . GLY A 1 32  ? 7.382   -3.545  -11.289 1.00 21.49 ? 26   GLY A HA2  1 
ATOM   137  H HA3  . GLY A 1 32  ? 7.814   -3.778  -9.796  1.00 21.49 ? 26   GLY A HA3  1 
ATOM   138  N N    . GLY A 1 33  ? 6.481   -6.254  -11.261 1.00 20.14 ? 27   GLY A N    1 
ATOM   139  C CA   . GLY A 1 33  ? 6.639   -7.635  -11.680 1.00 24.22 ? 27   GLY A CA   1 
ATOM   140  C C    . GLY A 1 33  ? 6.116   -8.679  -10.709 1.00 28.73 ? 27   GLY A C    1 
ATOM   141  O O    . GLY A 1 33  ? 6.113   -9.854  -11.034 1.00 28.50 ? 27   GLY A O    1 
ATOM   142  H H    . GLY A 1 33  ? 5.677   -5.959  -11.338 1.00 24.16 ? 27   GLY A H    1 
ATOM   143  H HA2  . GLY A 1 33  ? 6.179   -7.759  -12.525 1.00 29.07 ? 27   GLY A HA2  1 
ATOM   144  H HA3  . GLY A 1 33  ? 7.582   -7.811  -11.826 1.00 29.07 ? 27   GLY A HA3  1 
ATOM   145  N N    . LYS A 1 34  ? 5.674   -8.261  -9.533  1.00 19.89 ? 28   LYS A N    1 
ATOM   146  C CA   . LYS A 1 34  ? 5.112   -9.170  -8.534  1.00 20.74 ? 28   LYS A CA   1 
ATOM   147  C C    . LYS A 1 34  ? 3.613   -8.918  -8.472  1.00 24.06 ? 28   LYS A C    1 
ATOM   148  O O    . LYS A 1 34  ? 3.174   -7.762  -8.404  1.00 21.34 ? 28   LYS A O    1 
ATOM   149  C CB   . LYS A 1 34  ? 5.735   -8.965  -7.159  1.00 23.23 ? 28   LYS A CB   1 
ATOM   150  C CG   . LYS A 1 34  ? 5.253   -9.960  -6.117  1.00 26.99 ? 28   LYS A CG   1 
ATOM   151  C CD   . LYS A 1 34  ? 6.027   -9.834  -4.804  1.00 32.06 ? 28   LYS A CD   1 
ATOM   152  C CE   . LYS A 1 34  ? 5.483   -10.792 -3.742  1.00 44.46 ? 28   LYS A CE   1 
ATOM   153  N NZ   . LYS A 1 34  ? 6.140   -10.588 -2.414  1.00 42.16 ? 28   LYS A NZ   1 
ATOM   154  H H    . LYS A 1 34  ? 5.688   -7.439  -9.281  1.00 23.87 ? 28   LYS A H    1 
ATOM   155  H HA   . LYS A 1 34  ? 5.261   -10.088 -8.809  1.00 24.89 ? 28   LYS A HA   1 
ATOM   156  H HB2  . LYS A 1 34  ? 6.697   -9.058  -7.236  1.00 27.87 ? 28   LYS A HB2  1 
ATOM   157  H HB3  . LYS A 1 34  ? 5.514   -8.075  -6.845  1.00 27.87 ? 28   LYS A HB3  1 
ATOM   158  H HG2  . LYS A 1 34  ? 4.315   -9.797  -5.931  1.00 32.39 ? 28   LYS A HG2  1 
ATOM   159  H HG3  . LYS A 1 34  ? 5.376   -10.860 -6.456  1.00 32.39 ? 28   LYS A HG3  1 
ATOM   160  H HD2  . LYS A 1 34  ? 6.960   -10.051 -4.959  1.00 38.47 ? 28   LYS A HD2  1 
ATOM   161  H HD3  . LYS A 1 34  ? 5.944   -8.929  -4.468  1.00 38.47 ? 28   LYS A HD3  1 
ATOM   162  H HE2  . LYS A 1 34  ? 4.531   -10.640 -3.634  1.00 53.35 ? 28   LYS A HE2  1 
ATOM   163  H HE3  . LYS A 1 34  ? 5.646   -11.705 -4.024  1.00 53.35 ? 28   LYS A HE3  1 
ATOM   164  H HZ1  . LYS A 1 34  ? 6.000   -9.756  -2.130  1.00 50.60 ? 28   LYS A HZ1  1 
ATOM   165  H HZ2  . LYS A 1 34  ? 5.804   -11.158 -1.818  1.00 50.60 ? 28   LYS A HZ2  1 
ATOM   166  H HZ3  . LYS A 1 34  ? 7.017   -10.727 -2.484  1.00 50.60 ? 28   LYS A HZ3  1 
ATOM   167  N N    . ARG A 1 35  ? 2.848   -10.001 -8.510  1.00 23.81 ? 29   ARG A N    1 
ATOM   168  C CA   . ARG A 1 35  ? 1.396   -9.921  -8.632  1.00 21.87 ? 29   ARG A CA   1 
ATOM   169  C C    . ARG A 1 35  ? 0.704   -9.994  -7.291  1.00 22.86 ? 29   ARG A C    1 
ATOM   170  O O    . ARG A 1 35  ? 1.067   -10.807 -6.447  1.00 24.20 ? 29   ARG A O    1 
ATOM   171  C CB   . ARG A 1 35  ? 0.894   -11.035 -9.531  1.00 24.47 ? 29   ARG A CB   1 
ATOM   172  C CG   . ARG A 1 35  ? 1.518   -10.993 -10.907 1.00 26.27 ? 29   ARG A CG   1 
ATOM   173  C CD   . ARG A 1 35  ? 0.712   -11.740 -11.941 1.00 36.73 ? 29   ARG A CD   1 
ATOM   174  N NE   . ARG A 1 35  ? 1.291   -11.517 -13.265 1.00 37.59 ? 29   ARG A NE   1 
ATOM   175  C CZ   . ARG A 1 35  ? 0.988   -10.492 -14.060 1.00 36.35 ? 29   ARG A CZ   1 
ATOM   176  N NH1  . ARG A 1 35  ? 0.091   -9.584  -13.691 1.00 31.10 ? 29   ARG A NH1  1 
ATOM   177  N NH2  . ARG A 1 35  ? 1.587   -10.379 -15.237 1.00 39.03 ? 29   ARG A NH2  1 
ATOM   178  H H    . ARG A 1 35  ? 3.149   -10.805 -8.465  1.00 28.57 ? 29   ARG A H    1 
ATOM   179  H HA   . ARG A 1 35  ? 1.161   -9.075  -9.044  1.00 26.24 ? 29   ARG A HA   1 
ATOM   180  H HB2  . ARG A 1 35  ? 1.112   -11.891 -9.128  1.00 29.36 ? 29   ARG A HB2  1 
ATOM   181  H HB3  . ARG A 1 35  ? -0.067  -10.952 -9.634  1.00 29.36 ? 29   ARG A HB3  1 
ATOM   182  H HG2  . ARG A 1 35  ? 1.589   -10.069 -11.192 1.00 31.53 ? 29   ARG A HG2  1 
ATOM   183  H HG3  . ARG A 1 35  ? 2.400   -11.396 -10.867 1.00 31.53 ? 29   ARG A HG3  1 
ATOM   184  H HD2  . ARG A 1 35  ? 0.735   -12.690 -11.748 1.00 44.07 ? 29   ARG A HD2  1 
ATOM   185  H HD3  . ARG A 1 35  ? -0.201  -11.412 -11.942 1.00 44.07 ? 29   ARG A HD3  1 
ATOM   186  H HE   . ARG A 1 35  ? 1.866   -12.089 -13.550 1.00 45.11 ? 29   ARG A HE   1 
ATOM   187  H HH11 . ARG A 1 35  ? -0.298  -9.649  -12.926 1.00 37.32 ? 29   ARG A HH11 1 
ATOM   188  H HH12 . ARG A 1 35  ? -0.098  -8.928  -14.214 1.00 37.32 ? 29   ARG A HH12 1 
ATOM   189  H HH21 . ARG A 1 35  ? 2.165   -10.966 -15.484 1.00 46.84 ? 29   ARG A HH21 1 
ATOM   190  H HH22 . ARG A 1 35  ? 1.390   -9.724  -15.759 1.00 46.84 ? 29   ARG A HH22 1 
ATOM   191  N N    . PHE A 1 36  ? -0.305  -9.142  -7.109  1.00 20.61 ? 30   PHE A N    1 
ATOM   192  C CA   . PHE A 1 36  ? -1.129  -9.143  -5.907  1.00 21.03 ? 30   PHE A CA   1 
ATOM   193  C C    . PHE A 1 36  ? -2.567  -9.015  -6.357  1.00 19.93 ? 30   PHE A C    1 
ATOM   194  O O    . PHE A 1 36  ? -2.831  -8.411  -7.398  1.00 21.77 ? 30   PHE A O    1 
ATOM   195  C CB   . PHE A 1 36  ? -0.780  -7.993  -4.956  1.00 19.44 ? 30   PHE A CB   1 
ATOM   196  C CG   . PHE A 1 36  ? 0.634   -8.016  -4.452  1.00 19.40 ? 30   PHE A CG   1 
ATOM   197  C CD1  . PHE A 1 36  ? 1.648   -7.407  -5.170  1.00 19.81 ? 30   PHE A CD1  1 
ATOM   198  C CD2  . PHE A 1 36  ? 0.949   -8.638  -3.260  1.00 22.74 ? 30   PHE A CD2  1 
ATOM   199  C CE1  . PHE A 1 36  ? 2.949   -7.408  -4.696  1.00 23.48 ? 30   PHE A CE1  1 
ATOM   200  C CE2  . PHE A 1 36  ? 2.240   -8.647  -2.791  1.00 25.92 ? 30   PHE A CE2  1 
ATOM   201  C CZ   . PHE A 1 36  ? 3.235   -8.033  -3.515  1.00 22.64 ? 30   PHE A CZ   1 
ATOM   202  H H    . PHE A 1 36  ? -0.533  -8.542  -7.681  1.00 24.73 ? 30   PHE A H    1 
ATOM   203  H HA   . PHE A 1 36  ? -1.022  -9.983  -5.435  1.00 25.24 ? 30   PHE A HA   1 
ATOM   204  H HB2  . PHE A 1 36  ? -0.913  -7.153  -5.421  1.00 23.33 ? 30   PHE A HB2  1 
ATOM   205  H HB3  . PHE A 1 36  ? -1.368  -8.037  -4.185  1.00 23.33 ? 30   PHE A HB3  1 
ATOM   206  H HD1  . PHE A 1 36  ? 1.450   -6.978  -5.971  1.00 23.77 ? 30   PHE A HD1  1 
ATOM   207  H HD2  . PHE A 1 36  ? 0.277   -9.051  -2.767  1.00 27.28 ? 30   PHE A HD2  1 
ATOM   208  H HE1  . PHE A 1 36  ? 3.626   -6.998  -5.185  1.00 28.18 ? 30   PHE A HE1  1 
ATOM   209  H HE2  . PHE A 1 36  ? 2.442   -9.070  -1.988  1.00 31.11 ? 30   PHE A HE2  1 
ATOM   210  H HZ   . PHE A 1 36  ? 4.109   -8.044  -3.198  1.00 27.17 ? 30   PHE A HZ   1 
ATOM   211  N N    . SER A 1 37  ? -3.486  -9.591  -5.593  1.00 21.71 ? 31   SER A N    1 
ATOM   212  C CA   . SER A 1 37  ? -4.920  -9.416  -5.836  1.00 16.57 ? 31   SER A CA   1 
ATOM   213  C C    . SER A 1 37  ? -5.585  -8.999  -4.554  1.00 17.99 ? 31   SER A C    1 
ATOM   214  O O    . SER A 1 37  ? -5.329  -9.590  -3.501  1.00 18.67 ? 31   SER A O    1 
ATOM   215  C CB   . SER A 1 37  ? -5.553  -10.697 -6.360  1.00 21.06 ? 31   SER A CB   1 
ATOM   216  O OG   . SER A 1 37  ? -5.015  -11.038 -7.625  1.00 25.10 ? 31   SER A OG   1 
ATOM   217  H H    . SER A 1 37  ? -3.307  -10.095 -4.919  1.00 26.06 ? 31   SER A H    1 
ATOM   218  H HA   . SER A 1 37  ? -5.054  -8.716  -6.494  1.00 19.88 ? 31   SER A HA   1 
ATOM   219  H HB2  . SER A 1 37  ? -5.374  -11.417 -5.735  1.00 25.27 ? 31   SER A HB2  1 
ATOM   220  H HB3  . SER A 1 37  ? -6.510  -10.564 -6.448  1.00 25.27 ? 31   SER A HB3  1 
ATOM   221  H HG   . SER A 1 37  ? -4.186  -11.156 -7.563  1.00 30.12 ? 31   SER A HG   1 
ATOM   222  N N    . THR A 1 38  ? -6.408  -7.960  -4.629  1.00 16.12 ? 32   THR A N    1 
ATOM   223  C CA   . THR A 1 38  ? -7.106  -7.439  -3.458  1.00 18.04 ? 32   THR A CA   1 
ATOM   224  C C    . THR A 1 38  ? -8.464  -6.875  -3.867  1.00 19.68 ? 32   THR A C    1 
ATOM   225  O O    . THR A 1 38  ? -8.950  -7.139  -4.962  1.00 21.36 ? 32   THR A O    1 
ATOM   226  C CB   . THR A 1 38  ? -6.250  -6.360  -2.719  1.00 17.74 ? 32   THR A CB   1 
ATOM   227  O OG1  . THR A 1 38  ? -6.846  -6.036  -1.460  1.00 19.66 ? 32   THR A OG1  1 
ATOM   228  C CG2  . THR A 1 38  ? -6.115  -5.115  -3.554  1.00 23.56 ? 32   THR A CG2  1 
ATOM   229  H H    . THR A 1 38  ? -6.582  -7.534  -5.355  1.00 19.34 ? 32   THR A H    1 
ATOM   230  H HA   . THR A 1 38  ? -7.262  -8.169  -2.838  1.00 21.65 ? 32   THR A HA   1 
ATOM   231  H HB   . THR A 1 38  ? -5.361  -6.714  -2.564  1.00 21.29 ? 32   THR A HB   1 
ATOM   232  H HG1  . THR A 1 38  ? -6.890  -6.724  -0.978  1.00 23.60 ? 32   THR A HG1  1 
ATOM   233  H HG21 . THR A 1 38  ? -6.991  -4.741  -3.736  1.00 28.27 ? 32   THR A HG21 1 
ATOM   234  H HG22 . THR A 1 38  ? -5.582  -4.456  -3.083  1.00 28.27 ? 32   THR A HG22 1 
ATOM   235  H HG23 . THR A 1 38  ? -5.681  -5.327  -4.396  1.00 28.27 ? 32   THR A HG23 1 
ATOM   236  N N    . SER A 1 39  ? -9.112  -6.161  -2.955  1.00 21.27 ? 33   SER A N    1 
ATOM   237  C CA   . SER A 1 39  ? -10.418 -5.579  -3.241  1.00 22.58 ? 33   SER A CA   1 
ATOM   238  C C    . SER A 1 39  ? -10.279 -4.077  -3.400  1.00 20.04 ? 33   SER A C    1 
ATOM   239  O O    . SER A 1 39  ? -9.342  -3.475  -2.863  1.00 19.94 ? 33   SER A O    1 
ATOM   240  C CB   . SER A 1 39  ? -11.408 -5.890  -2.122  1.00 22.76 ? 33   SER A CB   1 
ATOM   241  O OG   . SER A 1 39  ? -11.083 -5.166  -0.957  1.00 23.27 ? 33   SER A OG   1 
ATOM   242  H H    . SER A 1 39  ? -8.818  -6.000  -2.163  1.00 25.52 ? 33   SER A H    1 
ATOM   243  H HA   . SER A 1 39  ? -10.763 -5.947  -4.070  1.00 27.09 ? 33   SER A HA   1 
ATOM   244  H HB2  . SER A 1 39  ? -12.300 -5.642  -2.411  1.00 27.31 ? 33   SER A HB2  1 
ATOM   245  H HB3  . SER A 1 39  ? -11.374 -6.840  -1.926  1.00 27.31 ? 33   SER A HB3  1 
ATOM   246  H HG   . SER A 1 39  ? -11.631 -5.342  -0.346  1.00 27.92 ? 33   SER A HG   1 
ATOM   247  N N    . ARG A 1 40  ? -11.227 -3.469  -4.113  1.00 19.66 ? 34   ARG A N    1 
ATOM   248  C CA   . ARG A 1 40  ? -11.301 -2.011  -4.178  1.00 20.57 ? 34   ARG A CA   1 
ATOM   249  C C    . ARG A 1 40  ? -11.436 -1.406  -2.767  1.00 17.29 ? 34   ARG A C    1 
ATOM   250  O O    . ARG A 1 40  ? -10.843 -0.366  -2.470  1.00 19.90 ? 34   ARG A O    1 
ATOM   251  C CB   . ARG A 1 40  ? -12.473 -1.571  -5.074  1.00 20.24 ? 34   ARG A CB   1 
ATOM   252  C CG   . ARG A 1 40  ? -12.670 -0.042  -5.170  1.00 27.92 ? 34   ARG A CG   1 
ATOM   253  C CD   . ARG A 1 40  ? -13.777 0.320   -6.188  1.00 27.25 ? 34   ARG A CD   1 
ATOM   254  N NE   . ARG A 1 40  ? -13.294 0.178   -7.558  1.00 29.26 ? 34   ARG A NE   1 
ATOM   255  C CZ   . ARG A 1 40  ? -12.746 1.153   -8.281  1.00 30.22 ? 34   ARG A CZ   1 
ATOM   256  N NH1  . ARG A 1 40  ? -12.637 2.377   -7.791  1.00 33.45 ? 34   ARG A NH1  1 
ATOM   257  N NH2  . ARG A 1 40  ? -12.327 0.902   -9.519  1.00 36.16 ? 34   ARG A NH2  1 
ATOM   258  H H    . ARG A 1 40  ? -11.836 -3.875  -4.564  1.00 23.59 ? 34   ARG A H    1 
ATOM   259  H HA   . ARG A 1 40  ? -10.481 -1.672  -4.572  1.00 24.68 ? 34   ARG A HA   1 
ATOM   260  H HB2  . ARG A 1 40  ? -12.320 -1.903  -5.971  1.00 24.28 ? 34   ARG A HB2  1 
ATOM   261  H HB3  . ARG A 1 40  ? -13.293 -1.951  -4.720  1.00 24.28 ? 34   ARG A HB3  1 
ATOM   262  H HG2  . ARG A 1 40  ? -12.930 0.303   -4.300  1.00 33.51 ? 34   ARG A HG2  1 
ATOM   263  H HG3  . ARG A 1 40  ? -11.841 0.370   -5.460  1.00 33.51 ? 34   ARG A HG3  1 
ATOM   264  H HD2  . ARG A 1 40  ? -14.533 -0.275  -6.067  1.00 32.70 ? 34   ARG A HD2  1 
ATOM   265  H HD3  . ARG A 1 40  ? -14.049 1.242   -6.053  1.00 32.70 ? 34   ARG A HD3  1 
ATOM   266  H HE   . ARG A 1 40  ? -13.370 -0.594  -7.927  1.00 35.11 ? 34   ARG A HE   1 
ATOM   267  H HH11 . ARG A 1 40  ? -12.904 2.545   -6.990  1.00 40.14 ? 34   ARG A HH11 1 
ATOM   268  H HH12 . ARG A 1 40  ? -12.287 3.001   -8.267  1.00 40.14 ? 34   ARG A HH12 1 
ATOM   269  H HH21 . ARG A 1 40  ? -12.404 0.109   -9.847  1.00 43.39 ? 34   ARG A HH21 1 
ATOM   270  H HH22 . ARG A 1 40  ? -11.985 1.531   -9.993  1.00 43.39 ? 34   ARG A HH22 1 
ATOM   271  N N    . GLN A 1 41  ? -12.204 -2.060  -1.896  1.00 17.77 ? 35   GLN A N    1 
ATOM   272  C CA   . GLN A 1 41  ? -12.389 -1.564  -0.536  1.00 17.80 ? 35   GLN A CA   1 
ATOM   273  C C    . GLN A 1 41  ? -11.055 -1.422  0.195   1.00 19.45 ? 35   GLN A C    1 
ATOM   274  O O    . GLN A 1 41  ? -10.789 -0.419  0.858   1.00 21.64 ? 35   GLN A O    1 
ATOM   275  C CB   . GLN A 1 41  ? -13.303 -2.490  0.268   1.00 23.42 ? 35   GLN A CB   1 
ATOM   276  C CG   . GLN A 1 41  ? -14.773 -2.237  0.063   1.00 25.27 ? 35   GLN A CG   1 
ATOM   277  C CD   . GLN A 1 41  ? -15.626 -2.733  1.230   1.00 31.31 ? 35   GLN A CD   1 
ATOM   278  O OE1  . GLN A 1 41  ? -15.182 -2.762  2.373   1.00 36.53 ? 35   GLN A OE1  1 
ATOM   279  N NE2  . GLN A 1 41  ? -16.861 -3.109  0.937   1.00 27.42 ? 35   GLN A NE2  1 
ATOM   280  H H    . GLN A 1 41  ? -12.627 -2.789  -2.069  1.00 21.32 ? 35   GLN A H    1 
ATOM   281  H HA   . GLN A 1 41  ? -12.806 -0.689  -0.572  1.00 21.36 ? 35   GLN A HA   1 
ATOM   282  H HB2  . GLN A 1 41  ? -13.122 -3.407  0.008   1.00 28.11 ? 35   GLN A HB2  1 
ATOM   283  H HB3  . GLN A 1 41  ? -13.111 -2.372  1.211   1.00 28.11 ? 35   GLN A HB3  1 
ATOM   284  H HG2  . GLN A 1 41  ? -14.919 -1.282  -0.031  1.00 30.32 ? 35   GLN A HG2  1 
ATOM   285  H HG3  . GLN A 1 41  ? -15.064 -2.698  -0.739  1.00 30.32 ? 35   GLN A HG3  1 
ATOM   286  H HE21 . GLN A 1 41  ? -17.143 -3.068  0.127   1.00 32.90 ? 35   GLN A HE21 1 
ATOM   287  H HE22 . GLN A 1 41  ? -17.381 -3.397  1.559   1.00 32.90 ? 35   GLN A HE22 1 
ATOM   288  N N    . THR A 1 42  ? -10.228 -2.448  0.089   1.00 18.93 ? 36   THR A N    1 
ATOM   289  C CA   . THR A 1 42  ? -8.944  -2.463  0.769   1.00 19.89 ? 36   THR A CA   1 
ATOM   290  C C    . THR A 1 42  ? -8.043  -1.328  0.273   1.00 18.32 ? 36   THR A C    1 
ATOM   291  O O    . THR A 1 42  ? -7.347  -0.698  1.058   1.00 17.68 ? 36   THR A O    1 
ATOM   292  C CB   . THR A 1 42  ? -8.291  -3.818  0.580   1.00 18.81 ? 36   THR A CB   1 
ATOM   293  O OG1  . THR A 1 42  ? -9.057  -4.786  1.312   1.00 21.58 ? 36   THR A OG1  1 
ATOM   294  C CG2  . THR A 1 42  ? -6.844  -3.825  1.077   1.00 18.12 ? 36   THR A CG2  1 
ATOM   295  H H    . THR A 1 42  ? -10.387 -3.154  -0.377  1.00 22.72 ? 36   THR A H    1 
ATOM   296  H HA   . THR A 1 42  ? -9.092  -2.333  1.718   1.00 23.87 ? 36   THR A HA   1 
ATOM   297  H HB   . THR A 1 42  ? -8.293  -4.049  -0.362  1.00 22.57 ? 36   THR A HB   1 
ATOM   298  H HG1  . THR A 1 42  ? -8.715  -5.549  1.224   1.00 25.90 ? 36   THR A HG1  1 
ATOM   299  H HG21 . THR A 1 42  ? -6.817  -3.607  2.023   1.00 21.74 ? 36   THR A HG21 1 
ATOM   300  H HG22 . THR A 1 42  ? -6.452  -4.702  0.945   1.00 21.74 ? 36   THR A HG22 1 
ATOM   301  H HG23 . THR A 1 42  ? -6.322  -3.169  0.588   1.00 21.74 ? 36   THR A HG23 1 
ATOM   302  N N    . LEU A 1 43  ? -8.096  -1.026  -1.023  1.00 17.50 ? 37   LEU A N    1 
ATOM   303  C CA   . LEU A 1 43  ? -7.230  -0.004  -1.591  1.00 14.11 ? 37   LEU A CA   1 
ATOM   304  C C    . LEU A 1 43  ? -7.748  1.417   -1.449  1.00 18.14 ? 37   LEU A C    1 
ATOM   305  O O    . LEU A 1 43  ? -7.047  2.355   -1.811  1.00 19.75 ? 37   LEU A O    1 
ATOM   306  C CB   . LEU A 1 43  ? -6.993  -0.302  -3.063  1.00 14.53 ? 37   LEU A CB   1 
ATOM   307  C CG   . LEU A 1 43  ? -6.211  -1.584  -3.345  1.00 17.47 ? 37   LEU A CG   1 
ATOM   308  C CD1  . LEU A 1 43  ? -6.136  -1.828  -4.833  1.00 21.03 ? 37   LEU A CD1  1 
ATOM   309  C CD2  . LEU A 1 43  ? -4.804  -1.522  -2.750  1.00 18.90 ? 37   LEU A CD2  1 
ATOM   310  H H    . LEU A 1 43  ? -8.625  -1.397  -1.590  1.00 21.00 ? 37   LEU A H    1 
ATOM   311  H HA   . LEU A 1 43  ? -6.371  -0.046  -1.142  1.00 16.93 ? 37   LEU A HA   1 
ATOM   312  H HB2  . LEU A 1 43  ? -7.853  -0.381  -3.504  1.00 17.44 ? 37   LEU A HB2  1 
ATOM   313  H HB3  . LEU A 1 43  ? -6.495  0.435   -3.451  1.00 17.44 ? 37   LEU A HB3  1 
ATOM   314  H HG   . LEU A 1 43  ? -6.676  -2.334  -2.942  1.00 20.96 ? 37   LEU A HG   1 
ATOM   315  H HD11 . LEU A 1 43  ? -5.688  -1.077  -5.253  1.00 25.23 ? 37   LEU A HD11 1 
ATOM   316  H HD12 . LEU A 1 43  ? -5.638  -2.644  -4.994  1.00 25.23 ? 37   LEU A HD12 1 
ATOM   317  H HD13 . LEU A 1 43  ? -7.036  -1.914  -5.184  1.00 25.23 ? 37   LEU A HD13 1 
ATOM   318  H HD21 . LEU A 1 43  ? -4.873  -1.405  -1.789  1.00 22.68 ? 37   LEU A HD21 1 
ATOM   319  H HD22 . LEU A 1 43  ? -4.341  -2.352  -2.949  1.00 22.68 ? 37   LEU A HD22 1 
ATOM   320  H HD23 . LEU A 1 43  ? -4.327  -0.775  -3.142  1.00 22.68 ? 37   LEU A HD23 1 
ATOM   321  N N    . THR A 1 44  ? -8.972  1.590   -0.945  1.00 18.18 ? 38   THR A N    1 
ATOM   322  C CA   . THR A 1 44  ? -9.589  2.918   -0.937  1.00 16.41 ? 38   THR A CA   1 
ATOM   323  C C    . THR A 1 44  ? -10.104 3.389   0.431   1.00 18.97 ? 38   THR A C    1 
ATOM   324  O O    . THR A 1 44  ? -10.597 4.519   0.529   1.00 19.47 ? 38   THR A O    1 
ATOM   325  C CB   . THR A 1 44  ? -10.766 2.998   -1.949  1.00 19.86 ? 38   THR A CB   1 
ATOM   326  O OG1  . THR A 1 44  ? -11.740 1.987   -1.666  1.00 17.69 ? 38   THR A OG1  1 
ATOM   327  C CG2  . THR A 1 44  ? -10.258 2.821   -3.358  1.00 20.66 ? 38   THR A CG2  1 
ATOM   328  H H    . THR A 1 44  ? -9.458  0.966   -0.606  1.00 21.81 ? 38   THR A H    1 
ATOM   329  H HA   . THR A 1 44  ? -8.921  3.560   -1.226  1.00 19.70 ? 38   THR A HA   1 
ATOM   330  H HB   . THR A 1 44  ? -11.184 3.870   -1.885  1.00 23.83 ? 38   THR A HB   1 
ATOM   331  H HG1  . THR A 1 44  ? -11.389 1.226   -1.722  1.00 21.23 ? 38   THR A HG1  1 
ATOM   332  H HG21 . THR A 1 44  ? -9.825  1.957   -3.448  1.00 24.79 ? 38   THR A HG21 1 
ATOM   333  H HG22 . THR A 1 44  ? -10.995 2.871   -3.985  1.00 24.79 ? 38   THR A HG22 1 
ATOM   334  H HG23 . THR A 1 44  ? -9.617  3.518   -3.568  1.00 24.79 ? 38   THR A HG23 1 
ATOM   335  N N    . TRP A 1 45  ? -9.968  2.585   1.490   1.00 18.02 ? 39   TRP A N    1 
ATOM   336  C CA   . TRP A 1 45  ? -10.432 3.069   2.794   1.00 18.67 ? 39   TRP A CA   1 
ATOM   337  C C    . TRP A 1 45  ? -9.597  4.254   3.316   1.00 20.89 ? 39   TRP A C    1 
ATOM   338  O O    . TRP A 1 45  ? -10.122 5.096   4.047   1.00 20.22 ? 39   TRP A O    1 
ATOM   339  C CB   . TRP A 1 45  ? -10.496 1.947   3.829   1.00 20.50 ? 39   TRP A CB   1 
ATOM   340  C CG   . TRP A 1 45  ? -9.226  1.323   4.295   1.00 17.92 ? 39   TRP A CG   1 
ATOM   341  C CD1  . TRP A 1 45  ? -8.600  0.250   3.744   1.00 18.89 ? 39   TRP A CD1  1 
ATOM   342  C CD2  . TRP A 1 45  ? -8.465  1.678   5.464   1.00 15.42 ? 39   TRP A CD2  1 
ATOM   343  N NE1  . TRP A 1 45  ? -7.485  -0.081  4.477   1.00 21.05 ? 39   TRP A NE1  1 
ATOM   344  C CE2  . TRP A 1 45  ? -7.374  0.784   5.534   1.00 20.12 ? 39   TRP A CE2  1 
ATOM   345  C CE3  . TRP A 1 45  ? -8.595  2.663   6.443   1.00 18.19 ? 39   TRP A CE3  1 
ATOM   346  C CZ2  . TRP A 1 45  ? -6.423  0.846   6.545   1.00 21.46 ? 39   TRP A CZ2  1 
ATOM   347  C CZ3  . TRP A 1 45  ? -7.650  2.725   7.450   1.00 20.57 ? 39   TRP A CZ3  1 
ATOM   348  C CH2  . TRP A 1 45  ? -6.574  1.820   7.494   1.00 20.23 ? 39   TRP A CH2  1 
ATOM   349  H H    . TRP A 1 45  ? -9.628  1.795   1.486   1.00 21.62 ? 39   TRP A H    1 
ATOM   350  H HA   . TRP A 1 45  ? -11.338 3.395   2.681   1.00 22.40 ? 39   TRP A HA   1 
ATOM   351  H HB2  . TRP A 1 45  ? -10.938 2.299   4.617   1.00 24.61 ? 39   TRP A HB2  1 
ATOM   352  H HB3  . TRP A 1 45  ? -11.036 1.234   3.457   1.00 24.61 ? 39   TRP A HB3  1 
ATOM   353  H HD1  . TRP A 1 45  ? -8.884  -0.196  2.979   1.00 22.67 ? 39   TRP A HD1  1 
ATOM   354  H HE1  . TRP A 1 45  ? -6.938  -0.719  4.292   1.00 25.26 ? 39   TRP A HE1  1 
ATOM   355  H HE3  . TRP A 1 45  ? -9.307  3.262   6.423   1.00 21.83 ? 39   TRP A HE3  1 
ATOM   356  H HZ2  . TRP A 1 45  ? -5.709  0.251   6.574   1.00 25.76 ? 39   TRP A HZ2  1 
ATOM   357  H HZ3  . TRP A 1 45  ? -7.723  3.381   8.107   1.00 24.69 ? 39   TRP A HZ3  1 
ATOM   358  H HH2  . TRP A 1 45  ? -5.947  1.891   8.176   1.00 24.27 ? 39   TRP A HH2  1 
ATOM   359  N N    . ILE A 1 46  ? -8.338  4.361   2.909   1.00 18.15 ? 40   ILE A N    1 
ATOM   360  C CA   . ILE A 1 46  ? -7.558  5.571   3.177   1.00 18.69 ? 40   ILE A CA   1 
ATOM   361  C C    . ILE A 1 46  ? -7.769  6.596   2.069   1.00 21.60 ? 40   ILE A C    1 
ATOM   362  O O    . ILE A 1 46  ? -7.395  6.362   0.914   1.00 21.59 ? 40   ILE A O    1 
ATOM   363  C CB   . ILE A 1 46  ? -6.055  5.283   3.284   1.00 17.79 ? 40   ILE A CB   1 
ATOM   364  C CG1  . ILE A 1 46  ? -5.790  4.277   4.393   1.00 17.35 ? 40   ILE A CG1  1 
ATOM   365  C CG2  . ILE A 1 46  ? -5.292  6.577   3.534   1.00 19.94 ? 40   ILE A CG2  1 
ATOM   366  C CD1  . ILE A 1 46  ? -4.370  3.756   4.403   1.00 17.68 ? 40   ILE A CD1  1 
ATOM   367  H H    . ILE A 1 46  ? -7.911  3.752   2.477   1.00 21.78 ? 40   ILE A H    1 
ATOM   368  H HA   . ILE A 1 46  ? -7.853  5.963   4.014   1.00 22.43 ? 40   ILE A HA   1 
ATOM   369  H HB   . ILE A 1 46  ? -5.753  4.903   2.443   1.00 21.35 ? 40   ILE A HB   1 
ATOM   370  H HG12 . ILE A 1 46  ? -5.957  4.701   5.249   1.00 20.82 ? 40   ILE A HG12 1 
ATOM   371  H HG13 . ILE A 1 46  ? -6.385  3.518   4.278   1.00 20.82 ? 40   ILE A HG13 1 
ATOM   372  H HG21 . ILE A 1 46  ? -5.605  6.972   4.363   1.00 23.93 ? 40   ILE A HG21 1 
ATOM   373  H HG22 . ILE A 1 46  ? -4.345  6.378   3.599   1.00 23.93 ? 40   ILE A HG22 1 
ATOM   374  H HG23 . ILE A 1 46  ? -5.453  7.185   2.796   1.00 23.93 ? 40   ILE A HG23 1 
ATOM   375  H HD11 . ILE A 1 46  ? -3.762  4.502   4.527   1.00 21.22 ? 40   ILE A HD11 1 
ATOM   376  H HD12 . ILE A 1 46  ? -4.272  3.122   5.131   1.00 21.22 ? 40   ILE A HD12 1 
ATOM   377  H HD13 . ILE A 1 46  ? -4.189  3.318   3.556   1.00 21.22 ? 40   ILE A HD13 1 
ATOM   378  N N    . PRO A 1 47  ? -8.367  7.743   2.398   1.00 20.82 ? 41   PRO A N    1 
ATOM   379  C CA   . PRO A 1 47  ? -8.644  8.665   1.289   1.00 22.67 ? 41   PRO A CA   1 
ATOM   380  C C    . PRO A 1 47  ? -7.421  9.447   0.815   1.00 21.30 ? 41   PRO A C    1 
ATOM   381  O O    . PRO A 1 47  ? -6.413  9.545   1.522   1.00 21.52 ? 41   PRO A O    1 
ATOM   382  C CB   . PRO A 1 47  ? -9.712  9.604   1.871   1.00 29.70 ? 41   PRO A CB   1 
ATOM   383  C CG   . PRO A 1 47  ? -9.529  9.553   3.333   1.00 26.85 ? 41   PRO A CG   1 
ATOM   384  C CD   . PRO A 1 47  ? -8.960  8.192   3.672   1.00 25.08 ? 41   PRO A CD   1 
ATOM   385  H HA   . PRO A 1 47  ? -9.023  8.181   0.539   1.00 27.20 ? 41   PRO A HA   1 
ATOM   386  H HB2  . PRO A 1 47  ? -9.570  10.503  1.539   1.00 35.65 ? 41   PRO A HB2  1 
ATOM   387  H HB3  . PRO A 1 47  ? -10.595 9.284   1.626   1.00 35.65 ? 41   PRO A HB3  1 
ATOM   388  H HG2  . PRO A 1 47  ? -8.912  10.252  3.602   1.00 32.22 ? 41   PRO A HG2  1 
ATOM   389  H HG3  . PRO A 1 47  ? -10.387 9.676   3.768   1.00 32.22 ? 41   PRO A HG3  1 
ATOM   390  H HD2  . PRO A 1 47  ? -8.275  8.272   4.353   1.00 30.10 ? 41   PRO A HD2  1 
ATOM   391  H HD3  . PRO A 1 47  ? -9.667  7.588   3.947   1.00 30.10 ? 41   PRO A HD3  1 
ATOM   392  N N    . ASP A 1 48  ? -7.511  9.959   -0.408  1.00 24.19 ? 42   ASP A N    1 
ATOM   393  C CA   . ASP A 1 48  ? -6.501  10.842  -0.991  1.00 28.40 ? 42   ASP A CA   1 
ATOM   394  C C    . ASP A 1 48  ? -5.133  10.189  -1.174  1.00 22.46 ? 42   ASP A C    1 
ATOM   395  O O    . ASP A 1 48  ? -4.136  10.881  -1.295  1.00 30.64 ? 42   ASP A O    1 
ATOM   396  C CB   . ASP A 1 48  ? -6.329  12.097  -0.134  1.00 27.98 ? 42   ASP A CB   1 
ATOM   397  C CG   . ASP A 1 48  ? -7.652  12.780  0.182   1.00 37.48 ? 42   ASP A CG   1 
ATOM   398  O OD1  . ASP A 1 48  ? -8.451  12.977  -0.748  1.00 39.33 ? 42   ASP A OD1  1 
ATOM   399  O OD2  . ASP A 1 48  ? -7.895  13.104  1.369   1.00 44.99 ? 42   ASP A OD2  1 
ATOM   400  H H    . ASP A 1 48  ? -8.169  9.804   -0.939  1.00 29.03 ? 42   ASP A H    1 
ATOM   401  H HA   . ASP A 1 48  ? -6.808  11.125  -1.867  1.00 34.08 ? 42   ASP A HA   1 
ATOM   402  H HB2  . ASP A 1 48  ? -5.910  11.852  0.705   1.00 33.57 ? 42   ASP A HB2  1 
ATOM   403  H HB3  . ASP A 1 48  ? -5.771  12.732  -0.611  1.00 33.57 ? 42   ASP A HB3  1 
ATOM   404  N N    . SER A 1 49  ? -5.086  8.862   -1.217  1.00 21.55 ? 43   SER A N    1 
ATOM   405  C CA   . SER A 1 49  ? -3.823  8.157   -1.385  1.00 21.78 ? 43   SER A CA   1 
ATOM   406  C C    . SER A 1 49  ? -3.471  7.963   -2.840  1.00 19.36 ? 43   SER A C    1 
ATOM   407  O O    . SER A 1 49  ? -4.222  8.309   -3.743  1.00 21.64 ? 43   SER A O    1 
ATOM   408  C CB   . SER A 1 49  ? -3.881  6.787   -0.721  1.00 22.39 ? 43   SER A CB   1 
ATOM   409  O OG   . SER A 1 49  ? -4.483  5.853   -1.607  1.00 21.74 ? 43   SER A OG   1 
ATOM   410  H H    . SER A 1 49  ? -5.773  8.348   -1.152  1.00 25.86 ? 43   SER A H    1 
ATOM   411  H HA   . SER A 1 49  ? -3.113  8.668   -0.966  1.00 26.14 ? 43   SER A HA   1 
ATOM   412  H HB2  . SER A 1 49  ? -2.980  6.495   -0.512  1.00 26.86 ? 43   SER A HB2  1 
ATOM   413  H HB3  . SER A 1 49  ? -4.410  6.847   0.089   1.00 26.86 ? 43   SER A HB3  1 
ATOM   414  H HG   . SER A 1 49  ? -4.517  5.096   -1.246  1.00 26.09 ? 43   SER A HG   1 
ATOM   415  N N    . PHE A 1 50  ? -2.317  7.361   -3.062  1.00 21.07 ? 44   PHE A N    1 
ATOM   416  C CA   . PHE A 1 50  ? -1.897  6.971   -4.392  1.00 21.36 ? 44   PHE A CA   1 
ATOM   417  C C    . PHE A 1 50  ? -2.955  6.064   -5.030  1.00 25.92 ? 44   PHE A C    1 
ATOM   418  O O    . PHE A 1 50  ? -3.290  6.203   -6.200  1.00 23.12 ? 44   PHE A O    1 
ATOM   419  C CB   . PHE A 1 50  ? -0.550  6.259   -4.307  1.00 22.22 ? 44   PHE A CB   1 
ATOM   420  C CG   . PHE A 1 50  ? -0.073  5.680   -5.610  1.00 24.77 ? 44   PHE A CG   1 
ATOM   421  C CD1  . PHE A 1 50  ? -0.461  4.411   -6.003  1.00 22.51 ? 44   PHE A CD1  1 
ATOM   422  C CD2  . PHE A 1 50  ? 0.787   6.400   -6.426  1.00 24.99 ? 44   PHE A CD2  1 
ATOM   423  C CE1  . PHE A 1 50  ? -0.011  3.871   -7.196  1.00 27.42 ? 44   PHE A CE1  1 
ATOM   424  C CE2  . PHE A 1 50  ? 1.235   5.872   -7.614  1.00 29.68 ? 44   PHE A CE2  1 
ATOM   425  C CZ   . PHE A 1 50  ? 0.842   4.609   -8.001  1.00 26.46 ? 44   PHE A CZ   1 
ATOM   426  H H    . PHE A 1 50  ? -1.749  7.165   -2.447  1.00 25.28 ? 44   PHE A H    1 
ATOM   427  H HA   . PHE A 1 50  ? -1.794  7.761   -4.945  1.00 25.63 ? 44   PHE A HA   1 
ATOM   428  H HB2  . PHE A 1 50  ? 0.119   6.894   -4.005  1.00 26.66 ? 44   PHE A HB2  1 
ATOM   429  H HB3  . PHE A 1 50  ? -0.622  5.531   -3.670  1.00 26.66 ? 44   PHE A HB3  1 
ATOM   430  H HD1  . PHE A 1 50  ? -1.032  3.916   -5.461  1.00 27.01 ? 44   PHE A HD1  1 
ATOM   431  H HD2  . PHE A 1 50  ? 1.058   7.253   -6.170  1.00 29.99 ? 44   PHE A HD2  1 
ATOM   432  H HE1  . PHE A 1 50  ? -0.281  3.020   -7.455  1.00 32.90 ? 44   PHE A HE1  1 
ATOM   433  H HE2  . PHE A 1 50  ? 1.809   6.365   -8.156  1.00 35.62 ? 44   PHE A HE2  1 
ATOM   434  H HZ   . PHE A 1 50  ? 1.145   4.253   -8.805  1.00 31.75 ? 44   PHE A HZ   1 
ATOM   435  N N    . PHE A 1 51  ? -3.492  5.147   -4.232  1.00 20.86 ? 45   PHE A N    1 
ATOM   436  C CA   . PHE A 1 51  ? -4.467  4.189   -4.729  1.00 20.80 ? 45   PHE A CA   1 
ATOM   437  C C    . PHE A 1 51  ? -5.837  4.831   -4.989  1.00 24.72 ? 45   PHE A C    1 
ATOM   438  O O    . PHE A 1 51  ? -6.526  4.474   -5.951  1.00 22.83 ? 45   PHE A O    1 
ATOM   439  C CB   . PHE A 1 51  ? -4.604  3.037   -3.739  1.00 17.79 ? 45   PHE A CB   1 
ATOM   440  C CG   . PHE A 1 51  ? -3.340  2.261   -3.538  1.00 18.12 ? 45   PHE A CG   1 
ATOM   441  C CD1  . PHE A 1 51  ? -2.855  1.435   -4.534  1.00 22.06 ? 45   PHE A CD1  1 
ATOM   442  C CD2  . PHE A 1 51  ? -2.647  2.345   -2.349  1.00 23.98 ? 45   PHE A CD2  1 
ATOM   443  C CE1  . PHE A 1 51  ? -1.686  0.726   -4.342  1.00 23.78 ? 45   PHE A CE1  1 
ATOM   444  C CE2  . PHE A 1 51  ? -1.482  1.632   -2.153  1.00 28.05 ? 45   PHE A CE2  1 
ATOM   445  C CZ   . PHE A 1 51  ? -1.006  0.824   -3.164  1.00 27.59 ? 45   PHE A CZ   1 
ATOM   446  H H    . PHE A 1 51  ? -3.306  5.059   -3.397  1.00 25.04 ? 45   PHE A H    1 
ATOM   447  H HA   . PHE A 1 51  ? -4.147  3.823   -5.569  1.00 24.96 ? 45   PHE A HA   1 
ATOM   448  H HB2  . PHE A 1 51  ? -4.871  3.396   -2.878  1.00 21.34 ? 45   PHE A HB2  1 
ATOM   449  H HB3  . PHE A 1 51  ? -5.281  2.424   -4.065  1.00 21.34 ? 45   PHE A HB3  1 
ATOM   450  H HD1  . PHE A 1 51  ? -3.309  1.368   -5.342  1.00 26.47 ? 45   PHE A HD1  1 
ATOM   451  H HD2  . PHE A 1 51  ? -2.966  2.895   -1.671  1.00 28.78 ? 45   PHE A HD2  1 
ATOM   452  H HE1  . PHE A 1 51  ? -1.363  0.175   -5.019  1.00 28.53 ? 45   PHE A HE1  1 
ATOM   453  H HE2  . PHE A 1 51  ? -1.019  1.701   -1.349  1.00 33.66 ? 45   PHE A HE2  1 
ATOM   454  H HZ   . PHE A 1 51  ? -0.222  0.338   -3.037  1.00 33.11 ? 45   PHE A HZ   1 
ATOM   455  N N    . SER A 1 52  ? -6.230  5.767   -4.125  1.00 22.55 ? 46   SER A N    1 
ATOM   456  C CA   . SER A 1 52  ? -7.448  6.536   -4.329  1.00 23.38 ? 46   SER A CA   1 
ATOM   457  C C    . SER A 1 52  ? -7.433  7.167   -5.716  1.00 26.47 ? 46   SER A C    1 
ATOM   458  O O    . SER A 1 52  ? -8.415  7.089   -6.444  1.00 25.41 ? 46   SER A O    1 
ATOM   459  C CB   . SER A 1 52  ? -7.600  7.625   -3.274  1.00 21.27 ? 46   SER A CB   1 
ATOM   460  O OG   . SER A 1 52  ? -7.453  7.076   -1.997  1.00 23.46 ? 46   SER A OG   1 
ATOM   461  H H    . SER A 1 52  ? -5.802  5.975   -3.409  1.00 27.07 ? 46   SER A H    1 
ATOM   462  H HA   . SER A 1 52  ? -8.215  5.945   -4.271  1.00 28.06 ? 46   SER A HA   1 
ATOM   463  H HB2  . SER A 1 52  ? -6.915  8.299   -3.411  1.00 25.52 ? 46   SER A HB2  1 
ATOM   464  H HB3  . SER A 1 52  ? -8.481  8.022   -3.351  1.00 25.52 ? 46   SER A HB3  1 
ATOM   465  H HG   . SER A 1 52  ? -7.537  7.676   -1.416  1.00 28.16 ? 46   SER A HG   1 
ATOM   466  N N    . SER A 1 53  ? -6.304  7.768   -6.089  1.00 25.65 ? 47   SER A N    1 
ATOM   467  C CA   . SER A 1 53  ? -6.201  8.411   -7.403  1.00 30.83 ? 47   SER A CA   1 
ATOM   468  C C    . SER A 1 53  ? -6.202  7.381   -8.517  1.00 30.45 ? 47   SER A C    1 
ATOM   469  O O    . SER A 1 53  ? -6.863  7.542   -9.544  1.00 28.80 ? 47   SER A O    1 
ATOM   470  C CB   . SER A 1 53  ? -4.932  9.259   -7.498  1.00 34.75 ? 47   SER A CB   1 
ATOM   471  O OG   . SER A 1 53  ? -4.875  10.203  -6.446  1.00 46.04 ? 47   SER A OG   1 
ATOM   472  H H    . SER A 1 53  ? -5.592  7.817   -5.610  1.00 30.79 ? 47   SER A H    1 
ATOM   473  H HA   . SER A 1 53  ? -6.964  8.995   -7.530  1.00 36.99 ? 47   SER A HA   1 
ATOM   474  H HB2  . SER A 1 53  ? -4.158  8.677   -7.442  1.00 41.69 ? 47   SER A HB2  1 
ATOM   475  H HB3  . SER A 1 53  ? -4.931  9.731   -8.346  1.00 41.69 ? 47   SER A HB3  1 
ATOM   476  H HG   . SER A 1 53  ? -4.175  10.663  -6.510  1.00 55.25 ? 47   SER A HG   1 
ATOM   477  N N    . LEU A 1 54  ? -5.447  6.315   -8.298  1.00 24.87 ? 48   LEU A N    1 
ATOM   478  C CA   . LEU A 1 54  ? -5.282  5.249   -9.269  1.00 26.91 ? 48   LEU A CA   1 
ATOM   479  C C    . LEU A 1 54  ? -6.617  4.645   -9.692  1.00 28.55 ? 48   LEU A C    1 
ATOM   480  O O    . LEU A 1 54  ? -6.803  4.252   -10.848 1.00 30.47 ? 48   LEU A O    1 
ATOM   481  C CB   . LEU A 1 54  ? -4.384  4.176   -8.666  1.00 28.28 ? 48   LEU A CB   1 
ATOM   482  C CG   . LEU A 1 54  ? -3.868  3.077   -9.577  1.00 33.28 ? 48   LEU A CG   1 
ATOM   483  C CD1  . LEU A 1 54  ? -2.914  3.651   -10.592 1.00 34.92 ? 48   LEU A CD1  1 
ATOM   484  C CD2  . LEU A 1 54  ? -3.177  2.029   -8.734  1.00 32.59 ? 48   LEU A CD2  1 
ATOM   485  H H    . LEU A 1 54  ? -5.008  6.184   -7.571  1.00 29.84 ? 48   LEU A H    1 
ATOM   486  H HA   . LEU A 1 54  ? -4.844  5.602   -10.059 1.00 32.29 ? 48   LEU A HA   1 
ATOM   487  H HB2  . LEU A 1 54  ? -3.607  4.616   -8.289  1.00 33.94 ? 48   LEU A HB2  1 
ATOM   488  H HB3  . LEU A 1 54  ? -4.877  3.741   -7.954  1.00 33.94 ? 48   LEU A HB3  1 
ATOM   489  H HG   . LEU A 1 54  ? -4.610  2.662   -10.045 1.00 39.93 ? 48   LEU A HG   1 
ATOM   490  H HD11 . LEU A 1 54  ? -2.169  4.062   -10.127 1.00 41.90 ? 48   LEU A HD11 1 
ATOM   491  H HD12 . LEU A 1 54  ? -2.595  2.937   -11.165 1.00 41.90 ? 48   LEU A HD12 1 
ATOM   492  H HD13 . LEU A 1 54  ? -3.381  4.317   -11.122 1.00 41.90 ? 48   LEU A HD13 1 
ATOM   493  H HD21 . LEU A 1 54  ? -3.813  1.664   -8.100  1.00 39.10 ? 48   LEU A HD21 1 
ATOM   494  H HD22 . LEU A 1 54  ? -2.846  1.326   -9.314  1.00 39.10 ? 48   LEU A HD22 1 
ATOM   495  H HD23 . LEU A 1 54  ? -2.438  2.443   -8.260  1.00 39.10 ? 48   LEU A HD23 1 
ATOM   496  N N    . LEU A 1 55  ? -7.553  4.587   -8.752  1.00 20.74 ? 49   LEU A N    1 
ATOM   497  C CA   . LEU A 1 55  ? -8.820  3.899   -8.948  1.00 22.75 ? 49   LEU A CA   1 
ATOM   498  C C    . LEU A 1 55  ? -10.014 4.857   -9.110  1.00 24.07 ? 49   LEU A C    1 
ATOM   499  O O    . LEU A 1 55  ? -11.161 4.420   -9.157  1.00 27.92 ? 49   LEU A O    1 
ATOM   500  C CB   . LEU A 1 55  ? -9.061  2.950   -7.766  1.00 23.54 ? 49   LEU A CB   1 
ATOM   501  C CG   . LEU A 1 55  ? -8.002  1.861   -7.556  1.00 22.47 ? 49   LEU A CG   1 
ATOM   502  C CD1  . LEU A 1 55  ? -8.218  1.147   -6.245  1.00 21.86 ? 49   LEU A CD1  1 
ATOM   503  C CD2  . LEU A 1 55  ? -7.999  0.853   -8.691  1.00 27.18 ? 49   LEU A CD2  1 
ATOM   504  H H    . LEU A 1 55  ? -7.474  4.947   -7.975  1.00 24.89 ? 49   LEU A H    1 
ATOM   505  H HA   . LEU A 1 55  ? -8.761  3.361   -9.753  1.00 27.30 ? 49   LEU A HA   1 
ATOM   506  H HB2  . LEU A 1 55  ? -9.099  3.478   -6.954  1.00 28.25 ? 49   LEU A HB2  1 
ATOM   507  H HB3  . LEU A 1 55  ? -9.912  2.503   -7.902  1.00 28.25 ? 49   LEU A HB3  1 
ATOM   508  H HG   . LEU A 1 55  ? -7.126  2.278   -7.526  1.00 26.96 ? 49   LEU A HG   1 
ATOM   509  H HD11 . LEU A 1 55  ? -9.097  0.737   -6.251  1.00 26.23 ? 49   LEU A HD11 1 
ATOM   510  H HD12 . LEU A 1 55  ? -7.535  0.467   -6.140  1.00 26.23 ? 49   LEU A HD12 1 
ATOM   511  H HD13 . LEU A 1 55  ? -8.158  1.792   -5.522  1.00 26.23 ? 49   LEU A HD13 1 
ATOM   512  H HD21 . LEU A 1 55  ? -7.807  1.315   -9.522  1.00 32.62 ? 49   LEU A HD21 1 
ATOM   513  H HD22 . LEU A 1 55  ? -7.317  0.185   -8.519  1.00 32.62 ? 49   LEU A HD22 1 
ATOM   514  H HD23 . LEU A 1 55  ? -8.870  0.431   -8.741  1.00 32.62 ? 49   LEU A HD23 1 
ATOM   515  N N    . SER A 1 56  ? -9.743  6.154   -9.209  1.00 25.38 ? 50   SER A N    1 
ATOM   516  C CA   . SER A 1 56  ? -10.802 7.160   -9.276  1.00 31.29 ? 50   SER A CA   1 
ATOM   517  C C    . SER A 1 56  ? -11.568 7.096   -10.595 1.00 39.57 ? 50   SER A C    1 
ATOM   518  O O    . SER A 1 56  ? -10.971 6.986   -11.667 1.00 44.57 ? 50   SER A O    1 
ATOM   519  C CB   . SER A 1 56  ? -10.208 8.549   -9.094  1.00 34.38 ? 50   SER A CB   1 
ATOM   520  O OG   . SER A 1 56  ? -9.345  8.849   -10.178 1.00 41.02 ? 50   SER A OG   1 
ATOM   521  H H    . SER A 1 56  ? -8.949  6.482   -9.241  1.00 30.46 ? 50   SER A H    1 
ATOM   522  H HA   . SER A 1 56  ? -11.432 7.005   -8.554  1.00 37.55 ? 50   SER A HA   1 
ATOM   523  H HB2  . SER A 1 56  ? -10.925 9.202   -9.067  1.00 41.25 ? 50   SER A HB2  1 
ATOM   524  H HB3  . SER A 1 56  ? -9.702  8.574   -8.267  1.00 41.25 ? 50   SER A HB3  1 
ATOM   525  H HG   . SER A 1 56  ? -9.772  8.827   -10.901 1.00 49.23 ? 50   SER A HG   1 
ATOM   526  N N    . THR A 1 61  ? -4.812  4.869   -16.237 1.00 39.68 ? 55   THR A N    1 
ATOM   527  C CA   . THR A 1 61  ? -3.845  3.980   -15.588 1.00 36.51 ? 55   THR A CA   1 
ATOM   528  C C    . THR A 1 61  ? -3.198  3.006   -16.572 1.00 31.82 ? 55   THR A C    1 
ATOM   529  O O    . THR A 1 61  ? -3.734  2.710   -17.638 1.00 41.12 ? 55   THR A O    1 
ATOM   530  C CB   . THR A 1 61  ? -4.483  3.125   -14.456 1.00 40.44 ? 55   THR A CB   1 
ATOM   531  O OG1  . THR A 1 61  ? -5.032  1.916   -15.003 1.00 47.63 ? 55   THR A OG1  1 
ATOM   532  C CG2  . THR A 1 61  ? -5.566  3.894   -13.718 1.00 46.57 ? 55   THR A CG2  1 
ATOM   533  H H    . THR A 1 61  ? -5.539  4.479   -16.478 1.00 47.62 ? 55   THR A H    1 
ATOM   534  H HA   . THR A 1 61  ? -3.140  4.518   -15.194 1.00 43.81 ? 55   THR A HA   1 
ATOM   535  H HB   . THR A 1 61  ? -3.793  2.893   -13.814 1.00 48.53 ? 55   THR A HB   1 
ATOM   536  H HG1  . THR A 1 61  ? -5.376  1.455   -14.392 1.00 57.16 ? 55   THR A HG1  1 
ATOM   537  H HG21 . THR A 1 61  ? -6.268  4.151   -14.334 1.00 55.89 ? 55   THR A HG21 1 
ATOM   538  H HG22 . THR A 1 61  ? -5.946  3.341   -13.018 1.00 55.89 ? 55   THR A HG22 1 
ATOM   539  H HG23 . THR A 1 61  ? -5.189  4.694   -13.318 1.00 55.89 ? 55   THR A HG23 1 
ATOM   540  N N    . LEU A 1 62  ? -2.044  2.491   -16.181 1.00 29.76 ? 56   LEU A N    1 
ATOM   541  C CA   . LEU A 1 62  ? -1.306  1.551   -16.998 1.00 29.42 ? 56   LEU A CA   1 
ATOM   542  C C    . LEU A 1 62  ? -1.618  0.113   -16.598 1.00 24.24 ? 56   LEU A C    1 
ATOM   543  O O    . LEU A 1 62  ? -1.627  -0.212  -15.416 1.00 27.78 ? 56   LEU A O    1 
ATOM   544  C CB   . LEU A 1 62  ? 0.177   1.829   -16.858 1.00 28.01 ? 56   LEU A CB   1 
ATOM   545  C CG   . LEU A 1 62  ? 1.122   0.940   -17.648 1.00 32.28 ? 56   LEU A CG   1 
ATOM   546  C CD1  . LEU A 1 62  ? 0.688   0.824   -19.107 1.00 35.51 ? 56   LEU A CD1  1 
ATOM   547  C CD2  . LEU A 1 62  ? 2.497   1.541   -17.549 1.00 33.01 ? 56   LEU A CD2  1 
ATOM   548  H H    . LEU A 1 62  ? -1.663  2.675   -15.432 1.00 35.71 ? 56   LEU A H    1 
ATOM   549  H HA   . LEU A 1 62  ? -1.553  1.671   -17.929 1.00 35.30 ? 56   LEU A HA   1 
ATOM   550  H HB2  . LEU A 1 62  ? 0.341   2.741   -17.141 1.00 33.62 ? 56   LEU A HB2  1 
ATOM   551  H HB3  . LEU A 1 62  ? 0.414   1.737   -15.922 1.00 33.62 ? 56   LEU A HB3  1 
ATOM   552  H HG   . LEU A 1 62  ? 1.141   0.053   -17.256 1.00 38.73 ? 56   LEU A HG   1 
ATOM   553  H HD11 . LEU A 1 62  ? 0.683   1.708   -19.506 1.00 42.61 ? 56   LEU A HD11 1 
ATOM   554  H HD12 . LEU A 1 62  ? 1.312   0.251   -19.577 1.00 42.61 ? 56   LEU A HD12 1 
ATOM   555  H HD13 . LEU A 1 62  ? -0.203  0.441   -19.141 1.00 42.61 ? 56   LEU A HD13 1 
ATOM   556  H HD21 . LEU A 1 62  ? 2.760   1.576   -16.615 1.00 39.61 ? 56   LEU A HD21 1 
ATOM   557  H HD22 . LEU A 1 62  ? 3.120   0.988   -18.047 1.00 39.61 ? 56   LEU A HD22 1 
ATOM   558  H HD23 . LEU A 1 62  ? 2.478   2.436   -17.921 1.00 39.61 ? 56   LEU A HD23 1 
ATOM   559  N N    . LYS A 1 63  ? -1.854  -0.741  -17.584 1.00 25.64 ? 57   LYS A N    1 
ATOM   560  C CA   . LYS A 1 63  ? -2.154  -2.150  -17.326 1.00 24.48 ? 57   LYS A CA   1 
ATOM   561  C C    . LYS A 1 63  ? -1.178  -3.044  -18.058 1.00 27.66 ? 57   LYS A C    1 
ATOM   562  O O    . LYS A 1 63  ? -0.644  -2.648  -19.091 1.00 29.72 ? 57   LYS A O    1 
ATOM   563  C CB   . LYS A 1 63  ? -3.580  -2.486  -17.742 1.00 30.28 ? 57   LYS A CB   1 
ATOM   564  C CG   . LYS A 1 63  ? -4.616  -1.789  -16.900 1.00 31.11 ? 57   LYS A CG   1 
ATOM   565  C CD   . LYS A 1 63  ? -5.712  -1.206  -17.771 1.00 49.70 ? 57   LYS A CD   1 
ATOM   566  C CE   . LYS A 1 63  ? -6.917  -0.815  -16.945 1.00 55.46 ? 57   LYS A CE   1 
ATOM   567  N NZ   . LYS A 1 63  ? -7.583  -2.017  -16.374 1.00 64.96 ? 57   LYS A NZ   1 
ATOM   568  H H    . LYS A 1 63  ? -1.846  -0.533  -18.418 1.00 30.77 ? 57   LYS A H    1 
ATOM   569  H HA   . LYS A 1 63  ? -2.068  -2.324  -16.376 1.00 29.38 ? 57   LYS A HA   1 
ATOM   570  H HB2  . LYS A 1 63  ? -3.711  -2.214  -18.663 1.00 36.34 ? 57   LYS A HB2  1 
ATOM   571  H HB3  . LYS A 1 63  ? -3.717  -3.441  -17.655 1.00 36.34 ? 57   LYS A HB3  1 
ATOM   572  H HG2  . LYS A 1 63  ? -5.017  -2.427  -16.290 1.00 37.33 ? 57   LYS A HG2  1 
ATOM   573  H HG3  . LYS A 1 63  ? -4.198  -1.066  -16.408 1.00 37.33 ? 57   LYS A HG3  1 
ATOM   574  H HD2  . LYS A 1 63  ? -5.378  -0.413  -18.218 1.00 59.63 ? 57   LYS A HD2  1 
ATOM   575  H HD3  . LYS A 1 63  ? -5.990  -1.869  -18.422 1.00 59.63 ? 57   LYS A HD3  1 
ATOM   576  H HE2  . LYS A 1 63  ? -6.635  -0.244  -16.213 1.00 66.56 ? 57   LYS A HE2  1 
ATOM   577  H HE3  . LYS A 1 63  ? -7.556  -0.350  -17.509 1.00 66.56 ? 57   LYS A HE3  1 
ATOM   578  H HZ1  . LYS A 1 63  ? -7.015  -2.458  -15.851 1.00 77.95 ? 57   LYS A HZ1  1 
ATOM   579  H HZ2  . LYS A 1 63  ? -8.290  -1.772  -15.891 1.00 77.95 ? 57   LYS A HZ2  1 
ATOM   580  H HZ3  . LYS A 1 63  ? -7.853  -2.555  -17.028 1.00 77.95 ? 57   LYS A HZ3  1 
ATOM   581  N N    . ASP A 1 64  ? -0.942  -4.245  -17.532 1.00 25.61 ? 58   ASP A N    1 
ATOM   582  C CA   . ASP A 1 64  ? -0.077  -5.189  -18.230 1.00 28.37 ? 58   ASP A CA   1 
ATOM   583  C C    . ASP A 1 64  ? -0.895  -6.069  -19.163 1.00 25.97 ? 58   ASP A C    1 
ATOM   584  O O    . ASP A 1 64  ? -2.109  -5.868  -19.321 1.00 32.03 ? 58   ASP A O    1 
ATOM   585  C CB   . ASP A 1 64  ? 0.757   -6.037  -17.244 1.00 22.73 ? 58   ASP A CB   1 
ATOM   586  C CG   . ASP A 1 64  ? -0.056  -7.016  -16.418 1.00 29.69 ? 58   ASP A CG   1 
ATOM   587  O OD1  . ASP A 1 64  ? -1.232  -7.300  -16.735 1.00 25.43 ? 58   ASP A OD1  1 
ATOM   588  O OD2  . ASP A 1 64  ? 0.528   -7.542  -15.443 1.00 26.63 ? 58   ASP A OD2  1 
ATOM   589  H H    . ASP A 1 64  ? -1.263  -4.531  -16.788 1.00 30.73 ? 58   ASP A H    1 
ATOM   590  H HA   . ASP A 1 64  ? 0.546   -4.685  -18.777 1.00 34.05 ? 58   ASP A HA   1 
ATOM   591  H HB2  . ASP A 1 64  ? 1.409   -6.547  -17.749 1.00 27.27 ? 58   ASP A HB2  1 
ATOM   592  H HB3  . ASP A 1 64  ? 1.212   -5.441  -16.629 1.00 27.27 ? 58   ASP A HB3  1 
ATOM   593  N N    . GLU A 1 65  ? -0.204  -7.029  -19.788 1.00 31.33 ? 59   GLU A N    1 
ATOM   594  C CA   . GLU A 1 65  ? -0.794  -7.966  -20.766 1.00 33.30 ? 59   GLU A CA   1 
ATOM   595  C C    . GLU A 1 65  ? -2.042  -8.638  -20.240 1.00 35.84 ? 59   GLU A C    1 
ATOM   596  O O    . GLU A 1 65  ? -2.941  -8.976  -21.010 1.00 36.77 ? 59   GLU A O    1 
ATOM   597  C CB   . GLU A 1 65  ? 0.177   -9.094  -21.168 1.00 34.51 ? 59   GLU A CB   1 
ATOM   598  C CG   . GLU A 1 65  ? 1.638   -8.776  -21.241 1.00 51.05 ? 59   GLU A CG   1 
ATOM   599  C CD   . GLU A 1 65  ? 2.254   -8.564  -19.876 1.00 39.46 ? 59   GLU A CD   1 
ATOM   600  O OE1  . GLU A 1 65  ? 2.244   -9.489  -19.021 1.00 42.59 ? 59   GLU A OE1  1 
ATOM   601  O OE2  . GLU A 1 65  ? 2.704   -7.427  -19.664 1.00 38.65 ? 59   GLU A OE2  1 
ATOM   602  H H    . GLU A 1 65  ? 0.635   -7.163  -19.660 1.00 37.60 ? 59   GLU A H    1 
ATOM   603  H HA   . GLU A 1 65  ? -1.033  -7.475  -21.568 1.00 39.96 ? 59   GLU A HA   1 
ATOM   604  H HB2  . GLU A 1 65  ? 0.078   -9.814  -20.526 1.00 41.42 ? 59   GLU A HB2  1 
ATOM   605  H HB3  . GLU A 1 65  ? -0.085  -9.414  -22.046 1.00 41.42 ? 59   GLU A HB3  1 
ATOM   606  H HG2  . GLU A 1 65  ? 2.101   -9.513  -21.669 1.00 61.27 ? 59   GLU A HG2  1 
ATOM   607  H HG3  . GLU A 1 65  ? 1.758   -7.962  -21.756 1.00 61.27 ? 59   GLU A HG3  1 
ATOM   608  N N    . THR A 1 66  ? -2.068  -8.871  -18.931 1.00 34.28 ? 60   THR A N    1 
ATOM   609  C CA   . THR A 1 66  ? -3.131  -9.638  -18.303 1.00 31.48 ? 60   THR A CA   1 
ATOM   610  C C    . THR A 1 66  ? -4.281  -8.754  -17.842 1.00 32.82 ? 60   THR A C    1 
ATOM   611  O O    . THR A 1 66  ? -5.280  -9.257  -17.342 1.00 32.93 ? 60   THR A O    1 
ATOM   612  C CB   . THR A 1 66  ? -2.623  -10.413 -17.084 1.00 31.85 ? 60   THR A CB   1 
ATOM   613  O OG1  . THR A 1 66  ? -2.329  -9.485  -16.026 1.00 32.70 ? 60   THR A OG1  1 
ATOM   614  C CG2  . THR A 1 66  ? -1.389  -11.228 -17.439 1.00 39.24 ? 60   THR A CG2  1 
ATOM   615  H H    . THR A 1 66  ? -1.470  -8.590  -18.380 1.00 41.14 ? 60   THR A H    1 
ATOM   616  H HA   . THR A 1 66  ? -3.480  -10.278 -18.942 1.00 37.78 ? 60   THR A HA   1 
ATOM   617  H HB   . THR A 1 66  ? -3.315  -11.026 -16.786 1.00 38.22 ? 60   THR A HB   1 
ATOM   618  H HG1  . THR A 1 66  ? -1.740  -8.942  -16.277 1.00 39.24 ? 60   THR A HG1  1 
ATOM   619  H HG21 . THR A 1 66  ? -0.681  -10.639 -17.747 1.00 47.09 ? 60   THR A HG21 1 
ATOM   620  H HG22 . THR A 1 66  ? -1.077  -11.713 -16.659 1.00 47.09 ? 60   THR A HG22 1 
ATOM   621  H HG23 . THR A 1 66  ? -1.601  -11.861 -18.141 1.00 47.09 ? 60   THR A HG23 1 
ATOM   622  N N    . GLY A 1 67  ? -4.139  -7.444  -18.007 1.00 26.45 ? 61   GLY A N    1 
ATOM   623  C CA   . GLY A 1 67  ? -5.150  -6.502  -17.555 1.00 27.23 ? 61   GLY A CA   1 
ATOM   624  C C    . GLY A 1 67  ? -4.994  -6.035  -16.111 1.00 32.73 ? 61   GLY A C    1 
ATOM   625  O O    . GLY A 1 67  ? -5.811  -5.247  -15.615 1.00 28.41 ? 61   GLY A O    1 
ATOM   626  H H    . GLY A 1 67  ? -3.459  -7.075  -18.382 1.00 31.74 ? 61   GLY A H    1 
ATOM   627  H HA2  . GLY A 1 67  ? -5.127  -5.717  -18.125 1.00 32.67 ? 61   GLY A HA2  1 
ATOM   628  H HA3  . GLY A 1 67  ? -6.025  -6.912  -17.643 1.00 32.67 ? 61   GLY A HA3  1 
ATOM   629  N N    . ALA A 1 68  ? -3.949  -6.516  -15.432 1.00 23.65 ? 62   ALA A N    1 
ATOM   630  C CA   . ALA A 1 68  ? -3.634  -6.060  -14.078 1.00 22.87 ? 62   ALA A CA   1 
ATOM   631  C C    . ALA A 1 68  ? -3.126  -4.618  -14.102 1.00 21.31 ? 62   ALA A C    1 
ATOM   632  O O    . ALA A 1 68  ? -2.427  -4.198  -15.039 1.00 21.82 ? 62   ALA A O    1 
ATOM   633  C CB   . ALA A 1 68  ? -2.614  -6.971  -13.439 1.00 24.77 ? 62   ALA A CB   1 
ATOM   634  H H    . ALA A 1 68  ? -3.405  -7.108  -15.736 1.00 28.38 ? 62   ALA A H    1 
ATOM   635  H HA   . ALA A 1 68  ? -4.440  -6.086  -13.540 1.00 27.44 ? 62   ALA A HA   1 
ATOM   636  H HB1  . ALA A 1 68  ? -1.805  -6.964  -13.975 1.00 29.73 ? 62   ALA A HB1  1 
ATOM   637  H HB2  . ALA A 1 68  ? -2.421  -6.650  -12.544 1.00 29.73 ? 62   ALA A HB2  1 
ATOM   638  H HB3  . ALA A 1 68  ? -2.975  -7.869  -13.398 1.00 29.73 ? 62   ALA A HB3  1 
ATOM   639  N N    . ILE A 1 69  ? -3.497  -3.852  -13.082 1.00 20.03 ? 63   ILE A N    1 
ATOM   640  C CA   . ILE A 1 69  ? -3.006  -2.488  -12.947 1.00 16.21 ? 63   ILE A CA   1 
ATOM   641  C C    . ILE A 1 69  ? -1.528  -2.529  -12.579 1.00 18.13 ? 63   ILE A C    1 
ATOM   642  O O    . ILE A 1 69  ? -1.142  -3.174  -11.580 1.00 18.31 ? 63   ILE A O    1 
ATOM   643  C CB   . ILE A 1 69  ? -3.799  -1.706  -11.885 1.00 24.62 ? 63   ILE A CB   1 
ATOM   644  C CG1  . ILE A 1 69  ? -5.224  -1.441  -12.378 1.00 21.48 ? 63   ILE A CG1  1 
ATOM   645  C CG2  . ILE A 1 69  ? -3.107  -0.406  -11.543 1.00 21.48 ? 63   ILE A CG2  1 
ATOM   646  C CD1  . ILE A 1 69  ? -6.171  -0.945  -11.313 1.00 22.87 ? 63   ILE A CD1  1 
ATOM   647  H H    . ILE A 1 69  ? -4.031  -4.099  -12.456 1.00 24.04 ? 63   ILE A H    1 
ATOM   648  H HA   . ILE A 1 69  ? -3.096  -2.028  -13.796 1.00 19.45 ? 63   ILE A HA   1 
ATOM   649  H HB   . ILE A 1 69  ? -3.849  -2.248  -11.082 1.00 29.55 ? 63   ILE A HB   1 
ATOM   650  H HG12 . ILE A 1 69  ? -5.191  -0.771  -13.078 1.00 25.78 ? 63   ILE A HG12 1 
ATOM   651  H HG13 . ILE A 1 69  ? -5.588  -2.268  -12.733 1.00 25.78 ? 63   ILE A HG13 1 
ATOM   652  H HG21 . ILE A 1 69  ? -3.035  0.135   -12.344 1.00 25.77 ? 63   ILE A HG21 1 
ATOM   653  H HG22 . ILE A 1 69  ? -3.629  0.062   -10.872 1.00 25.77 ? 63   ILE A HG22 1 
ATOM   654  H HG23 . ILE A 1 69  ? -2.222  -0.602  -11.195 1.00 25.77 ? 63   ILE A HG23 1 
ATOM   655  H HD11 . ILE A 1 69  ? -5.833  -0.110  -10.955 1.00 27.45 ? 63   ILE A HD11 1 
ATOM   656  H HD12 . ILE A 1 69  ? -7.046  -0.805  -11.711 1.00 27.45 ? 63   ILE A HD12 1 
ATOM   657  H HD13 . ILE A 1 69  ? -6.231  -1.609  -10.609 1.00 27.45 ? 63   ILE A HD13 1 
ATOM   658  N N    . PHE A 1 70  ? -0.705  -1.831  -13.366 1.00 20.50 ? 64   PHE A N    1 
ATOM   659  C CA   . PHE A 1 70  ? 0.743   -1.825  -13.140 1.00 19.43 ? 64   PHE A CA   1 
ATOM   660  C C    . PHE A 1 70  ? 1.168   -0.657  -12.278 1.00 22.11 ? 64   PHE A C    1 
ATOM   661  O O    . PHE A 1 70  ? 0.805   0.493   -12.542 1.00 22.77 ? 64   PHE A O    1 
ATOM   662  C CB   . PHE A 1 70  ? 1.520   -1.785  -14.459 1.00 21.34 ? 64   PHE A CB   1 
ATOM   663  C CG   . PHE A 1 70  ? 2.991   -2.022  -14.285 1.00 22.25 ? 64   PHE A CG   1 
ATOM   664  C CD1  . PHE A 1 70  ? 3.474   -3.291  -13.996 1.00 22.10 ? 64   PHE A CD1  1 
ATOM   665  C CD2  . PHE A 1 70  ? 3.894   -0.977  -14.381 1.00 20.33 ? 64   PHE A CD2  1 
ATOM   666  C CE1  . PHE A 1 70  ? 4.823   -3.508  -13.803 1.00 23.34 ? 64   PHE A CE1  1 
ATOM   667  C CE2  . PHE A 1 70  ? 5.252   -1.190  -14.198 1.00 20.33 ? 64   PHE A CE2  1 
ATOM   668  C CZ   . PHE A 1 70  ? 5.712   -2.460  -13.914 1.00 18.72 ? 64   PHE A CZ   1 
ATOM   669  H H    . PHE A 1 70  ? -0.959  -1.355  -14.034 1.00 24.61 ? 64   PHE A H    1 
ATOM   670  H HA   . PHE A 1 70  ? 0.988   -2.640  -12.676 1.00 23.31 ? 64   PHE A HA   1 
ATOM   671  H HB2  . PHE A 1 70  ? 1.175   -2.474  -15.048 1.00 25.61 ? 64   PHE A HB2  1 
ATOM   672  H HB3  . PHE A 1 70  ? 1.405   -0.913  -14.866 1.00 25.61 ? 64   PHE A HB3  1 
ATOM   673  H HD1  . PHE A 1 70  ? 2.879   -4.002  -13.918 1.00 26.52 ? 64   PHE A HD1  1 
ATOM   674  H HD2  . PHE A 1 70  ? 3.587   -0.119  -14.570 1.00 24.40 ? 64   PHE A HD2  1 
ATOM   675  H HE1  . PHE A 1 70  ? 5.136   -4.365  -13.617 1.00 28.01 ? 64   PHE A HE1  1 
ATOM   676  H HE2  . PHE A 1 70  ? 5.850   -0.481  -14.270 1.00 24.40 ? 64   PHE A HE2  1 
ATOM   677  H HZ   . PHE A 1 70  ? 6.622   -2.609  -13.793 1.00 22.47 ? 64   PHE A HZ   1 
ATOM   678  N N    . ILE A 1 71  ? 1.930   -0.981  -11.242 1.00 17.66 ? 65   ILE A N    1 
ATOM   679  C CA   . ILE A 1 71  ? 2.535   -0.014  -10.337 1.00 15.84 ? 65   ILE A CA   1 
ATOM   680  C C    . ILE A 1 71  ? 4.053   -0.134  -10.465 1.00 16.72 ? 65   ILE A C    1 
ATOM   681  O O    . ILE A 1 71  ? 4.631   -1.177  -10.197 1.00 18.15 ? 65   ILE A O    1 
ATOM   682  C CB   . ILE A 1 71  ? 2.101   -0.228  -8.885  1.00 17.53 ? 65   ILE A CB   1 
ATOM   683  C CG1  . ILE A 1 71  ? 0.576   -0.100  -8.781  1.00 24.34 ? 65   ILE A CG1  1 
ATOM   684  C CG2  . ILE A 1 71  ? 2.803   0.781   -7.993  1.00 20.87 ? 65   ILE A CG2  1 
ATOM   685  C CD1  . ILE A 1 71  ? 0.006   -0.289  -7.389  1.00 26.17 ? 65   ILE A CD1  1 
ATOM   686  H H    . ILE A 1 71  ? 2.118   -1.795  -11.035 1.00 21.19 ? 65   ILE A H    1 
ATOM   687  H HA   . ILE A 1 71  ? 2.274   0.882   -10.605 1.00 19.01 ? 65   ILE A HA   1 
ATOM   688  H HB   . ILE A 1 71  ? 2.359   -1.120  -8.610  1.00 21.04 ? 65   ILE A HB   1 
ATOM   689  H HG12 . ILE A 1 71  ? 0.320   0.785   -9.084  1.00 29.21 ? 65   ILE A HG12 1 
ATOM   690  H HG13 . ILE A 1 71  ? 0.172   -0.770  -9.355  1.00 29.21 ? 65   ILE A HG13 1 
ATOM   691  H HG21 . ILE A 1 71  ? 2.562   1.676   -8.278  1.00 25.04 ? 65   ILE A HG21 1 
ATOM   692  H HG22 . ILE A 1 71  ? 2.522   0.639   -7.075  1.00 25.04 ? 65   ILE A HG22 1 
ATOM   693  H HG23 . ILE A 1 71  ? 3.762   0.657   -8.069  1.00 25.04 ? 65   ILE A HG23 1 
ATOM   694  H HD11 . ILE A 1 71  ? 0.384   0.382   -6.800  1.00 31.40 ? 65   ILE A HD11 1 
ATOM   695  H HD12 . ILE A 1 71  ? -0.958  -0.190  -7.427  1.00 31.40 ? 65   ILE A HD12 1 
ATOM   696  H HD13 . ILE A 1 71  ? 0.236   -1.175  -7.071  1.00 31.40 ? 65   ILE A HD13 1 
ATOM   697  N N    . ASP A 1 72  ? 4.669   0.947   -10.905 1.00 18.19 ? 66   ASP A N    1 
ATOM   698  C CA   . ASP A 1 72  ? 6.079   0.945   -11.281 1.00 21.60 ? 66   ASP A CA   1 
ATOM   699  C C    . ASP A 1 72  ? 6.967   1.252   -10.073 1.00 17.37 ? 66   ASP A C    1 
ATOM   700  O O    . ASP A 1 72  ? 7.639   2.303   -9.995  1.00 19.10 ? 66   ASP A O    1 
ATOM   701  C CB   . ASP A 1 72  ? 6.294   1.955   -12.405 1.00 21.27 ? 66   ASP A CB   1 
ATOM   702  C CG   . ASP A 1 72  ? 7.651   1.845   -13.045 1.00 23.17 ? 66   ASP A CG   1 
ATOM   703  O OD1  . ASP A 1 72  ? 8.393   0.864   -12.784 1.00 20.58 ? 66   ASP A OD1  1 
ATOM   704  O OD2  . ASP A 1 72  ? 7.968   2.762   -13.826 1.00 32.39 ? 66   ASP A OD2  1 
ATOM   705  H H    . ASP A 1 72  ? 4.288   1.713   -10.997 1.00 21.82 ? 66   ASP A H    1 
ATOM   706  H HA   . ASP A 1 72  ? 6.318   0.067   -11.616 1.00 25.92 ? 66   ASP A HA   1 
ATOM   707  H HB2  . ASP A 1 72  ? 5.625   1.808   -13.092 1.00 25.53 ? 66   ASP A HB2  1 
ATOM   708  H HB3  . ASP A 1 72  ? 6.205   2.852   -12.044 1.00 25.53 ? 66   ASP A HB3  1 
ATOM   709  N N    . ARG A 1 73  ? 6.949   0.318   -9.125  1.00 19.20 ? 67   ARG A N    1 
ATOM   710  C CA   . ARG A 1 73  ? 7.700   0.416   -7.863  1.00 19.76 ? 67   ARG A CA   1 
ATOM   711  C C    . ARG A 1 73  ? 8.280   -0.936  -7.474  1.00 21.92 ? 67   ARG A C    1 
ATOM   712  O O    . ARG A 1 73  ? 7.753   -1.972  -7.857  1.00 19.21 ? 67   ARG A O    1 
ATOM   713  C CB   . ARG A 1 73  ? 6.801   0.912   -6.720  1.00 19.73 ? 67   ARG A CB   1 
ATOM   714  C CG   . ARG A 1 73  ? 6.047   2.211   -6.954  1.00 23.20 ? 67   ARG A CG   1 
ATOM   715  C CD   . ARG A 1 73  ? 6.911   3.427   -6.822  1.00 26.80 ? 67   ARG A CD   1 
ATOM   716  N NE   . ARG A 1 73  ? 7.457   3.617   -5.478  1.00 27.87 ? 67   ARG A NE   1 
ATOM   717  C CZ   . ARG A 1 73  ? 8.106   4.722   -5.110  1.00 33.84 ? 67   ARG A CZ   1 
ATOM   718  N NH1  . ARG A 1 73  ? 8.258   5.718   -5.976  1.00 36.96 ? 67   ARG A NH1  1 
ATOM   719  N NH2  . ARG A 1 73  ? 8.585   4.845   -3.883  1.00 29.08 ? 67   ARG A NH2  1 
ATOM   720  H H    . ARG A 1 73  ? 6.493   -0.409  -9.189  1.00 23.03 ? 67   ARG A H    1 
ATOM   721  H HA   . ARG A 1 73  ? 8.432   1.043   -7.971  1.00 23.72 ? 67   ARG A HA   1 
ATOM   722  H HB2  . ARG A 1 73  ? 6.139   0.226   -6.537  1.00 23.67 ? 67   ARG A HB2  1 
ATOM   723  H HB3  . ARG A 1 73  ? 7.355   1.040   -5.933  1.00 23.67 ? 67   ARG A HB3  1 
ATOM   724  H HG2  . ARG A 1 73  ? 5.678   2.203   -7.851  1.00 27.84 ? 67   ARG A HG2  1 
ATOM   725  H HG3  . ARG A 1 73  ? 5.332   2.282   -6.303  1.00 27.84 ? 67   ARG A HG3  1 
ATOM   726  H HD2  . ARG A 1 73  ? 7.657   3.350   -7.438  1.00 32.16 ? 67   ARG A HD2  1 
ATOM   727  H HD3  . ARG A 1 73  ? 6.384   4.211   -7.043  1.00 32.16 ? 67   ARG A HD3  1 
ATOM   728  H HE   . ARG A 1 73  ? 7.509   2.929   -4.965  1.00 33.44 ? 67   ARG A HE   1 
ATOM   729  H HH11 . ARG A 1 73  ? 7.950   5.644   -6.775  1.00 44.35 ? 67   ARG A HH11 1 
ATOM   730  H HH12 . ARG A 1 73  ? 8.674   6.433   -5.740  1.00 44.35 ? 67   ARG A HH12 1 
ATOM   731  H HH21 . ARG A 1 73  ? 8.486   4.206   -3.316  1.00 34.89 ? 67   ARG A HH21 1 
ATOM   732  H HH22 . ARG A 1 73  ? 8.996   5.564   -3.653  1.00 34.89 ? 67   ARG A HH22 1 
ATOM   733  N N    . ASP A 1 74  ? 9.374   -0.920  -6.709  1.00 21.02 ? 68   ASP A N    1 
ATOM   734  C CA   . ASP A 1 74  ? 9.935   -2.122  -6.119  1.00 24.06 ? 68   ASP A CA   1 
ATOM   735  C C    . ASP A 1 74  ? 8.879   -2.826  -5.250  1.00 25.05 ? 68   ASP A C    1 
ATOM   736  O O    . ASP A 1 74  ? 8.311   -2.204  -4.365  1.00 28.20 ? 68   ASP A O    1 
ATOM   737  C CB   . ASP A 1 74  ? 11.157  -1.728  -5.284  1.00 28.85 ? 68   ASP A CB   1 
ATOM   738  C CG   . ASP A 1 74  ? 11.981  -2.916  -4.833  1.00 29.45 ? 68   ASP A CG   1 
ATOM   739  O OD1  . ASP A 1 74  ? 11.431  -4.025  -4.698  1.00 27.25 ? 68   ASP A OD1  1 
ATOM   740  O OD2  . ASP A 1 74  ? 13.196  -2.721  -4.604  1.00 48.51 ? 68   ASP A OD2  1 
ATOM   741  H H    . ASP A 1 74  ? 9.814   -0.206  -6.518  1.00 25.22 ? 68   ASP A H    1 
ATOM   742  H HA   . ASP A 1 74  ? 10.219  -2.730  -6.820  1.00 28.87 ? 68   ASP A HA   1 
ATOM   743  H HB2  . ASP A 1 74  ? 11.729  -1.153  -5.817  1.00 34.62 ? 68   ASP A HB2  1 
ATOM   744  H HB3  . ASP A 1 74  ? 10.857  -1.255  -4.493  1.00 34.62 ? 68   ASP A HB3  1 
ATOM   745  N N    . PRO A 1 75  ? 8.613   -4.120  -5.495  1.00 21.68 ? 69   PRO A N    1 
ATOM   746  C CA   . PRO A 1 75  ? 7.594   -4.795  -4.682  1.00 20.45 ? 69   PRO A CA   1 
ATOM   747  C C    . PRO A 1 75  ? 8.098   -5.335  -3.349  1.00 29.38 ? 69   PRO A C    1 
ATOM   748  O O    . PRO A 1 75  ? 7.325   -5.991  -2.651  1.00 28.16 ? 69   PRO A O    1 
ATOM   749  C CB   . PRO A 1 75  ? 7.154   -5.948  -5.567  1.00 22.94 ? 69   PRO A CB   1 
ATOM   750  C CG   . PRO A 1 75  ? 8.335   -6.247  -6.411  1.00 26.47 ? 69   PRO A CG   1 
ATOM   751  C CD   . PRO A 1 75  ? 9.027   -4.944  -6.643  1.00 23.32 ? 69   PRO A CD   1 
ATOM   752  H HA   . PRO A 1 75  ? 6.842   -4.204  -4.527  1.00 24.54 ? 69   PRO A HA   1 
ATOM   753  H HB2  . PRO A 1 75  ? 6.922   -6.712  -5.018  1.00 27.53 ? 69   PRO A HB2  1 
ATOM   754  H HB3  . PRO A 1 75  ? 6.402   -5.674  -6.113  1.00 27.53 ? 69   PRO A HB3  1 
ATOM   755  H HG2  . PRO A 1 75  ? 8.919   -6.862  -5.941  1.00 31.76 ? 69   PRO A HG2  1 
ATOM   756  H HG3  . PRO A 1 75  ? 8.042   -6.630  -7.252  1.00 31.76 ? 69   PRO A HG3  1 
ATOM   757  H HD2  . PRO A 1 75  ? 9.989   -5.067  -6.640  1.00 27.98 ? 69   PRO A HD2  1 
ATOM   758  H HD3  . PRO A 1 75  ? 8.722   -4.543  -7.473  1.00 27.98 ? 69   PRO A HD3  1 
ATOM   759  N N    . THR A 1 76  ? 9.362   -5.079  -3.021  1.00 31.47 ? 70   THR A N    1 
ATOM   760  C CA   . THR A 1 76  ? 9.994   -5.714  -1.867  1.00 26.83 ? 70   THR A CA   1 
ATOM   761  C C    . THR A 1 76  ? 9.187   -5.545  -0.595  1.00 29.02 ? 70   THR A C    1 
ATOM   762  O O    . THR A 1 76  ? 8.991   -6.524  0.123   1.00 32.85 ? 70   THR A O    1 
ATOM   763  C CB   . THR A 1 76  ? 11.412  -5.172  -1.653  1.00 32.78 ? 70   THR A CB   1 
ATOM   764  O OG1  . THR A 1 76  ? 12.235  -5.629  -2.733  1.00 29.65 ? 70   THR A OG1  1 
ATOM   765  C CG2  . THR A 1 76  ? 12.002  -5.653  -0.312  1.00 27.60 ? 70   THR A CG2  1 
ATOM   766  H H    . THR A 1 76  ? 9.877   -4.541  -3.452  1.00 37.76 ? 70   THR A H    1 
ATOM   767  H HA   . THR A 1 76  ? 10.068  -6.666  -2.042  1.00 32.19 ? 70   THR A HA   1 
ATOM   768  H HB   . THR A 1 76  ? 11.390  -4.203  -1.650  1.00 39.33 ? 70   THR A HB   1 
ATOM   769  H HG1  . THR A 1 76  ? 11.932  -5.351  -3.464  1.00 35.58 ? 70   THR A HG1  1 
ATOM   770  H HG21 . THR A 1 76  ? 12.043  -6.622  -0.297  1.00 33.11 ? 70   THR A HG21 1 
ATOM   771  H HG22 . THR A 1 76  ? 12.898  -5.298  -0.199  1.00 33.11 ? 70   THR A HG22 1 
ATOM   772  H HG23 . THR A 1 76  ? 11.447  -5.350  0.422   1.00 33.11 ? 70   THR A HG23 1 
ATOM   773  N N    . VAL A 1 77  ? 8.705   -4.334  -0.307  1.00 22.94 ? 71   VAL A N    1 
ATOM   774  C CA   . VAL A 1 77  ? 7.891   -4.146  0.900   1.00 24.04 ? 71   VAL A CA   1 
ATOM   775  C C    . VAL A 1 77  ? 6.399   -3.949  0.595   1.00 24.85 ? 71   VAL A C    1 
ATOM   776  O O    . VAL A 1 77  ? 5.659   -3.491  1.458   1.00 28.40 ? 71   VAL A O    1 
ATOM   777  C CB   . VAL A 1 77  ? 8.352   -2.946  1.757   1.00 27.60 ? 71   VAL A CB   1 
ATOM   778  C CG1  . VAL A 1 77  ? 9.811   -3.083  2.134   1.00 32.52 ? 71   VAL A CG1  1 
ATOM   779  C CG2  . VAL A 1 77  ? 8.080   -1.611  1.056   1.00 30.62 ? 71   VAL A CG2  1 
ATOM   780  H H    . VAL A 1 77  ? 8.830   -3.625  -0.777  1.00 27.53 ? 71   VAL A H    1 
ATOM   781  H HA   . VAL A 1 77  ? 7.972   -4.941  1.448   1.00 28.84 ? 71   VAL A HA   1 
ATOM   782  H HB   . VAL A 1 77  ? 7.841   -2.947  2.582   1.00 33.12 ? 71   VAL A HB   1 
ATOM   783  H HG11 . VAL A 1 77  ? 10.343  -3.116  1.323   1.00 39.02 ? 71   VAL A HG11 1 
ATOM   784  H HG12 . VAL A 1 77  ? 10.071  -2.317  2.670   1.00 39.02 ? 71   VAL A HG12 1 
ATOM   785  H HG13 . VAL A 1 77  ? 9.931   -3.900  2.642   1.00 39.02 ? 71   VAL A HG13 1 
ATOM   786  H HG21 . VAL A 1 77  ? 7.128   -1.528  0.895   1.00 36.74 ? 71   VAL A HG21 1 
ATOM   787  H HG22 . VAL A 1 77  ? 8.384   -0.887  1.627   1.00 36.74 ? 71   VAL A HG22 1 
ATOM   788  H HG23 . VAL A 1 77  ? 8.562   -1.593  0.214   1.00 36.74 ? 71   VAL A HG23 1 
ATOM   789  N N    . PHE A 1 78  ? 5.948   -4.306  -0.601  1.00 22.77 ? 72   PHE A N    1 
ATOM   790  C CA   . PHE A 1 78  ? 4.526   -4.144  -0.908  1.00 19.46 ? 72   PHE A CA   1 
ATOM   791  C C    . PHE A 1 78  ? 3.664   -5.130  -0.128  1.00 21.62 ? 72   PHE A C    1 
ATOM   792  O O    . PHE A 1 78  ? 2.554   -4.804  0.280   1.00 22.36 ? 72   PHE A O    1 
ATOM   793  C CB   . PHE A 1 78  ? 4.240   -4.305  -2.392  1.00 18.58 ? 72   PHE A CB   1 
ATOM   794  C CG   . PHE A 1 78  ? 2.902   -3.762  -2.780  1.00 21.66 ? 72   PHE A CG   1 
ATOM   795  C CD1  . PHE A 1 78  ? 2.729   -2.401  -2.950  1.00 25.71 ? 72   PHE A CD1  1 
ATOM   796  C CD2  . PHE A 1 78  ? 1.810   -4.599  -2.909  1.00 20.80 ? 72   PHE A CD2  1 
ATOM   797  C CE1  . PHE A 1 78  ? 1.500   -1.880  -3.282  1.00 25.32 ? 72   PHE A CE1  1 
ATOM   798  C CE2  . PHE A 1 78  ? 0.571   -4.077  -3.246  1.00 21.78 ? 72   PHE A CE2  1 
ATOM   799  C CZ   . PHE A 1 78  ? 0.428   -2.715  -3.425  1.00 18.91 ? 72   PHE A CZ   1 
ATOM   800  H H    . PHE A 1 78  ? 6.425   -4.636  -1.236  1.00 27.32 ? 72   PHE A H    1 
ATOM   801  H HA   . PHE A 1 78  ? 4.254   -3.249  -0.652  1.00 23.35 ? 72   PHE A HA   1 
ATOM   802  H HB2  . PHE A 1 78  ? 4.917   -3.830  -2.898  1.00 22.30 ? 72   PHE A HB2  1 
ATOM   803  H HB3  . PHE A 1 78  ? 4.259   -5.249  -2.616  1.00 22.30 ? 72   PHE A HB3  1 
ATOM   804  H HD1  . PHE A 1 78  ? 3.457   -1.830  -2.854  1.00 30.85 ? 72   PHE A HD1  1 
ATOM   805  H HD2  . PHE A 1 78  ? 1.909   -5.515  -2.788  1.00 24.96 ? 72   PHE A HD2  1 
ATOM   806  H HE1  . PHE A 1 78  ? 1.399   -0.964  -3.406  1.00 30.39 ? 72   PHE A HE1  1 
ATOM   807  H HE2  . PHE A 1 78  ? -0.162  -4.640  -3.344  1.00 26.13 ? 72   PHE A HE2  1 
ATOM   808  H HZ   . PHE A 1 78  ? -0.402  -2.364  -3.652  1.00 22.69 ? 72   PHE A HZ   1 
ATOM   809  N N    . ALA A 1 79  ? 4.166   -6.342  0.081   1.00 27.82 ? 73   ALA A N    1 
ATOM   810  C CA   . ALA A 1 79  ? 3.403   -7.340  0.816   1.00 28.28 ? 73   ALA A CA   1 
ATOM   811  C C    . ALA A 1 79  ? 2.985   -6.854  2.206   1.00 24.73 ? 73   ALA A C    1 
ATOM   812  O O    . ALA A 1 79  ? 1.807   -6.952  2.549   1.00 22.49 ? 73   ALA A O    1 
ATOM   813  C CB   . ALA A 1 79  ? 4.199   -8.643  0.923   1.00 33.10 ? 73   ALA A CB   1 
ATOM   814  H H    . ALA A 1 79  ? 4.937   -6.609  -0.190  1.00 33.38 ? 73   ALA A H    1 
ATOM   815  H HA   . ALA A 1 79  ? 2.593   -7.534  0.319   1.00 33.94 ? 73   ALA A HA   1 
ATOM   816  H HB1  . ALA A 1 79  ? 5.031   -8.467  1.390   1.00 39.72 ? 73   ALA A HB1  1 
ATOM   817  H HB2  . ALA A 1 79  ? 3.674   -9.293  1.415   1.00 39.72 ? 73   ALA A HB2  1 
ATOM   818  H HB3  . ALA A 1 79  ? 4.383   -8.974  0.031   1.00 39.72 ? 73   ALA A HB3  1 
ATOM   819  N N    . PRO A 1 80  ? 3.931   -6.334  3.015   1.00 24.58 ? 74   PRO A N    1 
ATOM   820  C CA   . PRO A 1 80  ? 3.507   -5.811  4.325   1.00 23.84 ? 74   PRO A CA   1 
ATOM   821  C C    . PRO A 1 80  ? 2.596   -4.574  4.234   1.00 20.73 ? 74   PRO A C    1 
ATOM   822  O O    . PRO A 1 80  ? 1.778   -4.399  5.130   1.00 22.61 ? 74   PRO A O    1 
ATOM   823  C CB   . PRO A 1 80  ? 4.831   -5.470  5.030   1.00 28.14 ? 74   PRO A CB   1 
ATOM   824  C CG   . PRO A 1 80  ? 5.872   -5.503  3.985   1.00 30.33 ? 74   PRO A CG   1 
ATOM   825  C CD   . PRO A 1 80  ? 5.400   -6.424  2.915   1.00 28.30 ? 74   PRO A CD   1 
ATOM   826  H HA   . PRO A 1 80  ? 3.051   -6.504  4.827   1.00 28.61 ? 74   PRO A HA   1 
ATOM   827  H HB2  . PRO A 1 80  ? 4.770   -4.585  5.422   1.00 33.76 ? 74   PRO A HB2  1 
ATOM   828  H HB3  . PRO A 1 80  ? 5.014   -6.134  5.712   1.00 33.76 ? 74   PRO A HB3  1 
ATOM   829  H HG2  . PRO A 1 80  ? 5.996   -4.609  3.629   1.00 36.40 ? 74   PRO A HG2  1 
ATOM   830  H HG3  . PRO A 1 80  ? 6.700   -5.830  4.369   1.00 36.40 ? 74   PRO A HG3  1 
ATOM   831  H HD2  . PRO A 1 80  ? 5.700   -6.114  2.046   1.00 33.96 ? 74   PRO A HD2  1 
ATOM   832  H HD3  . PRO A 1 80  ? 5.697   -7.330  3.093   1.00 33.96 ? 74   PRO A HD3  1 
ATOM   833  N N    . ILE A 1 81  ? 2.734   -3.745  3.201   1.00 20.75 ? 75   ILE A N    1 
ATOM   834  C CA   A ILE A 1 81  ? 1.810   -2.629  2.992   0.52 18.66 ? 75   ILE A CA   1 
ATOM   835  C CA   B ILE A 1 81  ? 1.812   -2.629  2.980   0.48 18.65 ? 75   ILE A CA   1 
ATOM   836  C C    . ILE A 1 81  ? 0.403   -3.170  2.740   1.00 16.62 ? 75   ILE A C    1 
ATOM   837  O O    . ILE A 1 81  ? -0.568  -2.749  3.382   1.00 18.76 ? 75   ILE A O    1 
ATOM   838  C CB   A ILE A 1 81  ? 2.262   -1.736  1.832   0.52 19.77 ? 75   ILE A CB   1 
ATOM   839  C CB   B ILE A 1 81  ? 2.231   -1.766  1.770   0.48 19.83 ? 75   ILE A CB   1 
ATOM   840  C CG1  A ILE A 1 81  ? 3.387   -0.814  2.306   0.52 22.66 ? 75   ILE A CG1  1 
ATOM   841  C CG1  B ILE A 1 81  ? 3.558   -1.042  2.035   0.48 22.01 ? 75   ILE A CG1  1 
ATOM   842  C CG2  A ILE A 1 81  ? 1.090   -0.893  1.279   0.52 24.24 ? 75   ILE A CG2  1 
ATOM   843  C CG2  B ILE A 1 81  ? 1.120   -0.766  1.383   0.48 24.20 ? 75   ILE A CG2  1 
ATOM   844  C CD1  A ILE A 1 81  ? 3.999   0.031   1.220   0.52 24.96 ? 75   ILE A CD1  1 
ATOM   845  C CD1  B ILE A 1 81  ? 3.417   0.363   2.590   0.48 25.60 ? 75   ILE A CD1  1 
ATOM   846  H H    . ILE A 1 81  ? 3.355   -3.806  2.608   1.00 24.90 ? 75   ILE A H    1 
ATOM   847  H HA   . ILE A 1 81  ? 1.788   -2.075  3.783   0.52 22.39 ? 75   ILE A HA   1 
ATOM   848  H HB   A ILE A 1 81  ? 2.603   -2.300  1.120   0.52 23.73 ? 75   ILE A HB   1 
ATOM   849  H HB   B ILE A 1 81  ? 2.367   -2.361  1.016   0.48 23.80 ? 75   ILE A HB   1 
ATOM   850  H HG12 A ILE A 1 81  ? 3.033   -0.214  2.981   0.52 27.20 ? 75   ILE A HG12 1 
ATOM   851  H HG12 B ILE A 1 81  ? 4.071   -1.560  2.674   0.48 26.41 ? 75   ILE A HG12 1 
ATOM   852  H HG13 A ILE A 1 81  ? 4.093   -1.357  2.690   0.52 27.20 ? 75   ILE A HG13 1 
ATOM   853  H HG13 B ILE A 1 81  ? 4.048   -0.979  1.200   0.48 26.41 ? 75   ILE A HG13 1 
ATOM   854  H HG21 A ILE A 1 81  ? 0.743   -0.332  1.989   0.52 29.09 ? 75   ILE A HG21 1 
ATOM   855  H HG21 B ILE A 1 81  ? 0.944   -0.184  2.138   0.48 29.04 ? 75   ILE A HG21 1 
ATOM   856  H HG22 A ILE A 1 81  ? 1.414   -0.343  0.549   0.52 29.09 ? 75   ILE A HG22 1 
ATOM   857  H HG22 B ILE A 1 81  ? 1.417   -0.243  0.623   0.48 29.04 ? 75   ILE A HG22 1 
ATOM   858  H HG23 A ILE A 1 81  ? 0.394   -1.491  0.960   0.52 29.09 ? 75   ILE A HG23 1 
ATOM   859  H HG23 B ILE A 1 81  ? 0.318   -1.261  1.152   0.48 29.04 ? 75   ILE A HG23 1 
ATOM   860  H HD11 A ILE A 1 81  ? 3.310   0.593   0.832   0.52 29.95 ? 75   ILE A HD11 1 
ATOM   861  H HD11 B ILE A 1 81  ? 2.943   0.322   3.436   0.48 30.72 ? 75   ILE A HD11 1 
ATOM   862  H HD12 A ILE A 1 81  ? 4.698   0.581   1.604   0.52 29.95 ? 75   ILE A HD12 1 
ATOM   863  H HD12 B ILE A 1 81  ? 4.302   0.739   2.724   0.48 30.72 ? 75   ILE A HD12 1 
ATOM   864  H HD13 A ILE A 1 81  ? 4.371   -0.553  0.540   0.52 29.95 ? 75   ILE A HD13 1 
ATOM   865  H HD13 B ILE A 1 81  ? 2.920   0.905   1.958   0.48 30.72 ? 75   ILE A HD13 1 
ATOM   866  N N    . LEU A 1 82  ? 0.297   -4.108  1.814   1.00 16.54 ? 76   LEU A N    1 
ATOM   867  C CA   . LEU A 1 82  ? -0.998  -4.690  1.460   1.00 19.27 ? 76   LEU A CA   1 
ATOM   868  C C    . LEU A 1 82  ? -1.627  -5.352  2.675   1.00 19.05 ? 76   LEU A C    1 
ATOM   869  O O    . LEU A 1 82  ? -2.821  -5.200  2.932   1.00 18.34 ? 76   LEU A O    1 
ATOM   870  C CB   . LEU A 1 82  ? -0.855  -5.697  0.328   1.00 19.76 ? 76   LEU A CB   1 
ATOM   871  C CG   . LEU A 1 82  ? -2.178  -6.255  -0.195  1.00 20.22 ? 76   LEU A CG   1 
ATOM   872  C CD1  . LEU A 1 82  ? -3.163  -5.157  -0.564  1.00 21.93 ? 76   LEU A CD1  1 
ATOM   873  C CD2  . LEU A 1 82  ? -1.935  -7.135  -1.399  1.00 22.45 ? 76   LEU A CD2  1 
ATOM   874  H H    . LEU A 1 82  ? 0.959   -4.429  1.370   1.00 19.85 ? 76   LEU A H    1 
ATOM   875  H HA   . LEU A 1 82  ? -1.592  -3.984  1.160   1.00 23.12 ? 76   LEU A HA   1 
ATOM   876  H HB2  . LEU A 1 82  ? -0.403  -5.267  -0.415  1.00 23.71 ? 76   LEU A HB2  1 
ATOM   877  H HB3  . LEU A 1 82  ? -0.324  -6.446  0.644   1.00 23.71 ? 76   LEU A HB3  1 
ATOM   878  H HG   . LEU A 1 82  ? -2.585  -6.800  0.496   1.00 24.26 ? 76   LEU A HG   1 
ATOM   879  H HD11 . LEU A 1 82  ? -2.771  -4.602  -1.257  1.00 26.31 ? 76   LEU A HD11 1 
ATOM   880  H HD12 . LEU A 1 82  ? -3.981  -5.563  -0.888  1.00 26.31 ? 76   LEU A HD12 1 
ATOM   881  H HD13 . LEU A 1 82  ? -3.347  -4.621  0.223   1.00 26.31 ? 76   LEU A HD13 1 
ATOM   882  H HD21 . LEU A 1 82  ? -1.356  -7.869  -1.142  1.00 26.94 ? 76   LEU A HD21 1 
ATOM   883  H HD22 . LEU A 1 82  ? -2.785  -7.479  -1.716  1.00 26.94 ? 76   LEU A HD22 1 
ATOM   884  H HD23 . LEU A 1 82  ? -1.512  -6.608  -2.095  1.00 26.94 ? 76   LEU A HD23 1 
ATOM   885  N N    . ASN A 1 83  ? -0.828  -6.066  3.460   1.00 21.47 ? 77   ASN A N    1 
ATOM   886  C CA   . ASN A 1 83  ? -1.423  -6.766  4.591   1.00 22.67 ? 77   ASN A CA   1 
ATOM   887  C C    . ASN A 1 83  ? -1.871  -5.794  5.681   1.00 18.18 ? 77   ASN A C    1 
ATOM   888  O O    . ASN A 1 83  ? -2.871  -6.050  6.355   1.00 22.83 ? 77   ASN A O    1 
ATOM   889  C CB   . ASN A 1 83  ? -0.458  -7.826  5.116   1.00 32.51 ? 77   ASN A CB   1 
ATOM   890  C CG   . ASN A 1 83  ? -0.472  -9.082  4.246   1.00 35.10 ? 77   ASN A CG   1 
ATOM   891  O OD1  . ASN A 1 83  ? -1.535  -9.498  3.740   1.00 33.86 ? 77   ASN A OD1  1 
ATOM   892  N ND2  . ASN A 1 83  ? 0.690   -9.671  4.043   1.00 39.52 ? 77   ASN A ND2  1 
ATOM   893  H H    . ASN A 1 83  ? 0.021   -6.160  3.368   1.00 25.76 ? 77   ASN A H    1 
ATOM   894  H HA   . ASN A 1 83  ? -2.215  -7.229  4.278   1.00 27.20 ? 77   ASN A HA   1 
ATOM   895  H HB2  . ASN A 1 83  ? 0.443   -7.467  5.115   1.00 39.02 ? 77   ASN A HB2  1 
ATOM   896  H HB3  . ASN A 1 83  ? -0.717  -8.078  6.016   1.00 39.02 ? 77   ASN A HB3  1 
ATOM   897  H HD21 . ASN A 1 83  ? 1.404   -9.345  4.394   1.00 47.42 ? 77   ASN A HD21 1 
ATOM   898  H HD22 . ASN A 1 83  ? 0.733   -10.381 3.560   1.00 47.42 ? 77   ASN A HD22 1 
ATOM   899  N N    . PHE A 1 84  ? -1.192  -4.656  5.829   1.00 18.49 ? 78   PHE A N    1 
ATOM   900  C CA   . PHE A 1 84  ? -1.718  -3.609  6.695   1.00 16.86 ? 78   PHE A CA   1 
ATOM   901  C C    . PHE A 1 84  ? -3.077  -3.118  6.177   1.00 17.87 ? 78   PHE A C    1 
ATOM   902  O O    . PHE A 1 84  ? -4.019  -2.950  6.947   1.00 17.51 ? 78   PHE A O    1 
ATOM   903  C CB   . PHE A 1 84  ? -0.791  -2.406  6.806   1.00 17.12 ? 78   PHE A CB   1 
ATOM   904  C CG   . PHE A 1 84  ? -1.408  -1.277  7.573   1.00 18.97 ? 78   PHE A CG   1 
ATOM   905  C CD1  . PHE A 1 84  ? -1.414  -1.283  8.966   1.00 21.97 ? 78   PHE A CD1  1 
ATOM   906  C CD2  . PHE A 1 84  ? -2.042  -0.245  6.914   1.00 18.37 ? 78   PHE A CD2  1 
ATOM   907  C CE1  . PHE A 1 84  ? -2.020  -0.256  9.671   1.00 22.14 ? 78   PHE A CE1  1 
ATOM   908  C CE2  . PHE A 1 84  ? -2.655  0.772   7.608   1.00 20.39 ? 78   PHE A CE2  1 
ATOM   909  C CZ   . PHE A 1 84  ? -2.648  0.768   8.992   1.00 18.76 ? 78   PHE A CZ   1 
ATOM   910  H H    . PHE A 1 84  ? -0.443  -4.471  5.448   1.00 22.18 ? 78   PHE A H    1 
ATOM   911  H HA   . PHE A 1 84  ? -1.848  -3.971  7.585   1.00 20.24 ? 78   PHE A HA   1 
ATOM   912  H HB2  . PHE A 1 84  ? 0.021   -2.672  7.262   1.00 20.55 ? 78   PHE A HB2  1 
ATOM   913  H HB3  . PHE A 1 84  ? -0.582  -2.083  5.914   1.00 20.55 ? 78   PHE A HB3  1 
ATOM   914  H HD1  . PHE A 1 84  ? -1.000  -1.977  9.426   1.00 26.37 ? 78   PHE A HD1  1 
ATOM   915  H HD2  . PHE A 1 84  ? -2.061  -0.240  5.984   1.00 22.04 ? 78   PHE A HD2  1 
ATOM   916  H HE1  . PHE A 1 84  ? -2.012  -0.262  10.601  1.00 26.56 ? 78   PHE A HE1  1 
ATOM   917  H HE2  . PHE A 1 84  ? -3.068  1.466   7.146   1.00 24.46 ? 78   PHE A HE2  1 
ATOM   918  H HZ   . PHE A 1 84  ? -3.048  1.464   9.463   1.00 22.51 ? 78   PHE A HZ   1 
ATOM   919  N N    . LEU A 1 85  ? -3.173  -2.857  4.876   1.00 19.19 ? 79   LEU A N    1 
ATOM   920  C CA   . LEU A 1 85  ? -4.426  -2.327  4.332   1.00 15.26 ? 79   LEU A CA   1 
ATOM   921  C C    . LEU A 1 85  ? -5.564  -3.318  4.542   1.00 14.89 ? 79   LEU A C    1 
ATOM   922  O O    . LEU A 1 85  ? -6.704  -2.921  4.785   1.00 19.72 ? 79   LEU A O    1 
ATOM   923  C CB   . LEU A 1 85  ? -4.289  -1.991  2.854   1.00 17.62 ? 79   LEU A CB   1 
ATOM   924  C CG   . LEU A 1 85  ? -3.258  -0.906  2.538   1.00 20.17 ? 79   LEU A CG   1 
ATOM   925  C CD1  . LEU A 1 85  ? -3.154  -0.755  1.047   1.00 21.85 ? 79   LEU A CD1  1 
ATOM   926  C CD2  . LEU A 1 85  ? -3.629  0.412   3.189   1.00 19.98 ? 79   LEU A CD2  1 
ATOM   927  H H    . LEU A 1 85  ? -2.547  -2.972  4.298   1.00 23.03 ? 79   LEU A H    1 
ATOM   928  H HA   . LEU A 1 85  ? -4.652  -1.510  4.802   1.00 18.32 ? 79   LEU A HA   1 
ATOM   929  H HB2  . LEU A 1 85  ? -4.025  -2.795  2.378   1.00 21.15 ? 79   LEU A HB2  1 
ATOM   930  H HB3  . LEU A 1 85  ? -5.148  -1.685  2.525   1.00 21.15 ? 79   LEU A HB3  1 
ATOM   931  H HG   . LEU A 1 85  ? -2.392  -1.180  2.877   1.00 24.21 ? 79   LEU A HG   1 
ATOM   932  H HD11 . LEU A 1 85  ? -4.022  -0.502  0.693   1.00 26.22 ? 79   LEU A HD11 1 
ATOM   933  H HD12 . LEU A 1 85  ? -2.501  -0.067  0.844   1.00 26.22 ? 79   LEU A HD12 1 
ATOM   934  H HD13 . LEU A 1 85  ? -2.874  -1.601  0.662   1.00 26.22 ? 79   LEU A HD13 1 
ATOM   935  H HD21 . LEU A 1 85  ? -3.668  0.289   4.150   1.00 23.98 ? 79   LEU A HD21 1 
ATOM   936  H HD22 . LEU A 1 85  ? -2.954  1.073   2.967   1.00 23.98 ? 79   LEU A HD22 1 
ATOM   937  H HD23 . LEU A 1 85  ? -4.494  0.696   2.855   1.00 23.98 ? 79   LEU A HD23 1 
ATOM   938  N N    . ARG A 1 86  ? -5.243  -4.601  4.504   1.00 17.64 ? 80   ARG A N    1 
ATOM   939  C CA   . ARG A 1 86  ? -6.235  -5.649  4.765   1.00 21.07 ? 80   ARG A CA   1 
ATOM   940  C C    . ARG A 1 86  ? -6.638  -5.763  6.237   1.00 23.75 ? 80   ARG A C    1 
ATOM   941  O O    . ARG A 1 86  ? -7.821  -5.783  6.571   1.00 22.86 ? 80   ARG A O    1 
ATOM   942  C CB   . ARG A 1 86  ? -5.695  -7.007  4.309   1.00 18.06 ? 80   ARG A CB   1 
ATOM   943  C CG   . ARG A 1 86  ? -5.617  -7.207  2.818   1.00 20.19 ? 80   ARG A CG   1 
ATOM   944  C CD   . ARG A 1 86  ? -4.836  -8.463  2.497   1.00 21.56 ? 80   ARG A CD   1 
ATOM   945  N NE   . ARG A 1 86  ? -4.934  -8.831  1.094   1.00 18.61 ? 80   ARG A NE   1 
ATOM   946  C CZ   . ARG A 1 86  ? -4.040  -9.558  0.430   1.00 20.76 ? 80   ARG A CZ   1 
ATOM   947  N NH1  . ARG A 1 86  ? -2.938  -9.990  1.022   1.00 24.42 ? 80   ARG A NH1  1 
ATOM   948  N NH2  . ARG A 1 86  ? -4.253  -9.854  -0.847  1.00 20.81 ? 80   ARG A NH2  1 
ATOM   949  H H    . ARG A 1 86  ? -4.455  -4.899  4.329   1.00 21.17 ? 80   ARG A H    1 
ATOM   950  H HA   . ARG A 1 86  ? -7.035  -5.458  4.250   1.00 25.29 ? 80   ARG A HA   1 
ATOM   951  H HB2  . ARG A 1 86  ? -4.799  -7.115  4.664   1.00 21.67 ? 80   ARG A HB2  1 
ATOM   952  H HB3  . ARG A 1 86  ? -6.270  -7.701  4.666   1.00 21.67 ? 80   ARG A HB3  1 
ATOM   953  H HG2  . ARG A 1 86  ? -6.513  -7.301  2.456   1.00 24.23 ? 80   ARG A HG2  1 
ATOM   954  H HG3  . ARG A 1 86  ? -5.165  -6.451  2.412   1.00 24.23 ? 80   ARG A HG3  1 
ATOM   955  H HD2  . ARG A 1 86  ? -3.900  -8.315  2.705   1.00 25.87 ? 80   ARG A HD2  1 
ATOM   956  H HD3  . ARG A 1 86  ? -5.183  -9.196  3.027   1.00 25.87 ? 80   ARG A HD3  1 
ATOM   957  H HE   . ARG A 1 86  ? -5.624  -8.559  0.660   1.00 22.33 ? 80   ARG A HE   1 
ATOM   958  H HH11 . ARG A 1 86  ? -2.796  -9.808  1.851   1.00 24.97 ? 80   ARG A HH11 1 
ATOM   959  H HH12 . ARG A 1 86  ? -2.366  -10.455 0.579   1.00 24.97 ? 80   ARG A HH12 1 
ATOM   960  H HH21 . ARG A 1 86  ? -4.963  -9.572  -1.242  1.00 29.31 ? 80   ARG A HH21 1 
ATOM   961  H HH22 . ARG A 1 86  ? -3.671  -10.313 -1.285  1.00 29.31 ? 80   ARG A HH22 1 
ATOM   962  N N    . THR A 1 87  ? -5.645  -5.855  7.108   1.00 20.58 ? 81   THR A N    1 
ATOM   963  C CA   . THR A 1 87  ? -5.863  -6.272  8.492   1.00 23.79 ? 81   THR A CA   1 
ATOM   964  C C    . THR A 1 87  ? -5.995  -5.106  9.445   1.00 21.93 ? 81   THR A C    1 
ATOM   965  O O    . THR A 1 87  ? -6.439  -5.281  10.579  1.00 25.59 ? 81   THR A O    1 
ATOM   966  C CB   . THR A 1 87  ? -4.708  -7.167  9.001   1.00 23.94 ? 81   THR A CB   1 
ATOM   967  O OG1  . THR A 1 87  ? -3.513  -6.389  9.163   1.00 25.52 ? 81   THR A OG1  1 
ATOM   968  C CG2  . THR A 1 87  ? -4.448  -8.324  8.052   1.00 27.02 ? 81   THR A CG2  1 
ATOM   969  H H    . THR A 1 87  ? -4.823  -5.681  6.923   1.00 24.70 ? 81   THR A H    1 
ATOM   970  H HA   . THR A 1 87  ? -6.681  -6.789  8.538   1.00 28.55 ? 81   THR A HA   1 
ATOM   971  H HB   . THR A 1 87  ? -4.958  -7.540  9.861   1.00 28.73 ? 81   THR A HB   1 
ATOM   972  H HG1  . THR A 1 87  ? -3.289  -6.048  8.429   1.00 30.63 ? 81   THR A HG1  1 
ATOM   973  H HG21 . THR A 1 87  ? -4.208  -7.985  7.174   1.00 32.43 ? 81   THR A HG21 1 
ATOM   974  H HG22 . THR A 1 87  ? -3.722  -8.872  8.388   1.00 32.43 ? 81   THR A HG22 1 
ATOM   975  H HG23 . THR A 1 87  ? -5.245  -8.871  7.971   1.00 32.43 ? 81   THR A HG23 1 
ATOM   976  N N    . LYS A 1 88  ? -5.576  -3.926  8.995   1.00 19.60 ? 82   LYS A N    1 
ATOM   977  C CA   . LYS A 1 88  ? -5.553  -2.707  9.811   1.00 28.29 ? 82   LYS A CA   1 
ATOM   978  C C    . LYS A 1 88  ? -4.562  -2.795  10.986  1.00 26.05 ? 82   LYS A C    1 
ATOM   979  O O    . LYS A 1 88  ? -4.636  -1.996  11.917  1.00 26.40 ? 82   LYS A O    1 
ATOM   980  C CB   . LYS A 1 88  ? -6.954  -2.382  10.350  1.00 26.81 ? 82   LYS A CB   1 
ATOM   981  C CG   . LYS A 1 88  ? -8.114  -2.617  9.374   1.00 32.89 ? 82   LYS A CG   1 
ATOM   982  C CD   . LYS A 1 88  ? -8.022  -1.759  8.142   1.00 27.35 ? 82   LYS A CD   1 
ATOM   983  C CE   . LYS A 1 88  ? -9.294  -1.794  7.312   1.00 26.64 ? 82   LYS A CE   1 
ATOM   984  N NZ   . LYS A 1 88  ? -9.308  -2.901  6.331   1.00 25.61 ? 82   LYS A NZ   1 
ATOM   985  H H    . LYS A 1 88  ? -5.289  -3.800  8.194   1.00 23.52 ? 82   LYS A H    1 
ATOM   986  H HA   . LYS A 1 88  ? -5.276  -1.966  9.250   1.00 33.95 ? 82   LYS A HA   1 
ATOM   987  H HB2  . LYS A 1 88  ? -7.118  -2.932  11.132  1.00 32.17 ? 82   LYS A HB2  1 
ATOM   988  H HB3  . LYS A 1 88  ? -6.975  -1.445  10.604  1.00 32.17 ? 82   LYS A HB3  1 
ATOM   989  H HG2  . LYS A 1 88  ? -8.108  -3.545  9.095   1.00 39.47 ? 82   LYS A HG2  1 
ATOM   990  H HG3  . LYS A 1 88  ? -8.950  -2.410  9.822   1.00 39.47 ? 82   LYS A HG3  1 
ATOM   991  H HD2  . LYS A 1 88  ? -7.861  -0.840  8.407   1.00 32.82 ? 82   LYS A HD2  1 
ATOM   992  H HD3  . LYS A 1 88  ? -7.293  -2.078  7.587   1.00 32.82 ? 82   LYS A HD3  1 
ATOM   993  H HE2  . LYS A 1 88  ? -10.054 -1.908  7.904   1.00 31.96 ? 82   LYS A HE2  1 
ATOM   994  H HE3  . LYS A 1 88  ? -9.376  -0.960  6.825   1.00 31.96 ? 82   LYS A HE3  1 
ATOM   995  H HZ1  . LYS A 1 88  ? -9.243  -3.682  6.753   1.00 30.74 ? 82   LYS A HZ1  1 
ATOM   996  H HZ2  . LYS A 1 88  ? -10.068 -2.887  5.867   1.00 30.74 ? 82   LYS A HZ2  1 
ATOM   997  H HZ3  . LYS A 1 88  ? -8.624  -2.818  5.768   1.00 30.74 ? 82   LYS A HZ3  1 
ATOM   998  N N    . GLU A 1 89  ? -3.642  -3.762  10.940  1.00 24.62 ? 83   GLU A N    1 
ATOM   999  C CA   . GLU A 1 89  ? -2.606  -3.903  11.974  1.00 26.37 ? 83   GLU A CA   1 
ATOM   1000 C C    . GLU A 1 89  ? -1.233  -4.079  11.338  1.00 27.92 ? 83   GLU A C    1 
ATOM   1001 O O    . GLU A 1 89  ? -1.114  -4.572  10.210  1.00 26.50 ? 83   GLU A O    1 
ATOM   1002 C CB   . GLU A 1 89  ? -2.898  -5.095  12.898  1.00 30.15 ? 83   GLU A CB   1 
ATOM   1003 C CG   . GLU A 1 89  ? -4.313  -5.148  13.472  1.00 27.24 ? 83   GLU A CG   1 
ATOM   1004 C CD   . GLU A 1 89  ? -4.574  -4.120  14.546  1.00 27.43 ? 83   GLU A CD   1 
ATOM   1005 O OE1  . GLU A 1 89  ? -3.604  -3.524  15.050  1.00 31.64 ? 83   GLU A OE1  1 
ATOM   1006 O OE2  . GLU A 1 89  ? -5.757  -3.909  14.880  1.00 36.50 ? 83   GLU A OE2  1 
ATOM   1007 H H    . GLU A 1 89  ? -3.594  -4.352  10.316  1.00 29.54 ? 83   GLU A H    1 
ATOM   1008 H HA   . GLU A 1 89  ? -2.587  -3.099  12.517  1.00 31.64 ? 83   GLU A HA   1 
ATOM   1009 H HB2  . GLU A 1 89  ? -2.755  -5.913  12.398  1.00 36.18 ? 83   GLU A HB2  1 
ATOM   1010 H HB3  . GLU A 1 89  ? -2.282  -5.061  13.647  1.00 36.18 ? 83   GLU A HB3  1 
ATOM   1011 H HG2  . GLU A 1 89  ? -4.948  -4.995  12.754  1.00 32.69 ? 83   GLU A HG2  1 
ATOM   1012 H HG3  . GLU A 1 89  ? -4.461  -6.026  13.859  1.00 32.69 ? 83   GLU A HG3  1 
ATOM   1013 N N    . LEU A 1 90  ? -0.198  -3.670  12.070  1.00 31.22 ? 84   LEU A N    1 
ATOM   1014 C CA   . LEU A 1 90  ? 1.168   -3.769  11.584  1.00 36.83 ? 84   LEU A CA   1 
ATOM   1015 C C    . LEU A 1 90  ? 1.674   -5.205  11.620  1.00 34.91 ? 84   LEU A C    1 
ATOM   1016 O O    . LEU A 1 90  ? 1.248   -6.002  12.454  1.00 46.47 ? 84   LEU A O    1 
ATOM   1017 C CB   . LEU A 1 90  ? 2.098   -2.879  12.413  1.00 29.19 ? 84   LEU A CB   1 
ATOM   1018 C CG   . LEU A 1 90  ? 1.843   -1.380  12.371  1.00 31.17 ? 84   LEU A CG   1 
ATOM   1019 C CD1  . LEU A 1 90  ? 2.711   -0.647  13.382  1.00 36.84 ? 84   LEU A CD1  1 
ATOM   1020 C CD2  . LEU A 1 90  ? 2.106   -0.855  10.980  1.00 38.79 ? 84   LEU A CD2  1 
ATOM   1021 H H    . LEU A 1 90  ? -0.265  -3.328  12.857  1.00 37.47 ? 84   LEU A H    1 
ATOM   1022 H HA   . LEU A 1 90  ? 1.199   -3.463  10.663  1.00 44.20 ? 84   LEU A HA   1 
ATOM   1023 H HB2  . LEU A 1 90  ? 2.029   -3.155  13.340  1.00 35.03 ? 84   LEU A HB2  1 
ATOM   1024 H HB3  . LEU A 1 90  ? 3.006   -3.023  12.104  1.00 35.03 ? 84   LEU A HB3  1 
ATOM   1025 H HG   . LEU A 1 90  ? 0.914   -1.208  12.588  1.00 37.40 ? 84   LEU A HG   1 
ATOM   1026 H HD11 . LEU A 1 90  ? 3.644   -0.812  13.175  1.00 44.20 ? 84   LEU A HD11 1 
ATOM   1027 H HD12 . LEU A 1 90  ? 2.524   0.304   13.328  1.00 44.20 ? 84   LEU A HD12 1 
ATOM   1028 H HD13 . LEU A 1 90  ? 2.505   -0.975  14.271  1.00 44.20 ? 84   LEU A HD13 1 
ATOM   1029 H HD21 . LEU A 1 90  ? 1.513   -1.303  10.357  1.00 46.55 ? 84   LEU A HD21 1 
ATOM   1030 H HD22 . LEU A 1 90  ? 1.940   0.100   10.967  1.00 46.55 ? 84   LEU A HD22 1 
ATOM   1031 H HD23 . LEU A 1 90  ? 3.030   -1.034  10.745  1.00 46.55 ? 84   LEU A HD23 1 
ATOM   1032 N N    . ASP A 1 91  ? 2.554   -5.521  10.671  1.00 56.63 ? 85   ASP A N    1 
ATOM   1033 C CA   . ASP A 1 91  ? 3.417   -6.702  10.727  1.00 59.76 ? 85   ASP A CA   1 
ATOM   1034 C C    . ASP A 1 91  ? 4.357   -6.712  9.529   1.00 69.09 ? 85   ASP A C    1 
ATOM   1035 O O    . ASP A 1 91  ? 4.215   -5.900  8.615   1.00 69.84 ? 85   ASP A O    1 
ATOM   1036 C CB   . ASP A 1 91  ? 2.627   -8.006  10.749  1.00 59.12 ? 85   ASP A CB   1 
ATOM   1037 C CG   . ASP A 1 91  ? 3.330   -9.085  11.542  1.00 68.67 ? 85   ASP A CG   1 
ATOM   1038 O OD1  . ASP A 1 91  ? 3.698   -8.822  12.710  1.00 69.21 ? 85   ASP A OD1  1 
ATOM   1039 O OD2  . ASP A 1 91  ? 3.537   -10.185 10.986  1.00 62.06 ? 85   ASP A OD2  1 
ATOM   1040 H H    . ASP A 1 91  ? 2.672   -5.051  9.960   1.00 67.95 ? 85   ASP A H    1 
ATOM   1041 H HA   . ASP A 1 91  ? 3.955   -6.663  11.533  1.00 71.71 ? 85   ASP A HA   1 
ATOM   1042 H HB2  . ASP A 1 91  ? 1.761   -7.846  11.156  1.00 70.94 ? 85   ASP A HB2  1 
ATOM   1043 H HB3  . ASP A 1 91  ? 2.513   -8.325  9.839   1.00 70.94 ? 85   ASP A HB3  1 
ATOM   1044 N N    . SER A 1 98  ? 13.388  3.493   7.784   1.00 53.32 ? 92   SER A N    1 
ATOM   1045 C CA   . SER A 1 98  ? 12.916  2.191   7.316   1.00 51.01 ? 92   SER A CA   1 
ATOM   1046 C C    . SER A 1 98  ? 12.261  2.285   5.935   1.00 48.64 ? 92   SER A C    1 
ATOM   1047 O O    . SER A 1 98  ? 11.609  3.280   5.594   1.00 36.86 ? 92   SER A O    1 
ATOM   1048 C CB   . SER A 1 98  ? 11.928  1.586   8.316   1.00 68.57 ? 92   SER A CB   1 
ATOM   1049 O OG   . SER A 1 98  ? 11.349  0.397   7.800   1.00 56.37 ? 92   SER A OG   1 
ATOM   1050 H H    . SER A 1 98  ? 12.924  3.822   8.428   1.00 63.98 ? 92   SER A H    1 
ATOM   1051 H HA   . SER A 1 98  ? 13.674  1.590   7.246   1.00 61.21 ? 92   SER A HA   1 
ATOM   1052 H HB2  . SER A 1 98  ? 12.400  1.376   9.137   1.00 82.29 ? 92   SER A HB2  1 
ATOM   1053 H HB3  . SER A 1 98  ? 11.224  2.230   8.493   1.00 82.29 ? 92   SER A HB3  1 
ATOM   1054 H HG   . SER A 1 98  ? 10.809  0.074   8.358   1.00 67.65 ? 92   SER A HG   1 
ATOM   1055 N N    . SER A 1 99  ? 12.433  1.232   5.143   1.00 40.35 ? 93   SER A N    1 
ATOM   1056 C CA   . SER A 1 99  ? 11.952  1.235   3.773   1.00 40.81 ? 93   SER A CA   1 
ATOM   1057 C C    . SER A 1 99  ? 10.425  1.153   3.744   1.00 32.58 ? 93   SER A C    1 
ATOM   1058 O O    . SER A 1 99  ? 9.798   1.715   2.861   1.00 30.31 ? 93   SER A O    1 
ATOM   1059 C CB   . SER A 1 99  ? 12.569  0.079   2.983   1.00 45.47 ? 93   SER A CB   1 
ATOM   1060 O OG   . SER A 1 99  ? 12.219  -1.164  3.557   1.00 52.52 ? 93   SER A OG   1 
ATOM   1061 H H    . SER A 1 99  ? 12.826  0.504   5.378   1.00 48.42 ? 93   SER A H    1 
ATOM   1062 H HA   . SER A 1 99  ? 12.216  2.066   3.346   1.00 48.98 ? 93   SER A HA   1 
ATOM   1063 H HB2  . SER A 1 99  ? 12.241  0.109   2.071   1.00 54.56 ? 93   SER A HB2  1 
ATOM   1064 H HB3  . SER A 1 99  ? 13.535  0.171   2.991   1.00 54.56 ? 93   SER A HB3  1 
ATOM   1065 H HG   . SER A 1 99  ? 12.562  -1.791  3.117   1.00 63.02 ? 93   SER A HG   1 
ATOM   1066 N N    . LEU A 1 100 ? 9.848   0.463   4.725   1.00 34.57 ? 94   LEU A N    1 
ATOM   1067 C CA   . LEU A 1 100 ? 8.393   0.348   4.827   1.00 31.46 ? 94   LEU A CA   1 
ATOM   1068 C C    . LEU A 1 100 ? 7.787   1.721   5.017   1.00 28.71 ? 94   LEU A C    1 
ATOM   1069 O O    . LEU A 1 100 ? 6.828   2.075   4.332   1.00 26.25 ? 94   LEU A O    1 
ATOM   1070 C CB   . LEU A 1 100 ? 7.984   -0.572  5.981   1.00 29.31 ? 94   LEU A CB   1 
ATOM   1071 C CG   . LEU A 1 100 ? 6.491   -0.827  6.167   1.00 31.02 ? 94   LEU A CG   1 
ATOM   1072 C CD1  . LEU A 1 100 ? 5.909   -1.538  4.961   1.00 29.91 ? 94   LEU A CD1  1 
ATOM   1073 C CD2  . LEU A 1 100 ? 6.243   -1.651  7.410   1.00 36.90 ? 94   LEU A CD2  1 
ATOM   1074 H H    . LEU A 1 100 ? 10.277  0.052   5.346   1.00 41.48 ? 94   LEU A H    1 
ATOM   1075 H HA   . LEU A 1 100 ? 8.045   -0.027  4.003   1.00 37.75 ? 94   LEU A HA   1 
ATOM   1076 H HB2  . LEU A 1 100 ? 8.406   -1.435  5.844   1.00 35.17 ? 94   LEU A HB2  1 
ATOM   1077 H HB3  . LEU A 1 100 ? 8.313   -0.184  6.807   1.00 35.17 ? 94   LEU A HB3  1 
ATOM   1078 H HG   . LEU A 1 100 ? 6.032   0.022   6.269   1.00 37.23 ? 94   LEU A HG   1 
ATOM   1079 H HD11 . LEU A 1 100 ? 6.362   -2.388  4.847   1.00 35.90 ? 94   LEU A HD11 1 
ATOM   1080 H HD12 . LEU A 1 100 ? 4.961   -1.686  5.109   1.00 35.90 ? 94   LEU A HD12 1 
ATOM   1081 H HD13 . LEU A 1 100 ? 6.040   -0.985  4.175   1.00 35.90 ? 94   LEU A HD13 1 
ATOM   1082 H HD21 . LEU A 1 100 ? 6.583   -1.169  8.181   1.00 44.28 ? 94   LEU A HD21 1 
ATOM   1083 H HD22 . LEU A 1 100 ? 5.290   -1.799  7.506   1.00 44.28 ? 94   LEU A HD22 1 
ATOM   1084 H HD23 . LEU A 1 100 ? 6.703   -2.501  7.322   1.00 44.28 ? 94   LEU A HD23 1 
ATOM   1085 N N    . LEU A 1 101 ? 8.351   2.509   5.924   1.00 21.34 ? 95   LEU A N    1 
ATOM   1086 C CA   . LEU A 1 101 ? 7.854   3.862   6.164   1.00 21.73 ? 95   LEU A CA   1 
ATOM   1087 C C    . LEU A 1 101 ? 7.949   4.706   4.903   1.00 27.06 ? 95   LEU A C    1 
ATOM   1088 O O    . LEU A 1 101 ? 7.011   5.395   4.523   1.00 24.99 ? 95   LEU A O    1 
ATOM   1089 C CB   . LEU A 1 101 ? 8.635   4.529   7.304   1.00 24.65 ? 95   LEU A CB   1 
ATOM   1090 C CG   . LEU A 1 101 ? 8.353   6.003   7.583   1.00 28.06 ? 95   LEU A CG   1 
ATOM   1091 C CD1  . LEU A 1 101 ? 6.890   6.261   7.905   1.00 26.82 ? 95   LEU A CD1  1 
ATOM   1092 C CD2  . LEU A 1 101 ? 9.231   6.488   8.734   1.00 31.06 ? 95   LEU A CD2  1 
ATOM   1093 H H    . LEU A 1 101 ? 9.022   2.286   6.414   1.00 25.61 ? 95   LEU A H    1 
ATOM   1094 H HA   . LEU A 1 101 ? 6.920   3.815   6.425   1.00 26.08 ? 95   LEU A HA   1 
ATOM   1095 H HB2  . LEU A 1 101 ? 8.444   4.044   8.122   1.00 29.58 ? 95   LEU A HB2  1 
ATOM   1096 H HB3  . LEU A 1 101 ? 9.581   4.455   7.103   1.00 29.58 ? 95   LEU A HB3  1 
ATOM   1097 H HG   . LEU A 1 101 ? 8.580   6.521   6.795   1.00 33.67 ? 95   LEU A HG   1 
ATOM   1098 H HD11 . LEU A 1 101 ? 6.645   5.750   8.692   1.00 32.18 ? 95   LEU A HD11 1 
ATOM   1099 H HD12 . LEU A 1 101 ? 6.766   7.208   8.073   1.00 32.18 ? 95   LEU A HD12 1 
ATOM   1100 H HD13 . LEU A 1 101 ? 6.347   5.986   7.149   1.00 32.18 ? 95   LEU A HD13 1 
ATOM   1101 H HD21 . LEU A 1 101 ? 10.163  6.377   8.488   1.00 37.27 ? 95   LEU A HD21 1 
ATOM   1102 H HD22 . LEU A 1 101 ? 9.042   7.426   8.902   1.00 37.27 ? 95   LEU A HD22 1 
ATOM   1103 H HD23 . LEU A 1 101 ? 9.032   5.964   9.526   1.00 37.27 ? 95   LEU A HD23 1 
ATOM   1104 N N    . HIS A 1 102 ? 9.084   4.640   4.229   1.00 26.24 ? 96   HIS A N    1 
ATOM   1105 C CA   A HIS A 1 102 ? 9.289   5.410   3.011   0.45 26.47 ? 96   HIS A CA   1 
ATOM   1106 C CA   B HIS A 1 102 ? 9.277   5.419   3.018   0.55 26.41 ? 96   HIS A CA   1 
ATOM   1107 C C    . HIS A 1 102 ? 8.261   5.057   1.931   1.00 25.59 ? 96   HIS A C    1 
ATOM   1108 O O    . HIS A 1 102 ? 7.721   5.947   1.258   1.00 27.76 ? 96   HIS A O    1 
ATOM   1109 C CB   A HIS A 1 102 ? 10.707  5.166   2.485   0.45 33.02 ? 96   HIS A CB   1 
ATOM   1110 C CB   B HIS A 1 102 ? 10.704  5.232   2.519   0.55 33.05 ? 96   HIS A CB   1 
ATOM   1111 C CG   A HIS A 1 102 ? 11.100  6.057   1.347   0.45 35.50 ? 96   HIS A CG   1 
ATOM   1112 C CG   B HIS A 1 102 ? 11.729  5.788   3.455   0.55 35.51 ? 96   HIS A CG   1 
ATOM   1113 N ND1  A HIS A 1 102 ? 11.422  7.386   1.518   0.45 41.07 ? 96   HIS A ND1  1 
ATOM   1114 N ND1  B HIS A 1 102 ? 11.537  6.965   4.149   0.55 32.96 ? 96   HIS A ND1  1 
ATOM   1115 C CD2  A HIS A 1 102 ? 11.251  5.801   0.025   0.45 32.32 ? 96   HIS A CD2  1 
ATOM   1116 C CD2  B HIS A 1 102 ? 12.941  5.321   3.835   0.55 36.96 ? 96   HIS A CD2  1 
ATOM   1117 C CE1  A HIS A 1 102 ? 11.744  7.914   0.350   0.45 33.95 ? 96   HIS A CE1  1 
ATOM   1118 C CE1  B HIS A 1 102 ? 12.592  7.203   4.906   0.55 31.78 ? 96   HIS A CE1  1 
ATOM   1119 N NE2  A HIS A 1 102 ? 11.644  6.973   -0.572  0.45 35.19 ? 96   HIS A NE2  1 
ATOM   1120 N NE2  B HIS A 1 102 ? 13.458  6.218   4.736   0.55 42.99 ? 96   HIS A NE2  1 
ATOM   1121 H H    . HIS A 1 102 ? 9.758   4.155   4.452   1.00 31.49 ? 96   HIS A H    1 
ATOM   1122 H HA   . HIS A 1 102 ? 9.180   6.356   3.222   0.45 31.70 ? 96   HIS A HA   1 
ATOM   1123 H HB2  A HIS A 1 102 ? 11.336  5.314   3.208   0.45 39.62 ? 96   HIS A HB2  1 
ATOM   1124 H HB2  B HIS A 1 102 ? 10.879  4.284   2.412   0.55 39.66 ? 96   HIS A HB2  1 
ATOM   1125 H HB3  A HIS A 1 102 ? 10.771  4.248   2.177   0.45 39.62 ? 96   HIS A HB3  1 
ATOM   1126 H HB3  B HIS A 1 102 ? 10.801  5.684   1.666   0.55 39.66 ? 96   HIS A HB3  1 
ATOM   1127 H HD2  A HIS A 1 102 ? 11.106  4.986   -0.400  0.45 38.78 ? 96   HIS A HD2  1 
ATOM   1128 H HD2  B HIS A 1 102 ? 13.349  4.539   3.539   0.55 44.36 ? 96   HIS A HD2  1 
ATOM   1129 H HE1  A HIS A 1 102 ? 11.993  8.797   0.202   0.45 40.74 ? 96   HIS A HE1  1 
ATOM   1130 H HE1  B HIS A 1 102 ? 12.707  7.937   5.466   0.55 38.13 ? 96   HIS A HE1  1 
ATOM   1131 N N    . GLU A 1 103 ? 7.987   3.764   1.754   1.00 26.41 ? 97   GLU A N    1 
ATOM   1132 C CA   . GLU A 1 103 ? 7.006   3.360   0.738   1.00 26.17 ? 97   GLU A CA   1 
ATOM   1133 C C    . GLU A 1 103 ? 5.606   3.795   1.162   1.00 23.77 ? 97   GLU A C    1 
ATOM   1134 O O    . GLU A 1 103 ? 4.801   4.197   0.328   1.00 23.28 ? 97   GLU A O    1 
ATOM   1135 C CB   . GLU A 1 103 ? 6.989   1.838   0.481   1.00 33.28 ? 97   GLU A CB   1 
ATOM   1136 C CG   . GLU A 1 103 ? 7.950   1.288   -0.602  1.00 49.44 ? 97   GLU A CG   1 
ATOM   1137 C CD   . GLU A 1 103 ? 7.948   2.065   -1.918  1.00 33.65 ? 97   GLU A CD   1 
ATOM   1138 O OE1  . GLU A 1 103 ? 8.715   3.046   -2.016  1.00 42.80 ? 97   GLU A OE1  1 
ATOM   1139 O OE2  . GLU A 1 103 ? 7.210   1.686   -2.868  1.00 27.08 ? 97   GLU A OE2  1 
ATOM   1140 H H    . GLU A 1 103 ? 8.343   3.116   2.193   1.00 31.69 ? 97   GLU A H    1 
ATOM   1141 H HA   . GLU A 1 103 ? 7.218   3.802   -0.099  1.00 31.40 ? 97   GLU A HA   1 
ATOM   1142 H HB2  . GLU A 1 103 ? 7.213   1.392   1.313   1.00 39.93 ? 97   GLU A HB2  1 
ATOM   1143 H HB3  . GLU A 1 103 ? 6.090   1.589   0.218   1.00 39.93 ? 97   GLU A HB3  1 
ATOM   1144 H HG2  . GLU A 1 103 ? 8.855   1.308   -0.252  1.00 59.33 ? 97   GLU A HG2  1 
ATOM   1145 H HG3  . GLU A 1 103 ? 7.699   0.373   -0.802  1.00 59.33 ? 97   GLU A HG3  1 
ATOM   1146 N N    . ALA A 1 104 ? 5.304   3.677   2.448   1.00 20.69 ? 98   ALA A N    1 
ATOM   1147 C CA   . ALA A 1 104 ? 4.003   4.105   2.945   1.00 21.36 ? 98   ALA A CA   1 
ATOM   1148 C C    . ALA A 1 104 ? 3.798   5.604   2.698   1.00 23.09 ? 98   ALA A C    1 
ATOM   1149 O O    . ALA A 1 104 ? 2.685   6.052   2.358   1.00 21.90 ? 98   ALA A O    1 
ATOM   1150 C CB   . ALA A 1 104 ? 3.866   3.775   4.407   1.00 22.56 ? 98   ALA A CB   1 
ATOM   1151 H H    . ALA A 1 104 ? 5.830   3.358   3.049   1.00 24.82 ? 98   ALA A H    1 
ATOM   1152 H HA   . ALA A 1 104 ? 3.311   3.625   2.465   1.00 25.64 ? 98   ALA A HA   1 
ATOM   1153 H HB1  . ALA A 1 104 ? 4.563   4.234   4.900   1.00 27.07 ? 98   ALA A HB1  1 
ATOM   1154 H HB2  . ALA A 1 104 ? 2.994   4.067   4.715   1.00 27.07 ? 98   ALA A HB2  1 
ATOM   1155 H HB3  . ALA A 1 104 ? 3.954   2.816   4.523   1.00 27.07 ? 98   ALA A HB3  1 
ATOM   1156 N N    . GLN A 1 105 ? 4.873   6.376   2.828   1.00 23.20 ? 99   GLN A N    1 
ATOM   1157 C CA   . GLN A 1 105 ? 4.812   7.808   2.552   1.00 24.94 ? 99   GLN A CA   1 
ATOM   1158 C C    . GLN A 1 105 ? 4.546   8.055   1.066   1.00 23.45 ? 99   GLN A C    1 
ATOM   1159 O O    . GLN A 1 105 ? 3.707   8.892   0.692   1.00 23.33 ? 99   GLN A O    1 
ATOM   1160 C CB   . GLN A 1 105 ? 6.113   8.498   3.006   1.00 23.64 ? 99   GLN A CB   1 
ATOM   1161 C CG   . GLN A 1 105 ? 6.261   8.539   4.524   1.00 25.17 ? 99   GLN A CG   1 
ATOM   1162 C CD   . GLN A 1 105 ? 7.636   8.971   4.996   1.00 32.25 ? 99   GLN A CD   1 
ATOM   1163 O OE1  . GLN A 1 105 ? 8.662   8.542   4.466   1.00 38.39 ? 99   GLN A OE1  1 
ATOM   1164 N NE2  . GLN A 1 105 ? 7.657   9.812   6.021   1.00 38.50 ? 99   GLN A NE2  1 
ATOM   1165 H H    . GLN A 1 105 ? 5.649   6.096   3.072   1.00 27.84 ? 99   GLN A H    1 
ATOM   1166 H HA   . GLN A 1 105 ? 4.078   8.194   3.055   1.00 29.92 ? 99   GLN A HA   1 
ATOM   1167 H HB2  . GLN A 1 105 ? 6.870   8.014   2.643   1.00 28.37 ? 99   GLN A HB2  1 
ATOM   1168 H HB3  . GLN A 1 105 ? 6.115   9.412   2.680   1.00 28.37 ? 99   GLN A HB3  1 
ATOM   1169 H HG2  . GLN A 1 105 ? 5.613   9.165   4.884   1.00 30.21 ? 99   GLN A HG2  1 
ATOM   1170 H HG3  . GLN A 1 105 ? 6.091   7.652   4.878   1.00 30.21 ? 99   GLN A HG3  1 
ATOM   1171 H HE21 . GLN A 1 105 ? 6.920   10.078  6.375   1.00 46.20 ? 99   GLN A HE21 1 
ATOM   1172 H HE22 . GLN A 1 105 ? 8.409   10.092  6.331   1.00 46.20 ? 99   GLN A HE22 1 
ATOM   1173 N N    . PHE A 1 106 ? 5.233   7.304   0.212   1.00 22.22 ? 100  PHE A N    1 
ATOM   1174 C CA   . PHE A 1 106 ? 5.049   7.450   -1.216  1.00 25.88 ? 100  PHE A CA   1 
ATOM   1175 C C    . PHE A 1 106 ? 3.605   7.191   -1.627  1.00 25.10 ? 100  PHE A C    1 
ATOM   1176 O O    . PHE A 1 106 ? 3.032   7.925   -2.430  1.00 26.88 ? 100  PHE A O    1 
ATOM   1177 C CB   . PHE A 1 106 ? 5.935   6.507   -2.008  1.00 25.46 ? 100  PHE A CB   1 
ATOM   1178 C CG   . PHE A 1 106 ? 5.623   6.531   -3.462  1.00 27.55 ? 100  PHE A CG   1 
ATOM   1179 C CD1  . PHE A 1 106 ? 6.067   7.575   -4.250  1.00 33.92 ? 100  PHE A CD1  1 
ATOM   1180 C CD2  . PHE A 1 106 ? 4.840   5.547   -4.037  1.00 24.04 ? 100  PHE A CD2  1 
ATOM   1181 C CE1  . PHE A 1 106 ? 5.760   7.617   -5.584  1.00 31.01 ? 100  PHE A CE1  1 
ATOM   1182 C CE2  . PHE A 1 106 ? 4.539   5.583   -5.381  1.00 31.33 ? 100  PHE A CE2  1 
ATOM   1183 C CZ   . PHE A 1 106 ? 4.999   6.621   -6.151  1.00 33.27 ? 100  PHE A CZ   1 
ATOM   1184 H H    . PHE A 1 106 ? 5.809   6.705   0.437   1.00 26.66 ? 100  PHE A H    1 
ATOM   1185 H HA   . PHE A 1 106 ? 5.275   8.359   -1.470  1.00 31.05 ? 100  PHE A HA   1 
ATOM   1186 H HB2  . PHE A 1 106 ? 6.862   6.771   -1.894  1.00 30.55 ? 100  PHE A HB2  1 
ATOM   1187 H HB3  . PHE A 1 106 ? 5.804   5.602   -1.686  1.00 30.55 ? 100  PHE A HB3  1 
ATOM   1188 H HD1  . PHE A 1 106 ? 6.583   8.249   -3.873  1.00 40.70 ? 100  PHE A HD1  1 
ATOM   1189 H HD2  . PHE A 1 106 ? 4.531   4.842   -3.515  1.00 28.85 ? 100  PHE A HD2  1 
ATOM   1190 H HE1  . PHE A 1 106 ? 6.073   8.316   -6.110  1.00 37.21 ? 100  PHE A HE1  1 
ATOM   1191 H HE2  . PHE A 1 106 ? 4.021   4.911   -5.761  1.00 37.60 ? 100  PHE A HE2  1 
ATOM   1192 H HZ   . PHE A 1 106 ? 4.796   6.652   -7.057  1.00 39.93 ? 100  PHE A HZ   1 
ATOM   1193 N N    . TYR A 1 107 ? 3.037   6.124   -1.090  1.00 20.69 ? 101  TYR A N    1 
ATOM   1194 C CA   . TYR A 1 107 ? 1.666   5.750   -1.426  1.00 21.10 ? 101  TYR A CA   1 
ATOM   1195 C C    . TYR A 1 107 ? 0.621   6.607   -0.701  1.00 21.60 ? 101  TYR A C    1 
ATOM   1196 O O    . TYR A 1 107 ? -0.581  6.483   -0.959  1.00 21.52 ? 101  TYR A O    1 
ATOM   1197 C CB   . TYR A 1 107 ? 1.445   4.283   -1.101  1.00 24.62 ? 101  TYR A CB   1 
ATOM   1198 C CG   . TYR A 1 107 ? 2.110   3.314   -2.055  1.00 21.80 ? 101  TYR A CG   1 
ATOM   1199 C CD1  . TYR A 1 107 ? 1.912   3.405   -3.435  1.00 22.76 ? 101  TYR A CD1  1 
ATOM   1200 C CD2  . TYR A 1 107 ? 2.911   2.284   -1.581  1.00 17.39 ? 101  TYR A CD2  1 
ATOM   1201 C CE1  . TYR A 1 107 ? 2.495   2.498   -4.303  1.00 21.92 ? 101  TYR A CE1  1 
ATOM   1202 C CE2  . TYR A 1 107 ? 3.513   1.370   -2.449  1.00 18.70 ? 101  TYR A CE2  1 
ATOM   1203 C CZ   . TYR A 1 107 ? 3.289   1.481   -3.811  1.00 18.89 ? 101  TYR A CZ   1 
ATOM   1204 O OH   . TYR A 1 107 ? 3.881   0.586   -4.674  1.00 20.02 ? 101  TYR A OH   1 
ATOM   1205 H H    . TYR A 1 107 ? 3.419   5.597   -0.529  1.00 24.82 ? 101  TYR A H    1 
ATOM   1206 H HA   . TYR A 1 107 ? 1.535   5.866   -2.380  1.00 25.33 ? 101  TYR A HA   1 
ATOM   1207 H HB2  . TYR A 1 107 ? 1.794   4.107   -0.214  1.00 29.55 ? 101  TYR A HB2  1 
ATOM   1208 H HB3  . TYR A 1 107 ? 0.492   4.104   -1.117  1.00 29.55 ? 101  TYR A HB3  1 
ATOM   1209 H HD1  . TYR A 1 107 ? 1.370   4.080   -3.775  1.00 27.31 ? 101  TYR A HD1  1 
ATOM   1210 H HD2  . TYR A 1 107 ? 3.051   2.203   -0.665  1.00 20.87 ? 101  TYR A HD2  1 
ATOM   1211 H HE1  . TYR A 1 107 ? 2.355   2.576   -5.218  1.00 26.30 ? 101  TYR A HE1  1 
ATOM   1212 H HE2  . TYR A 1 107 ? 4.046   0.686   -2.115  1.00 22.43 ? 101  TYR A HE2  1 
ATOM   1213 H HH   . TYR A 1 107 ? 4.344   0.034   -4.243  1.00 24.02 ? 101  TYR A HH   1 
ATOM   1214 N N    . GLY A 1 108 ? 1.075   7.470   0.202   1.00 19.57 ? 102  GLY A N    1 
ATOM   1215 C CA   . GLY A 1 108 ? 0.194   8.386   0.906   1.00 24.00 ? 102  GLY A CA   1 
ATOM   1216 C C    . GLY A 1 108 ? -0.745  7.713   1.882   1.00 22.79 ? 102  GLY A C    1 
ATOM   1217 O O    . GLY A 1 108 ? -1.886  8.157   2.071   1.00 22.39 ? 102  GLY A O    1 
ATOM   1218 H H    . GLY A 1 108 ? 1.902   7.543   0.425   1.00 23.49 ? 102  GLY A H    1 
ATOM   1219 H HA2  . GLY A 1 108 ? 0.731   9.028   1.397   1.00 28.80 ? 102  GLY A HA2  1 
ATOM   1220 H HA3  . GLY A 1 108 ? -0.341  8.872   0.259   1.00 28.80 ? 102  GLY A HA3  1 
ATOM   1221 N N    . LEU A 1 109 ? -0.255  6.657   2.515   1.00 18.75 ? 103  LEU A N    1 
ATOM   1222 C CA   . LEU A 1 109 ? -1.055  5.821   3.414   1.00 18.88 ? 103  LEU A CA   1 
ATOM   1223 C C    . LEU A 1 109 ? -1.011  6.377   4.830   1.00 20.08 ? 103  LEU A C    1 
ATOM   1224 O O    . LEU A 1 109 ? -0.309  5.883   5.717   1.00 19.84 ? 103  LEU A O    1 
ATOM   1225 C CB   . LEU A 1 109 ? -0.548  4.389   3.358   1.00 18.37 ? 103  LEU A CB   1 
ATOM   1226 C CG   . LEU A 1 109 ? -0.535  3.823   1.928   1.00 19.58 ? 103  LEU A CG   1 
ATOM   1227 C CD1  . LEU A 1 109 ? -0.042  2.387   1.961   1.00 24.02 ? 103  LEU A CD1  1 
ATOM   1228 C CD2  . LEU A 1 109 ? -1.899  3.911   1.249   1.00 20.48 ? 103  LEU A CD2  1 
ATOM   1229 H H    . LEU A 1 109 ? 0.561   6.395   2.443   1.00 22.50 ? 103  LEU A H    1 
ATOM   1230 H HA   . LEU A 1 109 ? -1.978  5.826   3.116   1.00 22.66 ? 103  LEU A HA   1 
ATOM   1231 H HB2  . LEU A 1 109 ? 0.360   4.360   3.701   1.00 22.04 ? 103  LEU A HB2  1 
ATOM   1232 H HB3  . LEU A 1 109 ? -1.125  3.827   3.899   1.00 22.04 ? 103  LEU A HB3  1 
ATOM   1233 H HG   . LEU A 1 109 ? 0.092   4.337   1.396   1.00 23.50 ? 103  LEU A HG   1 
ATOM   1234 H HD11 . LEU A 1 109 ? -0.639  1.862   2.517   1.00 28.82 ? 103  LEU A HD11 1 
ATOM   1235 H HD12 . LEU A 1 109 ? -0.036  2.036   1.057   1.00 28.82 ? 103  LEU A HD12 1 
ATOM   1236 H HD13 . LEU A 1 109 ? 0.855   2.370   2.329   1.00 28.82 ? 103  LEU A HD13 1 
ATOM   1237 H HD21 . LEU A 1 109 ? -2.168  4.842   1.203   1.00 24.58 ? 103  LEU A HD21 1 
ATOM   1238 H HD22 . LEU A 1 109 ? -1.831  3.541   0.355   1.00 24.58 ? 103  LEU A HD22 1 
ATOM   1239 H HD23 . LEU A 1 109 ? -2.543  3.405   1.768   1.00 24.58 ? 103  LEU A HD23 1 
ATOM   1240 N N    . THR A 1 110 ? -1.782  7.430   5.028   1.00 20.99 ? 104  THR A N    1 
ATOM   1241 C CA   . THR A 1 110 ? -1.669  8.282   6.207   1.00 20.18 ? 104  THR A CA   1 
ATOM   1242 C C    . THR A 1 110 ? -1.627  7.570   7.559   1.00 19.45 ? 104  THR A C    1 
ATOM   1243 O O    . THR A 1 110 ? -0.698  7.805   8.325   1.00 20.60 ? 104  THR A O    1 
ATOM   1244 C CB   . THR A 1 110 ? -2.823  9.283   6.180   1.00 25.04 ? 104  THR A CB   1 
ATOM   1245 O OG1  . THR A 1 110 ? -2.893  9.821   4.854   1.00 25.77 ? 104  THR A OG1  1 
ATOM   1246 C CG2  . THR A 1 110 ? -2.613  10.410  7.198   1.00 26.24 ? 104  THR A CG2  1 
ATOM   1247 H H    . THR A 1 110 ? -2.397  7.681   4.482   1.00 25.19 ? 104  THR A H    1 
ATOM   1248 H HA   . THR A 1 110 ? -0.848  8.791   6.130   1.00 24.22 ? 104  THR A HA   1 
ATOM   1249 H HB   . THR A 1 110 ? -3.653  8.827   6.390   1.00 30.05 ? 104  THR A HB   1 
ATOM   1250 H HG1  . THR A 1 110 ? -3.521  10.378  4.803   1.00 30.92 ? 104  THR A HG1  1 
ATOM   1251 H HG21 . THR A 1 110 ? -1.793  10.888  6.999   1.00 31.49 ? 104  THR A HG21 1 
ATOM   1252 H HG22 . THR A 1 110 ? -3.357  11.032  7.162   1.00 31.49 ? 104  THR A HG22 1 
ATOM   1253 H HG23 . THR A 1 110 ? -2.554  10.041  8.094   1.00 31.49 ? 104  THR A HG23 1 
ATOM   1254 N N    . PRO A 1 111 ? -2.600  6.691   7.871   1.00 18.01 ? 105  PRO A N    1 
ATOM   1255 C CA   . PRO A 1 111 ? -2.543  6.032   9.194   1.00 19.75 ? 105  PRO A CA   1 
ATOM   1256 C C    . PRO A 1 111 ? -1.353  5.074   9.384   1.00 22.20 ? 105  PRO A C    1 
ATOM   1257 O O    . PRO A 1 111 ? -0.888  4.867   10.514  1.00 22.87 ? 105  PRO A O    1 
ATOM   1258 C CB   . PRO A 1 111 ? -3.854  5.244   9.247   1.00 23.66 ? 105  PRO A CB   1 
ATOM   1259 C CG   . PRO A 1 111 ? -4.186  4.999   7.821   1.00 19.00 ? 105  PRO A CG   1 
ATOM   1260 C CD   . PRO A 1 111 ? -3.770  6.234   7.097   1.00 19.33 ? 105  PRO A CD   1 
ATOM   1261 H HA   . PRO A 1 111 ? -2.540  6.696   9.901   1.00 23.70 ? 105  PRO A HA   1 
ATOM   1262 H HB2  . PRO A 1 111 ? -3.718  4.408   9.719   1.00 28.39 ? 105  PRO A HB2  1 
ATOM   1263 H HB3  . PRO A 1 111 ? -4.543  5.777   9.675   1.00 28.39 ? 105  PRO A HB3  1 
ATOM   1264 H HG2  . PRO A 1 111 ? -3.688  4.231   7.499   1.00 22.79 ? 105  PRO A HG2  1 
ATOM   1265 H HG3  . PRO A 1 111 ? -5.140  4.852   7.729   1.00 22.79 ? 105  PRO A HG3  1 
ATOM   1266 H HD2  . PRO A 1 111 ? -3.513  6.024   6.185   1.00 23.19 ? 105  PRO A HD2  1 
ATOM   1267 H HD3  . PRO A 1 111 ? -4.477  6.899   7.126   1.00 23.19 ? 105  PRO A HD3  1 
ATOM   1268 N N    . LEU A 1 112 ? -0.877  4.478   8.294   1.00 18.00 ? 106  LEU A N    1 
ATOM   1269 C CA   . LEU A 1 112 ? 0.260   3.577   8.372   1.00 18.09 ? 106  LEU A CA   1 
ATOM   1270 C C    . LEU A 1 112 ? 1.522   4.376   8.648   1.00 18.47 ? 106  LEU A C    1 
ATOM   1271 O O    . LEU A 1 112 ? 2.337   4.001   9.501   1.00 19.71 ? 106  LEU A O    1 
ATOM   1272 C CB   . LEU A 1 112 ? 0.384   2.775   7.081   1.00 20.05 ? 106  LEU A CB   1 
ATOM   1273 C CG   . LEU A 1 112 ? 1.617   1.865   7.008   1.00 16.93 ? 106  LEU A CG   1 
ATOM   1274 C CD1  . LEU A 1 112 ? 1.650   0.860   8.129   1.00 18.40 ? 106  LEU A CD1  1 
ATOM   1275 C CD2  . LEU A 1 112 ? 1.618   1.172   5.653   1.00 20.04 ? 106  LEU A CD2  1 
ATOM   1276 H H    . LEU A 1 112 ? -1.195  4.581   7.502   1.00 21.60 ? 106  LEU A H    1 
ATOM   1277 H HA   . LEU A 1 112 ? 0.126   2.955   9.105   1.00 21.71 ? 106  LEU A HA   1 
ATOM   1278 H HB2  . LEU A 1 112 ? -0.402  2.213   6.990   1.00 24.06 ? 106  LEU A HB2  1 
ATOM   1279 H HB3  . LEU A 1 112 ? 0.431   3.394   6.336   1.00 24.06 ? 106  LEU A HB3  1 
ATOM   1280 H HG   . LEU A 1 112 ? 2.417   2.410   7.069   1.00 20.32 ? 106  LEU A HG   1 
ATOM   1281 H HD11 . LEU A 1 112 ? 0.857   0.304   8.077   1.00 22.08 ? 106  LEU A HD11 1 
ATOM   1282 H HD12 . LEU A 1 112 ? 2.445   0.312   8.038   1.00 22.08 ? 106  LEU A HD12 1 
ATOM   1283 H HD13 . LEU A 1 112 ? 1.669   1.333   8.976   1.00 22.08 ? 106  LEU A HD13 1 
ATOM   1284 H HD21 . LEU A 1 112 ? 1.655   1.846   4.955   1.00 24.05 ? 106  LEU A HD21 1 
ATOM   1285 H HD22 . LEU A 1 112 ? 2.394   0.594   5.595   1.00 24.05 ? 106  LEU A HD22 1 
ATOM   1286 H HD23 . LEU A 1 112 ? 0.807   0.648   5.566   1.00 24.05 ? 106  LEU A HD23 1 
ATOM   1287 N N    . VAL A 1 113 ? 1.682   5.481   7.925   1.00 18.36 ? 107  VAL A N    1 
ATOM   1288 C CA   . VAL A 1 113 ? 2.794   6.406   8.173   1.00 22.11 ? 107  VAL A CA   1 
ATOM   1289 C C    . VAL A 1 113 ? 2.788   6.821   9.637   1.00 20.97 ? 107  VAL A C    1 
ATOM   1290 O O    . VAL A 1 113 ? 3.808   6.736   10.337  1.00 19.07 ? 107  VAL A O    1 
ATOM   1291 C CB   . VAL A 1 113 ? 2.701   7.656   7.267   1.00 21.94 ? 107  VAL A CB   1 
ATOM   1292 C CG1  . VAL A 1 113 ? 3.778   8.687   7.642   1.00 24.18 ? 107  VAL A CG1  1 
ATOM   1293 C CG2  . VAL A 1 113 ? 2.818   7.273   5.800   1.00 19.52 ? 107  VAL A CG2  1 
ATOM   1294 H H    . VAL A 1 113 ? 1.162   5.721   7.283   1.00 22.03 ? 107  VAL A H    1 
ATOM   1295 H HA   . VAL A 1 113 ? 3.633   5.956   7.986   1.00 26.53 ? 107  VAL A HA   1 
ATOM   1296 H HB   . VAL A 1 113 ? 1.834   8.073   7.396   1.00 26.33 ? 107  VAL A HB   1 
ATOM   1297 H HG11 . VAL A 1 113 ? 4.653   8.283   7.532   1.00 29.02 ? 107  VAL A HG11 1 
ATOM   1298 H HG12 . VAL A 1 113 ? 3.693   9.458   7.059   1.00 29.02 ? 107  VAL A HG12 1 
ATOM   1299 H HG13 . VAL A 1 113 ? 3.650   8.955   8.565   1.00 29.02 ? 107  VAL A HG13 1 
ATOM   1300 H HG21 . VAL A 1 113 ? 2.097   6.664   5.574   1.00 23.43 ? 107  VAL A HG21 1 
ATOM   1301 H HG22 . VAL A 1 113 ? 2.756   8.074   5.257   1.00 23.43 ? 107  VAL A HG22 1 
ATOM   1302 H HG23 . VAL A 1 113 ? 3.673   6.839   5.654   1.00 23.43 ? 107  VAL A HG23 1 
ATOM   1303 N N    . ARG A 1 114 ? 1.630   7.256   10.117  1.00 20.08 ? 108  ARG A N    1 
ATOM   1304 C CA   . ARG A 1 114 ? 1.525   7.704   11.503  1.00 20.81 ? 108  ARG A CA   1 
ATOM   1305 C C    . ARG A 1 114 ? 1.923   6.616   12.487  1.00 21.60 ? 108  ARG A C    1 
ATOM   1306 O O    . ARG A 1 114 ? 2.680   6.874   13.428  1.00 22.28 ? 108  ARG A O    1 
ATOM   1307 C CB   . ARG A 1 114 ? 0.098   8.172   11.831  1.00 27.28 ? 108  ARG A CB   1 
ATOM   1308 C CG   . ARG A 1 114 ? -0.065  8.643   13.306  1.00 23.49 ? 108  ARG A CG   1 
ATOM   1309 C CD   . ARG A 1 114 ? -1.513  8.905   13.692  1.00 26.90 ? 108  ARG A CD   1 
ATOM   1310 N NE   . ARG A 1 114 ? -2.186  9.604   12.620  1.00 32.43 ? 108  ARG A NE   1 
ATOM   1311 C CZ   . ARG A 1 114 ? -3.280  9.182   11.989  1.00 24.56 ? 108  ARG A CZ   1 
ATOM   1312 N NH1  . ARG A 1 114 ? -3.911  8.060   12.336  1.00 23.54 ? 108  ARG A NH1  1 
ATOM   1313 N NH2  . ARG A 1 114 ? -3.759  9.925   11.013  1.00 30.74 ? 108  ARG A NH2  1 
ATOM   1314 H H    . ARG A 1 114 ? 0.897   7.301   9.668   1.00 24.09 ? 108  ARG A H    1 
ATOM   1315 H HA   . ARG A 1 114 ? 2.122   8.458   11.634  1.00 24.97 ? 108  ARG A HA   1 
ATOM   1316 H HB2  . ARG A 1 114 ? -0.131  8.915   11.252  1.00 32.73 ? 108  ARG A HB2  1 
ATOM   1317 H HB3  . ARG A 1 114 ? -0.516  7.435   11.683  1.00 32.73 ? 108  ARG A HB3  1 
ATOM   1318 H HG2  . ARG A 1 114 ? 0.283   7.957   13.896  1.00 28.19 ? 108  ARG A HG2  1 
ATOM   1319 H HG3  . ARG A 1 114 ? 0.431   9.468   13.429  1.00 28.19 ? 108  ARG A HG3  1 
ATOM   1320 H HD2  . ARG A 1 114 ? -1.967  8.062   13.844  1.00 32.28 ? 108  ARG A HD2  1 
ATOM   1321 H HD3  . ARG A 1 114 ? -1.543  9.457   14.489  1.00 32.28 ? 108  ARG A HD3  1 
ATOM   1322 H HE   . ARG A 1 114 ? -1.852  10.356  12.369  1.00 38.92 ? 108  ARG A HE   1 
ATOM   1323 H HH11 . ARG A 1 114 ? -3.600  7.569   12.970  1.00 28.25 ? 108  ARG A HH11 1 
ATOM   1324 H HH12 . ARG A 1 114 ? -4.621  7.818   11.915  1.00 28.25 ? 108  ARG A HH12 1 
ATOM   1325 H HH21 . ARG A 1 114 ? -3.362  10.655  10.794  1.00 36.89 ? 108  ARG A HH21 1 
ATOM   1326 H HH22 . ARG A 1 114 ? -4.474  9.684   10.601  1.00 36.89 ? 108  ARG A HH22 1 
ATOM   1327 N N    . ARG A 1 115 ? 1.395   5.413   12.313  1.00 17.28 ? 109  ARG A N    1 
ATOM   1328 C CA   . ARG A 1 115 ? 1.624   4.362   13.293  1.00 21.67 ? 109  ARG A CA   1 
ATOM   1329 C C    . ARG A 1 115 ? 3.097   3.904   13.262  1.00 16.72 ? 109  ARG A C    1 
ATOM   1330 O O    . ARG A 1 115 ? 3.685   3.598   14.299  1.00 22.92 ? 109  ARG A O    1 
ATOM   1331 C CB   . ARG A 1 115 ? 0.627   3.227   13.068  1.00 23.07 ? 109  ARG A CB   1 
ATOM   1332 C CG   . ARG A 1 115 ? -0.749  3.696   13.560  1.00 30.71 ? 109  ARG A CG   1 
ATOM   1333 C CD   . ARG A 1 115 ? -1.900  2.832   13.179  1.00 27.16 ? 109  ARG A CD   1 
ATOM   1334 N NE   . ARG A 1 115 ? -1.742  1.474   13.649  1.00 22.02 ? 109  ARG A NE   1 
ATOM   1335 C CZ   . ARG A 1 115 ? -2.632  0.516   13.411  1.00 23.42 ? 109  ARG A CZ   1 
ATOM   1336 N NH1  . ARG A 1 115 ? -3.734  0.803   12.737  1.00 30.14 ? 109  ARG A NH1  1 
ATOM   1337 N NH2  . ARG A 1 115 ? -2.421  -0.711  13.854  1.00 34.82 ? 109  ARG A NH2  1 
ATOM   1338 H H    . ARG A 1 115 ? 0.906   5.180   11.644  1.00 20.74 ? 109  ARG A H    1 
ATOM   1339 H HA   . ARG A 1 115 ? 1.454   4.725   14.176  1.00 26.00 ? 109  ARG A HA   1 
ATOM   1340 H HB2  . ARG A 1 115 ? 0.569   3.021   12.121  1.00 27.68 ? 109  ARG A HB2  1 
ATOM   1341 H HB3  . ARG A 1 115 ? 0.894   2.445   13.577  1.00 27.68 ? 109  ARG A HB3  1 
ATOM   1342 H HG2  . ARG A 1 115 ? -0.728  3.739   14.529  1.00 36.86 ? 109  ARG A HG2  1 
ATOM   1343 H HG3  . ARG A 1 115 ? -0.918  4.580   13.200  1.00 36.86 ? 109  ARG A HG3  1 
ATOM   1344 H HD2  . ARG A 1 115 ? -2.712  3.194   13.567  1.00 32.60 ? 109  ARG A HD2  1 
ATOM   1345 H HD3  . ARG A 1 115 ? -1.973  2.810   12.211  1.00 32.60 ? 109  ARG A HD3  1 
ATOM   1346 H HE   . ARG A 1 115 ? -0.973  1.241   13.958  1.00 26.43 ? 109  ARG A HE   1 
ATOM   1347 H HH11 . ARG A 1 115 ? -3.865  1.602   12.447  1.00 36.17 ? 109  ARG A HH11 1 
ATOM   1348 H HH12 . ARG A 1 115 ? -4.316  0.189   12.583  1.00 36.17 ? 109  ARG A HH12 1 
ATOM   1349 H HH21 . ARG A 1 115 ? -1.707  -0.891  14.297  1.00 41.79 ? 109  ARG A HH21 1 
ATOM   1350 H HH22 . ARG A 1 115 ? -3.004  -1.326  13.708  1.00 41.79 ? 109  ARG A HH22 1 
ATOM   1351 N N    . LEU A 1 116 ? 3.702   3.916   12.081  1.00 17.57 ? 110  LEU A N    1 
ATOM   1352 C CA   . LEU A 1 116 ? 5.134   3.635   11.952  1.00 21.03 ? 110  LEU A CA   1 
ATOM   1353 C C    . LEU A 1 116 ? 6.023   4.708   12.610  1.00 21.54 ? 110  LEU A C    1 
ATOM   1354 O O    . LEU A 1 116 ? 7.018   4.384   13.255  1.00 24.34 ? 110  LEU A O    1 
ATOM   1355 C CB   . LEU A 1 116 ? 5.505   3.511   10.481  1.00 22.67 ? 110  LEU A CB   1 
ATOM   1356 C CG   . LEU A 1 116 ? 5.526   2.128   9.809   1.00 27.18 ? 110  LEU A CG   1 
ATOM   1357 C CD1  . LEU A 1 116 ? 4.702   1.079   10.513  1.00 34.38 ? 110  LEU A CD1  1 
ATOM   1358 C CD2  . LEU A 1 116 ? 5.138   2.273   8.359   1.00 22.86 ? 110  LEU A CD2  1 
ATOM   1359 H H    . LEU A 1 116 ? 3.308   4.084   11.335  1.00 21.08 ? 110  LEU A H    1 
ATOM   1360 H HA   . LEU A 1 116 ? 5.326   2.786   12.381  1.00 25.24 ? 110  LEU A HA   1 
ATOM   1361 H HB2  . LEU A 1 116 ? 4.880   4.053   9.976   1.00 27.20 ? 110  LEU A HB2  1 
ATOM   1362 H HB3  . LEU A 1 116 ? 6.396   3.881   10.375  1.00 27.20 ? 110  LEU A HB3  1 
ATOM   1363 H HG   . LEU A 1 116 ? 6.442   1.811   9.820   1.00 32.61 ? 110  LEU A HG   1 
ATOM   1364 H HD11 . LEU A 1 116 ? 3.777   1.371   10.542  1.00 41.26 ? 110  LEU A HD11 1 
ATOM   1365 H HD12 . LEU A 1 116 ? 4.771   0.244   10.025  1.00 41.26 ? 110  LEU A HD12 1 
ATOM   1366 H HD13 . LEU A 1 116 ? 5.041   0.965   11.415  1.00 41.26 ? 110  LEU A HD13 1 
ATOM   1367 H HD21 . LEU A 1 116 ? 5.771   2.862   7.921   1.00 27.43 ? 110  LEU A HD21 1 
ATOM   1368 H HD22 . LEU A 1 116 ? 5.152   1.398   7.941   1.00 27.43 ? 110  LEU A HD22 1 
ATOM   1369 H HD23 . LEU A 1 116 ? 4.246   2.651   8.309   1.00 27.43 ? 110  LEU A HD23 1 
ATOM   1370 N N    . GLN A 1 117 ? 5.673   5.978   12.432  1.00 20.51 ? 111  GLN A N    1 
ATOM   1371 C CA   . GLN A 1 117 ? 6.414   7.062   13.081  1.00 19.17 ? 111  GLN A CA   1 
ATOM   1372 C C    . GLN A 1 117 ? 6.258   6.976   14.600  1.00 24.42 ? 111  GLN A C    1 
ATOM   1373 O O    . GLN A 1 117 ? 7.231   7.164   15.349  1.00 22.62 ? 111  GLN A O    1 
ATOM   1374 C CB   . GLN A 1 117 ? 5.946   8.431   12.568  1.00 20.41 ? 111  GLN A CB   1 
ATOM   1375 C CG   . GLN A 1 117 ? 6.251   8.695   11.101  1.00 20.59 ? 111  GLN A CG   1 
ATOM   1376 C CD   . GLN A 1 117 ? 5.647   9.993   10.580  1.00 28.26 ? 111  GLN A CD   1 
ATOM   1377 O OE1  . GLN A 1 117 ? 4.533   10.388  10.952  1.00 33.47 ? 111  GLN A OE1  1 
ATOM   1378 N NE2  . GLN A 1 117 ? 6.388   10.664  9.711   1.00 38.19 ? 111  GLN A NE2  1 
ATOM   1379 H H    . GLN A 1 117 ? 5.016   6.241   11.943  1.00 24.61 ? 111  GLN A H    1 
ATOM   1380 H HA   . GLN A 1 117 ? 7.357   6.969   12.871  1.00 23.00 ? 111  GLN A HA   1 
ATOM   1381 H HB2  . GLN A 1 117 ? 4.986   8.495   12.685  1.00 24.49 ? 111  GLN A HB2  1 
ATOM   1382 H HB3  . GLN A 1 117 ? 6.384   9.123   13.089  1.00 24.49 ? 111  GLN A HB3  1 
ATOM   1383 H HG2  . GLN A 1 117 ? 7.213   8.746   10.984  1.00 24.71 ? 111  GLN A HG2  1 
ATOM   1384 H HG3  . GLN A 1 117 ? 5.893   7.966   10.570  1.00 24.71 ? 111  GLN A HG3  1 
ATOM   1385 H HE21 . GLN A 1 117 ? 7.158   10.359  9.476   1.00 45.83 ? 111  GLN A HE21 1 
ATOM   1386 H HE22 . GLN A 1 117 ? 6.101   11.404  9.382   1.00 45.83 ? 111  GLN A HE22 1 
ATOM   1387 N N    . LEU A 1 118 ? 5.057   6.655   15.071  1.00 21.44 ? 112  LEU A N    1 
ATOM   1388 C CA   . LEU A 1 118 ? 4.836   6.517   16.518  1.00 20.28 ? 112  LEU A CA   1 
ATOM   1389 C C    . LEU A 1 118 ? 5.539   5.302   17.104  1.00 23.21 ? 112  LEU A C    1 
ATOM   1390 O O    . LEU A 1 118 ? 5.931   5.310   18.282  1.00 25.67 ? 112  LEU A O    1 
ATOM   1391 C CB   . LEU A 1 118 ? 3.338   6.462   16.827  1.00 19.28 ? 112  LEU A CB   1 
ATOM   1392 C CG   . LEU A 1 118 ? 2.644   7.805   16.617  1.00 21.53 ? 112  LEU A CG   1 
ATOM   1393 C CD1  . LEU A 1 118 ? 1.136   7.635   16.669  1.00 24.62 ? 112  LEU A CD1  1 
ATOM   1394 C CD2  . LEU A 1 118 ? 3.114   8.853   17.626  1.00 27.73 ? 112  LEU A CD2  1 
ATOM   1395 H H    . LEU A 1 118 ? 4.361   6.510   14.587  1.00 25.73 ? 112  LEU A H    1 
ATOM   1396 H HA   . LEU A 1 118 ? 5.196   7.303   16.959  1.00 24.34 ? 112  LEU A HA   1 
ATOM   1397 H HB2  . LEU A 1 118 ? 2.918   5.813   16.241  1.00 23.14 ? 112  LEU A HB2  1 
ATOM   1398 H HB3  . LEU A 1 118 ? 3.216   6.202   17.753  1.00 23.14 ? 112  LEU A HB3  1 
ATOM   1399 H HG   . LEU A 1 118 ? 2.869   8.133   15.733  1.00 25.83 ? 112  LEU A HG   1 
ATOM   1400 H HD11 . LEU A 1 118 ? 0.888   7.279   17.536  1.00 29.54 ? 112  LEU A HD11 1 
ATOM   1401 H HD12 . LEU A 1 118 ? 0.716   8.500   16.535  1.00 29.54 ? 112  LEU A HD12 1 
ATOM   1402 H HD13 . LEU A 1 118 ? 0.863   7.022   15.969  1.00 29.54 ? 112  LEU A HD13 1 
ATOM   1403 H HD21 . LEU A 1 118 ? 4.070   8.981   17.524  1.00 33.28 ? 112  LEU A HD21 1 
ATOM   1404 H HD22 . LEU A 1 118 ? 2.648   9.687   17.455  1.00 33.28 ? 112  LEU A HD22 1 
ATOM   1405 H HD23 . LEU A 1 118 ? 2.915   8.540   18.523  1.00 33.28 ? 112  LEU A HD23 1 
ATOM   1406 N N    . ARG A 1 119 ? 5.712   4.256   16.304  1.00 21.88 ? 113  ARG A N    1 
ATOM   1407 C CA   . ARG A 1 119 ? 6.513   3.107   16.712  1.00 23.66 ? 113  ARG A CA   1 
ATOM   1408 C C    . ARG A 1 119 ? 7.939   3.562   17.006  1.00 23.67 ? 113  ARG A C    1 
ATOM   1409 O O    . ARG A 1 119 ? 8.570   3.114   17.973  1.00 26.02 ? 113  ARG A O    1 
ATOM   1410 C CB   . ARG A 1 119 ? 6.515   2.032   15.622  1.00 25.56 ? 113  ARG A CB   1 
ATOM   1411 C CG   . ARG A 1 119 ? 5.605   0.855   15.888  1.00 48.26 ? 113  ARG A CG   1 
ATOM   1412 C CD   . ARG A 1 119 ? 6.399   -0.439  16.030  1.00 61.62 ? 113  ARG A CD   1 
ATOM   1413 N NE   . ARG A 1 119 ? 5.536   -1.612  15.913  1.00 75.34 ? 113  ARG A NE   1 
ATOM   1414 C CZ   . ARG A 1 119 ? 4.656   -1.995  16.836  1.00 75.02 ? 113  ARG A CZ   1 
ATOM   1415 N NH1  . ARG A 1 119 ? 4.511   -1.301  17.961  1.00 65.84 ? 113  ARG A NH1  1 
ATOM   1416 N NH2  . ARG A 1 119 ? 3.917   -3.078  16.629  1.00 71.97 ? 113  ARG A NH2  1 
ATOM   1417 H H    . ARG A 1 119 ? 5.373   4.187   15.517  1.00 26.25 ? 113  ARG A H    1 
ATOM   1418 H HA   . ARG A 1 119 ? 6.140   2.723   17.520  1.00 28.39 ? 113  ARG A HA   1 
ATOM   1419 H HB2  . ARG A 1 119 ? 6.232   2.437   14.787  1.00 30.68 ? 113  ARG A HB2  1 
ATOM   1420 H HB3  . ARG A 1 119 ? 7.417   1.689   15.528  1.00 30.68 ? 113  ARG A HB3  1 
ATOM   1421 H HG2  . ARG A 1 119 ? 5.118   1.006   16.713  1.00 57.91 ? 113  ARG A HG2  1 
ATOM   1422 H HG3  . ARG A 1 119 ? 4.987   0.754   15.147  1.00 57.91 ? 113  ARG A HG3  1 
ATOM   1423 H HD2  . ARG A 1 119 ? 7.067   -0.483  15.328  1.00 73.94 ? 113  ARG A HD2  1 
ATOM   1424 H HD3  . ARG A 1 119 ? 6.824   -0.459  16.900  1.00 73.94 ? 113  ARG A HD3  1 
ATOM   1425 H HE   . ARG A 1 119 ? 5.600   -2.088  15.201  1.00 90.41 ? 113  ARG A HE   1 
ATOM   1426 H HH11 . ARG A 1 119 ? 4.988   -0.598  18.099  1.00 79.00 ? 113  ARG A HH11 1 
ATOM   1427 H HH12 . ARG A 1 119 ? 3.941   -1.555  18.554  1.00 79.00 ? 113  ARG A HH12 1 
ATOM   1428 H HH21 . ARG A 1 119 ? 4.009   -3.529  15.903  1.00 86.36 ? 113  ARG A HH21 1 
ATOM   1429 H HH22 . ARG A 1 119 ? 3.348   -3.329  17.223  1.00 86.36 ? 113  ARG A HH22 1 
ATOM   1430 N N    . GLU A 1 120 ? 8.453   4.454   16.169  1.00 25.37 ? 114  GLU A N    1 
ATOM   1431 C CA   . GLU A 1 120 ? 9.778   5.021   16.391  1.00 24.75 ? 114  GLU A CA   1 
ATOM   1432 C C    . GLU A 1 120 ? 9.790   5.832   17.694  1.00 25.01 ? 114  GLU A C    1 
ATOM   1433 O O    . GLU A 1 120 ? 10.719  5.713   18.489  1.00 23.47 ? 114  GLU A O    1 
ATOM   1434 C CB   . GLU A 1 120 ? 10.214  5.881   15.195  1.00 22.41 ? 114  GLU A CB   1 
ATOM   1435 C CG   . GLU A 1 120 ? 10.593  5.048   13.949  1.00 30.04 ? 114  GLU A CG   1 
ATOM   1436 C CD   . GLU A 1 120 ? 10.818  5.881   12.671  1.00 44.40 ? 114  GLU A CD   1 
ATOM   1437 O OE1  . GLU A 1 120 ? 10.419  7.066   12.617  1.00 45.58 ? 114  GLU A OE1  1 
ATOM   1438 O OE2  . GLU A 1 120 ? 11.396  5.339   11.703  1.00 50.91 ? 114  GLU A OE2  1 
ATOM   1439 H H    . GLU A 1 120 ? 8.055   4.749   15.466  1.00 30.45 ? 114  GLU A H    1 
ATOM   1440 H HA   . GLU A 1 120 ? 10.416  4.297   16.486  1.00 29.70 ? 114  GLU A HA   1 
ATOM   1441 H HB2  . GLU A 1 120 ? 9.483   6.470   14.948  1.00 26.89 ? 114  GLU A HB2  1 
ATOM   1442 H HB3  . GLU A 1 120 ? 10.988  6.405   15.451  1.00 26.89 ? 114  GLU A HB3  1 
ATOM   1443 H HG2  . GLU A 1 120 ? 11.414  4.567   14.135  1.00 36.04 ? 114  GLU A HG2  1 
ATOM   1444 H HG3  . GLU A 1 120 ? 9.879   4.417   13.768  1.00 36.04 ? 114  GLU A HG3  1 
ATOM   1445 N N    . GLU A 1 121 ? 8.756   6.638   17.923  1.00 22.39 ? 115  GLU A N    1 
ATOM   1446 C CA   . GLU A 1 121 ? 8.658   7.424   19.155  1.00 19.14 ? 115  GLU A CA   1 
ATOM   1447 C C    . GLU A 1 121 ? 8.649   6.524   20.378  1.00 19.89 ? 115  GLU A C    1 
ATOM   1448 O O    . GLU A 1 121 ? 9.332   6.795   21.373  1.00 23.27 ? 115  GLU A O    1 
ATOM   1449 C CB   . GLU A 1 121 ? 7.399   8.298   19.158  1.00 20.20 ? 115  GLU A CB   1 
ATOM   1450 C CG   . GLU A 1 121 ? 7.415   9.450   18.176  1.00 23.21 ? 115  GLU A CG   1 
ATOM   1451 C CD   . GLU A 1 121 ? 8.435   10.529  18.517  1.00 31.97 ? 115  GLU A CD   1 
ATOM   1452 O OE1  . GLU A 1 121 ? 8.850   10.620  19.688  1.00 28.40 ? 115  GLU A OE1  1 
ATOM   1453 O OE2  . GLU A 1 121 ? 8.807   11.293  17.605  1.00 40.12 ? 115  GLU A OE2  1 
ATOM   1454 H H    . GLU A 1 121 ? 8.097   6.749   17.382  1.00 26.87 ? 115  GLU A H    1 
ATOM   1455 H HA   . GLU A 1 121 ? 9.429   8.010   19.218  1.00 22.97 ? 115  GLU A HA   1 
ATOM   1456 H HB2  . GLU A 1 121 ? 6.636   7.739   18.942  1.00 24.24 ? 115  GLU A HB2  1 
ATOM   1457 H HB3  . GLU A 1 121 ? 7.287   8.673   20.046  1.00 24.24 ? 115  GLU A HB3  1 
ATOM   1458 H HG2  . GLU A 1 121 ? 7.631   9.106   17.294  1.00 27.86 ? 115  GLU A HG2  1 
ATOM   1459 H HG3  . GLU A 1 121 ? 6.538   9.862   18.163  1.00 27.86 ? 115  GLU A HG3  1 
ATOM   1460 N N    . LEU A 1 122 ? 7.892   5.441   20.304  1.00 16.55 ? 116  LEU A N    1 
ATOM   1461 C CA   . LEU A 1 122 ? 7.835   4.478   21.401  1.00 17.72 ? 116  LEU A CA   1 
ATOM   1462 C C    . LEU A 1 122 ? 9.191   3.911   21.780  1.00 22.81 ? 116  LEU A C    1 
ATOM   1463 O O    . LEU A 1 122 ? 9.418   3.575   22.937  1.00 24.99 ? 116  LEU A O    1 
ATOM   1464 C CB   . LEU A 1 122 ? 6.914   3.314   21.039  1.00 22.57 ? 116  LEU A CB   1 
ATOM   1465 C CG   . LEU A 1 122 ? 5.422   3.628   21.045  1.00 25.94 ? 116  LEU A CG   1 
ATOM   1466 C CD1  . LEU A 1 122 ? 4.641   2.468   20.473  1.00 28.85 ? 116  LEU A CD1  1 
ATOM   1467 C CD2  . LEU A 1 122 ? 4.949   3.920   22.456  1.00 22.63 ? 116  LEU A CD2  1 
ATOM   1468 H HA   . LEU A 1 122 ? 7.467   4.917   22.185  1.00 21.26 ? 116  LEU A HA   1 
ATOM   1469 H HB2  . LEU A 1 122 ? 7.143   3.009   20.147  1.00 27.09 ? 116  LEU A HB2  1 
ATOM   1470 H HB3  . LEU A 1 122 ? 7.063   2.597   21.675  1.00 27.09 ? 116  LEU A HB3  1 
ATOM   1471 H HG   . LEU A 1 122 ? 5.255   4.411   20.497  1.00 31.13 ? 116  LEU A HG   1 
ATOM   1472 H HD11 . LEU A 1 122 ? 4.805   1.680   21.014  1.00 34.62 ? 116  LEU A HD11 1 
ATOM   1473 H HD12 . LEU A 1 122 ? 3.696   2.688   20.486  1.00 34.62 ? 116  LEU A HD12 1 
ATOM   1474 H HD13 . LEU A 1 122 ? 4.931   2.311   19.561  1.00 34.62 ? 116  LEU A HD13 1 
ATOM   1475 H HD21 . LEU A 1 122 ? 5.438   4.684   22.800  1.00 27.15 ? 116  LEU A HD21 1 
ATOM   1476 H HD22 . LEU A 1 122 ? 3.999   4.117   22.436  1.00 27.15 ? 116  LEU A HD22 1 
ATOM   1477 H HD23 . LEU A 1 122 ? 5.115   3.142   23.011  1.00 27.15 ? 116  LEU A HD23 1 
ATOM   1478 N N    . ASP A 1 123 ? 10.070  3.775   20.797  1.00 18.52 ? 117  ASP A N    1 
ATOM   1479 C CA   . ASP A 1 123 ? 11.371  3.141   21.023  1.00 23.07 ? 117  ASP A CA   1 
ATOM   1480 C C    . ASP A 1 123 ? 12.444  4.106   21.524  1.00 23.81 ? 117  ASP A C    1 
ATOM   1481 O O    . ASP A 1 123 ? 13.528  3.659   21.910  1.00 25.24 ? 117  ASP A O    1 
ATOM   1482 C CB   . ASP A 1 123 ? 11.868  2.477   19.737  1.00 27.43 ? 117  ASP A CB   1 
ATOM   1483 C CG   . ASP A 1 123 ? 13.090  1.601   19.965  1.00 40.65 ? 117  ASP A CG   1 
ATOM   1484 O OD1  . ASP A 1 123 ? 13.008  0.691   20.822  1.00 35.82 ? 117  ASP A OD1  1 
ATOM   1485 O OD2  . ASP A 1 123 ? 14.136  1.836   19.301  1.00 40.67 ? 117  ASP A OD2  1 
ATOM   1486 H H    . ASP A 1 123 ? 9.943   4.040   19.989  1.00 22.23 ? 117  ASP A H    1 
ATOM   1487 H HA   . ASP A 1 123 ? 11.266  2.446   21.693  1.00 27.69 ? 117  ASP A HA   1 
ATOM   1488 H HB2  . ASP A 1 123 ? 11.162  1.919   19.377  1.00 32.92 ? 117  ASP A HB2  1 
ATOM   1489 H HB3  . ASP A 1 123 ? 12.107  3.166   19.097  1.00 32.92 ? 117  ASP A HB3  1 
ATOM   1490 N N    . ARG A 1 124 ? 12.170  5.411   21.521  1.00 24.41 ? 118  ARG A N    1 
ATOM   1491 C CA   . ARG A 1 124 ? 13.210  6.388   21.851  1.00 25.40 ? 118  ARG A CA   1 
ATOM   1492 C C    . ARG A 1 124 ? 13.782  6.192   23.259  1.00 26.86 ? 118  ARG A C    1 
ATOM   1493 O O    . ARG A 1 124 ? 13.066  5.874   24.216  1.00 22.80 ? 118  ARG A O    1 
ATOM   1494 C CB   . ARG A 1 124 ? 12.700  7.823   21.731  1.00 20.19 ? 118  ARG A CB   1 
ATOM   1495 C CG   . ARG A 1 124 ? 12.534  8.333   20.311  1.00 23.73 ? 118  ARG A CG   1 
ATOM   1496 C CD   . ARG A 1 124 ? 11.816  9.670   20.309  1.00 27.12 ? 118  ARG A CD   1 
ATOM   1497 N NE   . ARG A 1 124 ? 12.574  10.724  20.984  1.00 23.95 ? 118  ARG A NE   1 
ATOM   1498 C CZ   . ARG A 1 124 ? 12.150  11.975  21.121  1.00 27.34 ? 118  ARG A CZ   1 
ATOM   1499 N NH1  . ARG A 1 124 ? 10.963  12.332  20.648  1.00 27.32 ? 118  ARG A NH1  1 
ATOM   1500 N NH2  . ARG A 1 124 ? 12.900  12.867  21.743  1.00 25.65 ? 118  ARG A NH2  1 
ATOM   1501 H H    . ARG A 1 124 ? 11.403  5.752   21.335  1.00 29.29 ? 118  ARG A H    1 
ATOM   1502 H HA   . ARG A 1 124 ? 13.941  6.285   21.221  1.00 30.48 ? 118  ARG A HA   1 
ATOM   1503 H HB2  . ARG A 1 124 ? 11.835  7.880   22.165  1.00 24.23 ? 118  ARG A HB2  1 
ATOM   1504 H HB3  . ARG A 1 124 ? 13.327  8.411   22.181  1.00 24.23 ? 118  ARG A HB3  1 
ATOM   1505 H HG2  . ARG A 1 124 ? 13.408  8.452   19.906  1.00 28.48 ? 118  ARG A HG2  1 
ATOM   1506 H HG3  . ARG A 1 124 ? 12.006  7.700   19.800  1.00 28.48 ? 118  ARG A HG3  1 
ATOM   1507 H HD2  . ARG A 1 124 ? 11.668  9.948   19.391  1.00 32.54 ? 118  ARG A HD2  1 
ATOM   1508 H HD3  . ARG A 1 124 ? 10.966  9.573   20.765  1.00 32.54 ? 118  ARG A HD3  1 
ATOM   1509 H HE   . ARG A 1 124 ? 13.316  10.507  21.360  1.00 28.74 ? 118  ARG A HE   1 
ATOM   1510 H HH11 . ARG A 1 124 ? 10.470  11.755  20.241  1.00 32.78 ? 118  ARG A HH11 1 
ATOM   1511 H HH12 . ARG A 1 124 ? 10.688  13.141  20.739  1.00 32.78 ? 118  ARG A HH12 1 
ATOM   1512 H HH21 . ARG A 1 124 ? 13.669  12.640  22.055  1.00 30.78 ? 118  ARG A HH21 1 
ATOM   1513 H HH22 . ARG A 1 124 ? 12.620  13.675  21.834  1.00 30.78 ? 118  ARG A HH22 1 
ATOM   1514 N N    . SER A 1 125 ? 15.088  6.377   23.374  1.00 20.67 ? 119  SER A N    1 
ATOM   1515 C CA   . SER A 1 125 ? 15.741  6.372   24.679  1.00 20.38 ? 119  SER A CA   1 
ATOM   1516 C C    . SER A 1 125 ? 16.147  7.801   25.043  1.00 23.51 ? 119  SER A C    1 
ATOM   1517 O O    . SER A 1 125 ? 16.535  8.072   26.174  1.00 23.27 ? 119  SER A O    1 
ATOM   1518 C CB   . SER A 1 125 ? 16.960  5.438   24.677  1.00 25.16 ? 119  SER A CB   1 
ATOM   1519 O OG   . SER A 1 125 ? 17.877  5.820   23.663  1.00 24.32 ? 119  SER A OG   1 
ATOM   1520 H H    . SER A 1 125 ? 15.623  6.508   22.713  1.00 24.80 ? 119  SER A H    1 
ATOM   1521 H HA   . SER A 1 125 ? 15.116  6.053   25.348  1.00 24.45 ? 119  SER A HA   1 
ATOM   1522 H HB2  . SER A 1 125 ? 17.402  5.491   25.540  1.00 30.20 ? 119  SER A HB2  1 
ATOM   1523 H HB3  . SER A 1 125 ? 16.663  4.529   24.511  1.00 30.20 ? 119  SER A HB3  1 
ATOM   1524 H HG   . SER A 1 125 ? 18.542  5.305   23.668  1.00 29.19 ? 119  SER A HG   1 
ATOM   1525 N N    . SER A 1 126 ? 16.074  8.706   24.074  1.00 26.58 ? 120  SER A N    1 
ATOM   1526 C CA   . SER A 1 126 ? 16.246  10.122  24.350  1.00 24.20 ? 120  SER A CA   1 
ATOM   1527 C C    . SER A 1 126 ? 15.469  10.928  23.332  1.00 29.29 ? 120  SER A C    1 
ATOM   1528 O O    . SER A 1 126 ? 15.285  12.128  23.503  1.00 28.47 ? 120  SER A O    1 
ATOM   1529 C CB   . SER A 1 126 ? 17.729  10.521  24.326  1.00 27.09 ? 120  SER A CB   1 
ATOM   1530 O OG   . SER A 1 126 ? 18.221  10.529  22.998  1.00 26.50 ? 120  SER A OG   1 
ATOM   1531 O OXT  . SER A 1 126 ? 14.999  10.392  22.321  1.00 30.89 ? 120  SER A OXT  1 
ATOM   1532 H H    . SER A 1 126 ? 15.925  8.523   23.248  1.00 31.90 ? 120  SER A H    1 
ATOM   1533 H HA   . SER A 1 126 ? 15.892  10.322  25.231  1.00 29.05 ? 120  SER A HA   1 
ATOM   1534 H HB2  . SER A 1 126 ? 17.824  11.410  24.704  1.00 32.51 ? 120  SER A HB2  1 
ATOM   1535 H HB3  . SER A 1 126 ? 18.238  9.882   24.849  1.00 32.51 ? 120  SER A HB3  1 
ATOM   1536 H HG   . SER A 1 126 ? 19.031  10.749  22.993  1.00 31.80 ? 120  SER A HG   1 
HETATM 1537 O O    . HOH B 2 .   ? -14.392 -3.959  -3.184  1.00 23.72 ? 2001 HOH A O    1 
HETATM 1538 O O    . HOH B 2 .   ? -11.089 -4.782  -11.568 1.00 35.51 ? 2002 HOH A O    1 
HETATM 1539 O O    . HOH B 2 .   ? -16.397 -1.185  -8.566  1.00 37.68 ? 2003 HOH A O    1 
HETATM 1540 O O    . HOH B 2 .   ? -11.861 -8.214  -11.476 1.00 41.83 ? 2004 HOH A O    1 
HETATM 1541 O O    . HOH B 2 .   ? -7.898  -5.529  -12.042 1.00 26.01 ? 2005 HOH A O    1 
HETATM 1542 O O    . HOH B 2 .   ? -6.066  -13.659 -9.082  1.00 29.14 ? 2006 HOH A O    1 
HETATM 1543 O O    . HOH B 2 .   ? -1.771  -9.580  -10.793 1.00 38.44 ? 2007 HOH A O    1 
HETATM 1544 O O    . HOH B 2 .   ? 10.935  -4.629  -11.238 1.00 25.67 ? 2008 HOH A O    1 
HETATM 1545 O O    . HOH B 2 .   ? 9.936   -8.171  -9.756  1.00 34.31 ? 2009 HOH A O    1 
HETATM 1546 O O    . HOH B 2 .   ? 6.317   -10.668 -13.415 1.00 48.78 ? 2010 HOH A O    1 
HETATM 1547 O O    . HOH B 2 .   ? 4.571   -11.989 -0.699  1.00 42.37 ? 2011 HOH A O    1 
HETATM 1548 O O    . HOH B 2 .   ? 6.463   -7.926  -0.908  1.00 32.13 ? 2012 HOH A O    1 
HETATM 1549 O O    . HOH B 2 .   ? 4.117   -12.642 -8.859  1.00 34.24 ? 2013 HOH A O    1 
HETATM 1550 O O    . HOH B 2 .   ? 2.679   -12.159 -4.212  1.00 39.66 ? 2014 HOH A O    1 
HETATM 1551 O O    . HOH B 2 .   ? 4.588   -10.565 -16.533 1.00 43.55 ? 2015 HOH A O    1 
HETATM 1552 O O    . HOH B 2 .   ? -0.216  -13.555 -6.798  1.00 42.86 ? 2016 HOH A O    1 
HETATM 1553 O O    . HOH B 2 .   ? -13.266 -8.396  -0.096  1.00 36.49 ? 2017 HOH A O    1 
HETATM 1554 O O    . HOH B 2 .   ? -2.598  -11.755 -8.383  1.00 31.08 ? 2018 HOH A O    1 
HETATM 1555 O O    . HOH B 2 .   ? -6.797  9.713   6.788   1.00 38.12 ? 2019 HOH A O    1 
HETATM 1556 O O    . HOH B 2 .   ? -10.349 9.766   -4.291  1.00 52.25 ? 2020 HOH A O    1 
HETATM 1557 O O    . HOH B 2 .   ? -11.855 -6.822  1.070   1.00 38.17 ? 2021 HOH A O    1 
HETATM 1558 O O    . HOH B 2 .   ? -13.559 6.128   -6.513  1.00 48.36 ? 2022 HOH A O    1 
HETATM 1559 O O    . HOH B 2 .   ? -6.705  2.141   1.686   1.00 19.15 ? 2023 HOH A O    1 
HETATM 1560 O O    A HOH B 2 .   ? -11.467 -2.318  4.317   0.64 30.30 ? 2024 HOH A O    1 
HETATM 1561 O O    B HOH B 2 .   ? -10.361 -3.947  3.593   0.36 18.05 ? 2024 HOH A O    1 
HETATM 1562 O O    . HOH B 2 .   ? -6.055  4.280   -0.209  1.00 19.83 ? 2025 HOH A O    1 
HETATM 1563 O O    . HOH B 2 .   ? -9.783  6.379   -1.369  1.00 25.67 ? 2026 HOH A O    1 
HETATM 1564 O O    . HOH B 2 .   ? -12.628 5.552   5.012   1.00 28.72 ? 2027 HOH A O    1 
HETATM 1565 O O    . HOH B 2 .   ? 4.477   5.227   -9.552  1.00 40.14 ? 2028 HOH A O    1 
HETATM 1566 O O    . HOH B 2 .   ? 11.548  -0.487  -1.348  1.00 44.62 ? 2029 HOH A O    1 
HETATM 1567 O O    . HOH B 2 .   ? 3.578   7.870   -9.506  1.00 42.10 ? 2030 HOH A O    1 
HETATM 1568 O O    . HOH B 2 .   ? 7.927   -8.782  3.998   1.00 53.58 ? 2031 HOH A O    1 
HETATM 1569 O O    . HOH B 2 .   ? -5.605  10.149  4.189   1.00 21.81 ? 2032 HOH A O    1 
HETATM 1570 O O    . HOH B 2 .   ? -3.356  10.177  1.526   1.00 33.38 ? 2033 HOH A O    1 
HETATM 1571 O O    . HOH B 2 .   ? -9.931  9.885   -1.757  1.00 30.53 ? 2034 HOH A O    1 
HETATM 1572 O O    . HOH B 2 .   ? -5.560  10.760  -4.312  1.00 37.25 ? 2035 HOH A O    1 
HETATM 1573 O O    . HOH B 2 .   ? -11.071 12.406  -0.978  1.00 45.92 ? 2036 HOH A O    1 
HETATM 1574 O O    . HOH B 2 .   ? -6.369  12.763  3.734   1.00 43.22 ? 2037 HOH A O    1 
HETATM 1575 O O    . HOH B 2 .   ? -1.984  7.391   -8.466  1.00 36.50 ? 2038 HOH A O    1 
HETATM 1576 O O    . HOH B 2 .   ? -11.481 -3.149  10.167  1.00 44.12 ? 2039 HOH A O    1 
HETATM 1577 O O    . HOH B 2 .   ? -14.114 -2.608  6.781   1.00 39.38 ? 2040 HOH A O    1 
HETATM 1578 O O    . HOH B 2 .   ? -10.872 6.058   -5.906  1.00 34.04 ? 2041 HOH A O    1 
HETATM 1579 O O    . HOH B 2 .   ? -7.846  10.975  -5.408  1.00 48.43 ? 2042 HOH A O    1 
HETATM 1580 O O    . HOH B 2 .   ? -3.525  8.631   -10.109 1.00 49.63 ? 2043 HOH A O    1 
HETATM 1581 O O    . HOH B 2 .   ? 3.701   11.065  4.704   1.00 47.70 ? 2044 HOH A O    1 
HETATM 1582 O O    . HOH B 2 .   ? -1.064  2.145   -13.510 1.00 28.81 ? 2045 HOH A O    1 
HETATM 1583 O O    . HOH B 2 .   ? 3.135   12.297  -1.547  1.00 49.31 ? 2046 HOH A O    1 
HETATM 1584 O O    . HOH B 2 .   ? 1.223   -2.397  -21.311 1.00 28.54 ? 2047 HOH A O    1 
HETATM 1585 O O    . HOH B 2 .   ? 1.161   11.167  5.847   1.00 41.87 ? 2048 HOH A O    1 
HETATM 1586 O O    . HOH B 2 .   ? 5.439   10.875  15.339  1.00 44.55 ? 2049 HOH A O    1 
HETATM 1587 O O    . HOH B 2 .   ? 13.983  7.903   16.777  1.00 43.90 ? 2050 HOH A O    1 
HETATM 1588 O O    . HOH B 2 .   ? 0.786   3.221   -11.389 1.00 37.69 ? 2051 HOH A O    1 
HETATM 1589 O O    . HOH B 2 .   ? 3.189   3.523   -11.230 1.00 29.12 ? 2052 HOH A O    1 
HETATM 1590 O O    . HOH B 2 .   ? 7.246   4.937   -10.256 1.00 30.48 ? 2053 HOH A O    1 
HETATM 1591 O O    . HOH B 2 .   ? 9.637   -2.187  -1.772  1.00 32.01 ? 2054 HOH A O    1 
HETATM 1592 O O    . HOH B 2 .   ? 6.062   -0.622  -3.465  1.00 22.46 ? 2055 HOH A O    1 
HETATM 1593 O O    . HOH B 2 .   ? 13.327  -0.006  -3.322  1.00 45.61 ? 2056 HOH A O    1 
HETATM 1594 O O    . HOH B 2 .   ? 7.591   -9.570  1.186   1.00 50.31 ? 2057 HOH A O    1 
HETATM 1595 O O    . HOH B 2 .   ? 10.163  -9.094  0.101   1.00 39.94 ? 2058 HOH A O    1 
HETATM 1596 O O    . HOH B 2 .   ? 2.111   -5.443  7.434   1.00 36.68 ? 2059 HOH A O    1 
HETATM 1597 O O    . HOH B 2 .   ? -0.365  -6.828  8.573   1.00 32.78 ? 2060 HOH A O    1 
HETATM 1598 O O    . HOH B 2 .   ? -3.722  -10.829 5.019   1.00 32.15 ? 2061 HOH A O    1 
HETATM 1599 O O    . HOH B 2 .   ? -10.486 -4.864  8.102   1.00 30.69 ? 2062 HOH A O    1 
HETATM 1600 O O    . HOH B 2 .   ? -9.768  -7.491  8.844   1.00 42.26 ? 2063 HOH A O    1 
HETATM 1601 O O    . HOH B 2 .   ? -9.923  -6.303  4.931   1.00 36.99 ? 2064 HOH A O    1 
HETATM 1602 O O    . HOH B 2 .   ? -0.585  -11.140 -0.309  1.00 27.05 ? 2065 HOH A O    1 
HETATM 1603 O O    . HOH B 2 .   ? -1.888  -7.972  10.669  1.00 39.00 ? 2066 HOH A O    1 
HETATM 1604 O O    . HOH B 2 .   ? -6.188  0.876   11.340  1.00 35.61 ? 2067 HOH A O    1 
HETATM 1605 O O    . HOH B 2 .   ? -1.114  -2.589  14.516  1.00 38.71 ? 2069 HOH A O    1 
HETATM 1606 O O    . HOH B 2 .   ? -6.986  -3.969  17.055  1.00 46.53 ? 2070 HOH A O    1 
HETATM 1607 O O    . HOH B 2 .   ? 10.965  2.373   0.260   1.00 44.65 ? 2071 HOH A O    1 
HETATM 1608 O O    . HOH B 2 .   ? 8.818   8.018   0.135   1.00 40.32 ? 2072 HOH A O    1 
HETATM 1609 O O    . HOH B 2 .   ? 2.729   10.977  1.874   1.00 40.11 ? 2073 HOH A O    1 
HETATM 1610 O O    . HOH B 2 .   ? 9.964   10.258  8.397   1.00 54.29 ? 2074 HOH A O    1 
HETATM 1611 O O    . HOH B 2 .   ? 3.738   10.405  -3.180  1.00 44.58 ? 2075 HOH A O    1 
HETATM 1612 O O    . HOH B 2 .   ? -0.621  10.791  4.086   1.00 37.66 ? 2076 HOH A O    1 
HETATM 1613 O O    . HOH B 2 .   ? 0.473   10.404  8.640   1.00 30.18 ? 2077 HOH A O    1 
HETATM 1614 O O    . HOH B 2 .   ? -5.179  8.864   8.952   1.00 31.76 ? 2078 HOH A O    1 
HETATM 1615 O O    . HOH B 2 .   ? -1.411  11.828  10.432  1.00 43.77 ? 2079 HOH A O    1 
HETATM 1616 O O    . HOH B 2 .   ? 2.573   2.306   16.551  1.00 35.81 ? 2080 HOH A O    1 
HETATM 1617 O O    . HOH B 2 .   ? 0.400   0.709   15.390  1.00 36.55 ? 2081 HOH A O    1 
HETATM 1618 O O    . HOH B 2 .   ? 8.566   2.157   12.461  1.00 31.20 ? 2082 HOH A O    1 
HETATM 1619 O O    . HOH B 2 .   ? 7.872   10.693  15.092  1.00 33.79 ? 2083 HOH A O    1 
HETATM 1620 O O    . HOH B 2 .   ? 3.313   10.826  13.921  1.00 39.08 ? 2084 HOH A O    1 
HETATM 1621 O O    . HOH B 2 .   ? 2.165   11.258  10.477  1.00 42.09 ? 2085 HOH A O    1 
HETATM 1622 O O    . HOH B 2 .   ? 11.017  1.366   16.376  1.00 32.82 ? 2086 HOH A O    1 
HETATM 1623 O O    . HOH B 2 .   ? 13.390  5.410   17.601  1.00 32.26 ? 2087 HOH A O    1 
HETATM 1624 O O    . HOH B 2 .   ? 11.055  8.221   10.478  1.00 47.68 ? 2088 HOH A O    1 
HETATM 1625 O O    . HOH B 2 .   ? 13.945  5.837   13.302  1.00 52.89 ? 2089 HOH A O    1 
HETATM 1626 O O    . HOH B 2 .   ? 8.311   13.951  17.484  1.00 51.80 ? 2090 HOH A O    1 
HETATM 1627 O O    . HOH B 2 .   ? 15.308  4.655   19.323  1.00 28.73 ? 2091 HOH A O    1 
HETATM 1628 O O    . HOH B 2 .   ? 13.526  2.995   16.407  1.00 34.64 ? 2092 HOH A O    1 
HETATM 1629 O O    . HOH B 2 .   ? 15.642  -1.564  21.299  1.00 43.58 ? 2093 HOH A O    1 
HETATM 1630 O O    . HOH B 2 .   ? 16.439  6.706   20.809  1.00 21.35 ? 2094 HOH A O    1 
HETATM 1631 O O    . HOH B 2 .   ? 16.601  9.605   19.826  1.00 35.91 ? 2095 HOH A O    1 
HETATM 1632 O O    . HOH B 2 .   ? 15.895  13.794  25.194  1.00 43.38 ? 2096 HOH A O    1 
HETATM 1633 O O    . HOH B 2 .   ? 16.610  13.635  20.542  1.00 50.61 ? 2097 HOH A O    1 
HETATM 1634 O O    . HOH B 2 .   ? 19.116  10.705  19.475  1.00 30.71 ? 2098 HOH A O    1 
HETATM 1635 O O    . HOH B 2 .   ? 18.605  13.062  21.763  1.00 35.84 ? 2099 HOH A O    1 
# 
loop_
_pdbx_poly_seq_scheme.asym_id 
_pdbx_poly_seq_scheme.entity_id 
_pdbx_poly_seq_scheme.seq_id 
_pdbx_poly_seq_scheme.mon_id 
_pdbx_poly_seq_scheme.ndb_seq_num 
_pdbx_poly_seq_scheme.pdb_seq_num 
_pdbx_poly_seq_scheme.auth_seq_num 
_pdbx_poly_seq_scheme.pdb_mon_id 
_pdbx_poly_seq_scheme.auth_mon_id 
_pdbx_poly_seq_scheme.pdb_strand_id 
_pdbx_poly_seq_scheme.pdb_ins_code 
_pdbx_poly_seq_scheme.hetero 
A 1 1   MET 1   -5  ?   ?   ?   A . n 
A 1 2   HIS 2   -4  ?   ?   ?   A . n 
A 1 3   HIS 3   -3  ?   ?   ?   A . n 
A 1 4   HIS 4   -2  ?   ?   ?   A . n 
A 1 5   HIS 5   -1  ?   ?   ?   A . n 
A 1 6   HIS 6   0   ?   ?   ?   A . n 
A 1 7   HIS 7   1   ?   ?   ?   A . n 
A 1 8   SER 8   2   ?   ?   ?   A . n 
A 1 9   SER 9   3   ?   ?   ?   A . n 
A 1 10  GLY 10  4   ?   ?   ?   A . n 
A 1 11  VAL 11  5   ?   ?   ?   A . n 
A 1 12  ASP 12  6   ?   ?   ?   A . n 
A 1 13  LEU 13  7   ?   ?   ?   A . n 
A 1 14  GLY 14  8   ?   ?   ?   A . n 
A 1 15  THR 15  9   ?   ?   ?   A . n 
A 1 16  GLU 16  10  ?   ?   ?   A . n 
A 1 17  ASN 17  11  ?   ?   ?   A . n 
A 1 18  LEU 18  12  ?   ?   ?   A . n 
A 1 19  TYR 19  13  ?   ?   ?   A . n 
A 1 20  PHE 20  14  ?   ?   ?   A . n 
A 1 21  GLN 21  15  ?   ?   ?   A . n 
A 1 22  SER 22  16  ?   ?   ?   A . n 
A 1 23  MET 23  17  17  MET MET A . n 
A 1 24  GLY 24  18  18  GLY GLY A . n 
A 1 25  GLU 25  19  19  GLU GLU A . n 
A 1 26  VAL 26  20  20  VAL VAL A . n 
A 1 27  ILE 27  21  21  ILE ILE A . n 
A 1 28  HIS 28  22  22  HIS HIS A . n 
A 1 29  LEU 29  23  23  LEU LEU A . n 
A 1 30  ASN 30  24  24  ASN ASN A . n 
A 1 31  VAL 31  25  25  VAL VAL A . n 
A 1 32  GLY 32  26  26  GLY GLY A . n 
A 1 33  GLY 33  27  27  GLY GLY A . n 
A 1 34  LYS 34  28  28  LYS LYS A . n 
A 1 35  ARG 35  29  29  ARG ARG A . n 
A 1 36  PHE 36  30  30  PHE PHE A . n 
A 1 37  SER 37  31  31  SER SER A . n 
A 1 38  THR 38  32  32  THR THR A . n 
A 1 39  SER 39  33  33  SER SER A . n 
A 1 40  ARG 40  34  34  ARG ARG A . n 
A 1 41  GLN 41  35  35  GLN GLN A . n 
A 1 42  THR 42  36  36  THR THR A . n 
A 1 43  LEU 43  37  37  LEU LEU A . n 
A 1 44  THR 44  38  38  THR THR A . n 
A 1 45  TRP 45  39  39  TRP TRP A . n 
A 1 46  ILE 46  40  40  ILE ILE A . n 
A 1 47  PRO 47  41  41  PRO PRO A . n 
A 1 48  ASP 48  42  42  ASP ASP A . n 
A 1 49  SER 49  43  43  SER SER A . n 
A 1 50  PHE 50  44  44  PHE PHE A . n 
A 1 51  PHE 51  45  45  PHE PHE A . n 
A 1 52  SER 52  46  46  SER SER A . n 
A 1 53  SER 53  47  47  SER SER A . n 
A 1 54  LEU 54  48  48  LEU LEU A . n 
A 1 55  LEU 55  49  49  LEU LEU A . n 
A 1 56  SER 56  50  50  SER SER A . n 
A 1 57  GLY 57  51  ?   ?   ?   A . n 
A 1 58  ARG 58  52  ?   ?   ?   A . n 
A 1 59  ILE 59  53  ?   ?   ?   A . n 
A 1 60  SER 60  54  ?   ?   ?   A . n 
A 1 61  THR 61  55  55  THR THR A . n 
A 1 62  LEU 62  56  56  LEU LEU A . n 
A 1 63  LYS 63  57  57  LYS LYS A . n 
A 1 64  ASP 64  58  58  ASP ASP A . n 
A 1 65  GLU 65  59  59  GLU GLU A . n 
A 1 66  THR 66  60  60  THR THR A . n 
A 1 67  GLY 67  61  61  GLY GLY A . n 
A 1 68  ALA 68  62  62  ALA ALA A . n 
A 1 69  ILE 69  63  63  ILE ILE A . n 
A 1 70  PHE 70  64  64  PHE PHE A . n 
A 1 71  ILE 71  65  65  ILE ILE A . n 
A 1 72  ASP 72  66  66  ASP ASP A . n 
A 1 73  ARG 73  67  67  ARG ARG A . n 
A 1 74  ASP 74  68  68  ASP ASP A . n 
A 1 75  PRO 75  69  69  PRO PRO A . n 
A 1 76  THR 76  70  70  THR THR A . n 
A 1 77  VAL 77  71  71  VAL VAL A . n 
A 1 78  PHE 78  72  72  PHE PHE A . n 
A 1 79  ALA 79  73  73  ALA ALA A . n 
A 1 80  PRO 80  74  74  PRO PRO A . n 
A 1 81  ILE 81  75  75  ILE ILE A . n 
A 1 82  LEU 82  76  76  LEU LEU A . n 
A 1 83  ASN 83  77  77  ASN ASN A . n 
A 1 84  PHE 84  78  78  PHE PHE A . n 
A 1 85  LEU 85  79  79  LEU LEU A . n 
A 1 86  ARG 86  80  80  ARG ARG A . n 
A 1 87  THR 87  81  81  THR THR A . n 
A 1 88  LYS 88  82  82  LYS LYS A . n 
A 1 89  GLU 89  83  83  GLU GLU A . n 
A 1 90  LEU 90  84  84  LEU LEU A . n 
A 1 91  ASP 91  85  85  ASP ASP A . n 
A 1 92  PRO 92  86  ?   ?   ?   A . n 
A 1 93  ARG 93  87  ?   ?   ?   A . n 
A 1 94  GLY 94  88  ?   ?   ?   A . n 
A 1 95  VAL 95  89  ?   ?   ?   A . n 
A 1 96  HIS 96  90  ?   ?   ?   A . n 
A 1 97  GLY 97  91  ?   ?   ?   A . n 
A 1 98  SER 98  92  92  SER SER A . n 
A 1 99  SER 99  93  93  SER SER A . n 
A 1 100 LEU 100 94  94  LEU LEU A . n 
A 1 101 LEU 101 95  95  LEU LEU A . n 
A 1 102 HIS 102 96  96  HIS HIS A . n 
A 1 103 GLU 103 97  97  GLU GLU A . n 
A 1 104 ALA 104 98  98  ALA ALA A . n 
A 1 105 GLN 105 99  99  GLN GLN A . n 
A 1 106 PHE 106 100 100 PHE PHE A . n 
A 1 107 TYR 107 101 101 TYR TYR A . n 
A 1 108 GLY 108 102 102 GLY GLY A . n 
A 1 109 LEU 109 103 103 LEU LEU A . n 
A 1 110 THR 110 104 104 THR THR A . n 
A 1 111 PRO 111 105 105 PRO PRO A . n 
A 1 112 LEU 112 106 106 LEU LEU A . n 
A 1 113 VAL 113 107 107 VAL VAL A . n 
A 1 114 ARG 114 108 108 ARG ARG A . n 
A 1 115 ARG 115 109 109 ARG ARG A . n 
A 1 116 LEU 116 110 110 LEU LEU A . n 
A 1 117 GLN 117 111 111 GLN GLN A . n 
A 1 118 LEU 118 112 112 LEU LEU A . n 
A 1 119 ARG 119 113 113 ARG ARG A . n 
A 1 120 GLU 120 114 114 GLU GLU A . n 
A 1 121 GLU 121 115 115 GLU GLU A . n 
A 1 122 LEU 122 116 116 LEU LEU A . n 
A 1 123 ASP 123 117 117 ASP ASP A . n 
A 1 124 ARG 124 118 118 ARG ARG A . n 
A 1 125 SER 125 119 119 SER SER A . n 
A 1 126 SER 126 120 120 SER SER A . n 
# 
loop_
_pdbx_nonpoly_scheme.asym_id 
_pdbx_nonpoly_scheme.entity_id 
_pdbx_nonpoly_scheme.mon_id 
_pdbx_nonpoly_scheme.ndb_seq_num 
_pdbx_nonpoly_scheme.pdb_seq_num 
_pdbx_nonpoly_scheme.auth_seq_num 
_pdbx_nonpoly_scheme.pdb_mon_id 
_pdbx_nonpoly_scheme.auth_mon_id 
_pdbx_nonpoly_scheme.pdb_strand_id 
_pdbx_nonpoly_scheme.pdb_ins_code 
B 2 HOH 1  2001 2001 HOH HOH A . 
B 2 HOH 2  2002 2002 HOH HOH A . 
B 2 HOH 3  2003 2003 HOH HOH A . 
B 2 HOH 4  2004 2004 HOH HOH A . 
B 2 HOH 5  2005 2005 HOH HOH A . 
B 2 HOH 6  2006 2006 HOH HOH A . 
B 2 HOH 7  2007 2007 HOH HOH A . 
B 2 HOH 8  2008 2008 HOH HOH A . 
B 2 HOH 9  2009 2009 HOH HOH A . 
B 2 HOH 10 2010 2010 HOH HOH A . 
B 2 HOH 11 2011 2011 HOH HOH A . 
B 2 HOH 12 2012 2012 HOH HOH A . 
B 2 HOH 13 2013 2013 HOH HOH A . 
B 2 HOH 14 2014 2014 HOH HOH A . 
B 2 HOH 15 2015 2015 HOH HOH A . 
B 2 HOH 16 2016 2016 HOH HOH A . 
B 2 HOH 17 2017 2017 HOH HOH A . 
B 2 HOH 18 2018 2018 HOH HOH A . 
B 2 HOH 19 2019 2019 HOH HOH A . 
B 2 HOH 20 2020 2020 HOH HOH A . 
B 2 HOH 21 2021 2021 HOH HOH A . 
B 2 HOH 22 2022 2022 HOH HOH A . 
B 2 HOH 23 2023 2023 HOH HOH A . 
B 2 HOH 24 2024 2024 HOH HOH A . 
B 2 HOH 25 2025 2025 HOH HOH A . 
B 2 HOH 26 2026 2026 HOH HOH A . 
B 2 HOH 27 2027 2027 HOH HOH A . 
B 2 HOH 28 2028 2028 HOH HOH A . 
B 2 HOH 29 2029 2029 HOH HOH A . 
B 2 HOH 30 2030 2030 HOH HOH A . 
B 2 HOH 31 2031 2031 HOH HOH A . 
B 2 HOH 32 2032 2032 HOH HOH A . 
B 2 HOH 33 2033 2033 HOH HOH A . 
B 2 HOH 34 2034 2034 HOH HOH A . 
B 2 HOH 35 2035 2035 HOH HOH A . 
B 2 HOH 36 2036 2036 HOH HOH A . 
B 2 HOH 37 2037 2037 HOH HOH A . 
B 2 HOH 38 2038 2038 HOH HOH A . 
B 2 HOH 39 2039 2039 HOH HOH A . 
B 2 HOH 40 2040 2040 HOH HOH A . 
B 2 HOH 41 2041 2041 HOH HOH A . 
B 2 HOH 42 2042 2042 HOH HOH A . 
B 2 HOH 43 2043 2043 HOH HOH A . 
B 2 HOH 44 2044 2044 HOH HOH A . 
B 2 HOH 45 2045 2045 HOH HOH A . 
B 2 HOH 46 2046 2046 HOH HOH A . 
B 2 HOH 47 2047 2047 HOH HOH A . 
B 2 HOH 48 2048 2048 HOH HOH A . 
B 2 HOH 49 2049 2049 HOH HOH A . 
B 2 HOH 50 2050 2050 HOH HOH A . 
B 2 HOH 51 2051 2051 HOH HOH A . 
B 2 HOH 52 2052 2052 HOH HOH A . 
B 2 HOH 53 2053 2053 HOH HOH A . 
B 2 HOH 54 2054 2054 HOH HOH A . 
B 2 HOH 55 2055 2055 HOH HOH A . 
B 2 HOH 56 2056 2056 HOH HOH A . 
B 2 HOH 57 2057 2057 HOH HOH A . 
B 2 HOH 58 2058 2058 HOH HOH A . 
B 2 HOH 59 2059 2059 HOH HOH A . 
B 2 HOH 60 2060 2060 HOH HOH A . 
B 2 HOH 61 2061 2061 HOH HOH A . 
B 2 HOH 62 2062 2062 HOH HOH A . 
B 2 HOH 63 2063 2063 HOH HOH A . 
B 2 HOH 64 2064 2064 HOH HOH A . 
B 2 HOH 65 2065 2065 HOH HOH A . 
B 2 HOH 66 2066 2066 HOH HOH A . 
B 2 HOH 67 2067 2067 HOH HOH A . 
B 2 HOH 68 2069 2069 HOH HOH A . 
B 2 HOH 69 2070 2070 HOH HOH A . 
B 2 HOH 70 2071 2071 HOH HOH A . 
B 2 HOH 71 2072 2072 HOH HOH A . 
B 2 HOH 72 2073 2073 HOH HOH A . 
B 2 HOH 73 2074 2074 HOH HOH A . 
B 2 HOH 74 2075 2075 HOH HOH A . 
B 2 HOH 75 2076 2076 HOH HOH A . 
B 2 HOH 76 2077 2077 HOH HOH A . 
B 2 HOH 77 2078 2078 HOH HOH A . 
B 2 HOH 78 2079 2079 HOH HOH A . 
B 2 HOH 79 2080 2080 HOH HOH A . 
B 2 HOH 80 2081 2081 HOH HOH A . 
B 2 HOH 81 2082 2082 HOH HOH A . 
B 2 HOH 82 2083 2083 HOH HOH A . 
B 2 HOH 83 2084 2084 HOH HOH A . 
B 2 HOH 84 2085 2085 HOH HOH A . 
B 2 HOH 85 2086 2086 HOH HOH A . 
B 2 HOH 86 2087 2087 HOH HOH A . 
B 2 HOH 87 2088 2088 HOH HOH A . 
B 2 HOH 88 2089 2089 HOH HOH A . 
B 2 HOH 89 2090 2090 HOH HOH A . 
B 2 HOH 90 2091 2091 HOH HOH A . 
B 2 HOH 91 2092 2092 HOH HOH A . 
B 2 HOH 92 2093 2093 HOH HOH A . 
B 2 HOH 93 2094 2094 HOH HOH A . 
B 2 HOH 94 2095 2095 HOH HOH A . 
B 2 HOH 95 2096 2096 HOH HOH A . 
B 2 HOH 96 2097 2097 HOH HOH A . 
B 2 HOH 97 2098 2098 HOH HOH A . 
B 2 HOH 98 2099 2099 HOH HOH A . 
# 
_pdbx_struct_assembly.id                   1 
_pdbx_struct_assembly.details              author_and_software_defined_assembly 
_pdbx_struct_assembly.method_details       PISA 
_pdbx_struct_assembly.oligomeric_details   monomeric 
_pdbx_struct_assembly.oligomeric_count     1 
# 
_pdbx_struct_assembly_gen.assembly_id       1 
_pdbx_struct_assembly_gen.oper_expression   1 
_pdbx_struct_assembly_gen.asym_id_list      A,B 
# 
_pdbx_struct_oper_list.id                   1 
_pdbx_struct_oper_list.type                 'identity operation' 
_pdbx_struct_oper_list.name                 1_555 
_pdbx_struct_oper_list.symmetry_operation   x,y,z 
_pdbx_struct_oper_list.matrix[1][1]         1.0000000000 
_pdbx_struct_oper_list.matrix[1][2]         0.0000000000 
_pdbx_struct_oper_list.matrix[1][3]         0.0000000000 
_pdbx_struct_oper_list.vector[1]            0.0000000000 
_pdbx_struct_oper_list.matrix[2][1]         0.0000000000 
_pdbx_struct_oper_list.matrix[2][2]         1.0000000000 
_pdbx_struct_oper_list.matrix[2][3]         0.0000000000 
_pdbx_struct_oper_list.vector[2]            0.0000000000 
_pdbx_struct_oper_list.matrix[3][1]         0.0000000000 
_pdbx_struct_oper_list.matrix[3][2]         0.0000000000 
_pdbx_struct_oper_list.matrix[3][3]         1.0000000000 
_pdbx_struct_oper_list.vector[3]            0.0000000000 
# 
loop_
_pdbx_audit_revision_history.ordinal 
_pdbx_audit_revision_history.data_content_type 
_pdbx_audit_revision_history.major_revision 
_pdbx_audit_revision_history.minor_revision 
_pdbx_audit_revision_history.revision_date 
1 'Structure model' 1 0 2014-03-12 
2 'Structure model' 1 1 2014-03-26 
3 'Structure model' 1 2 2017-12-06 
4 'Structure model' 1 3 2023-12-20 
# 
_pdbx_audit_revision_details.ordinal             1 
_pdbx_audit_revision_details.revision_ordinal    1 
_pdbx_audit_revision_details.data_content_type   'Structure model' 
_pdbx_audit_revision_details.provider            repository 
_pdbx_audit_revision_details.type                'Initial release' 
_pdbx_audit_revision_details.description         ? 
_pdbx_audit_revision_details.details             ? 
# 
loop_
_pdbx_audit_revision_group.ordinal 
_pdbx_audit_revision_group.revision_ordinal 
_pdbx_audit_revision_group.data_content_type 
_pdbx_audit_revision_group.group 
1 2 'Structure model' 'Atomic model'           
2 3 'Structure model' 'Database references'    
3 4 'Structure model' 'Data collection'        
4 4 'Structure model' 'Database references'    
5 4 'Structure model' Other                    
6 4 'Structure model' 'Refinement description' 
# 
loop_
_pdbx_audit_revision_category.ordinal 
_pdbx_audit_revision_category.revision_ordinal 
_pdbx_audit_revision_category.data_content_type 
_pdbx_audit_revision_category.category 
1 3 'Structure model' citation                      
2 3 'Structure model' citation_author               
3 4 'Structure model' chem_comp_atom                
4 4 'Structure model' chem_comp_bond                
5 4 'Structure model' database_2                    
6 4 'Structure model' pdbx_database_status          
7 4 'Structure model' pdbx_initial_refinement_model 
# 
loop_
_pdbx_audit_revision_item.ordinal 
_pdbx_audit_revision_item.revision_ordinal 
_pdbx_audit_revision_item.data_content_type 
_pdbx_audit_revision_item.item 
1  3 'Structure model' '_citation.country'                    
2  3 'Structure model' '_citation.journal_abbrev'             
3  3 'Structure model' '_citation.journal_id_ASTM'            
4  3 'Structure model' '_citation.journal_id_CSD'             
5  3 'Structure model' '_citation.journal_id_ISSN'            
6  3 'Structure model' '_citation.journal_volume'             
7  3 'Structure model' '_citation.page_first'                 
8  3 'Structure model' '_citation.page_last'                  
9  3 'Structure model' '_citation.pdbx_database_id_DOI'       
10 3 'Structure model' '_citation.pdbx_database_id_PubMed'    
11 3 'Structure model' '_citation.title'                      
12 3 'Structure model' '_citation.year'                       
13 4 'Structure model' '_database_2.pdbx_DOI'                 
14 4 'Structure model' '_database_2.pdbx_database_accession'  
15 4 'Structure model' '_pdbx_database_status.status_code_sf' 
# 
loop_
_software.name 
_software.classification 
_software.version 
_software.citation_id 
_software.pdbx_ordinal 
PHENIX  refinement       '(PHENIX.REFINE)' ? 1 
XDS     'data reduction' .                 ? 2 
Aimless 'data scaling'   .                 ? 3 
PHASER  phasing          .                 ? 4 
# 
_pdbx_distant_solvent_atoms.id                                1 
_pdbx_distant_solvent_atoms.PDB_model_num                     1 
_pdbx_distant_solvent_atoms.auth_atom_id                      O 
_pdbx_distant_solvent_atoms.label_alt_id                      ? 
_pdbx_distant_solvent_atoms.auth_asym_id                      A 
_pdbx_distant_solvent_atoms.auth_comp_id                      HOH 
_pdbx_distant_solvent_atoms.auth_seq_id                       2030 
_pdbx_distant_solvent_atoms.PDB_ins_code                      ? 
_pdbx_distant_solvent_atoms.neighbor_macromolecule_distance   6.24 
_pdbx_distant_solvent_atoms.neighbor_ligand_distance          . 
# 
loop_
_pdbx_unobs_or_zero_occ_residues.id 
_pdbx_unobs_or_zero_occ_residues.PDB_model_num 
_pdbx_unobs_or_zero_occ_residues.polymer_flag 
_pdbx_unobs_or_zero_occ_residues.occupancy_flag 
_pdbx_unobs_or_zero_occ_residues.auth_asym_id 
_pdbx_unobs_or_zero_occ_residues.auth_comp_id 
_pdbx_unobs_or_zero_occ_residues.auth_seq_id 
_pdbx_unobs_or_zero_occ_residues.PDB_ins_code 
_pdbx_unobs_or_zero_occ_residues.label_asym_id 
_pdbx_unobs_or_zero_occ_residues.label_comp_id 
_pdbx_unobs_or_zero_occ_residues.label_seq_id 
1  1 Y 1 A MET -5 ? A MET 1  
2  1 Y 1 A HIS -4 ? A HIS 2  
3  1 Y 1 A HIS -3 ? A HIS 3  
4  1 Y 1 A HIS -2 ? A HIS 4  
5  1 Y 1 A HIS -1 ? A HIS 5  
6  1 Y 1 A HIS 0  ? A HIS 6  
7  1 Y 1 A HIS 1  ? A HIS 7  
8  1 Y 1 A SER 2  ? A SER 8  
9  1 Y 1 A SER 3  ? A SER 9  
10 1 Y 1 A GLY 4  ? A GLY 10 
11 1 Y 1 A VAL 5  ? A VAL 11 
12 1 Y 1 A ASP 6  ? A ASP 12 
13 1 Y 1 A LEU 7  ? A LEU 13 
14 1 Y 1 A GLY 8  ? A GLY 14 
15 1 Y 1 A THR 9  ? A THR 15 
16 1 Y 1 A GLU 10 ? A GLU 16 
17 1 Y 1 A ASN 11 ? A ASN 17 
18 1 Y 1 A LEU 12 ? A LEU 18 
19 1 Y 1 A TYR 13 ? A TYR 19 
20 1 Y 1 A PHE 14 ? A PHE 20 
21 1 Y 1 A GLN 15 ? A GLN 21 
22 1 Y 1 A SER 16 ? A SER 22 
23 1 Y 1 A GLY 51 ? A GLY 57 
24 1 Y 1 A ARG 52 ? A ARG 58 
25 1 Y 1 A ILE 53 ? A ILE 59 
26 1 Y 1 A SER 54 ? A SER 60 
27 1 Y 1 A PRO 86 ? A PRO 92 
28 1 Y 1 A ARG 87 ? A ARG 93 
29 1 Y 1 A GLY 88 ? A GLY 94 
30 1 Y 1 A VAL 89 ? A VAL 95 
31 1 Y 1 A HIS 90 ? A HIS 96 
32 1 Y 1 A GLY 91 ? A GLY 97 
# 
loop_
_chem_comp_atom.comp_id 
_chem_comp_atom.atom_id 
_chem_comp_atom.type_symbol 
_chem_comp_atom.pdbx_aromatic_flag 
_chem_comp_atom.pdbx_stereo_config 
_chem_comp_atom.pdbx_ordinal 
ALA N    N N N 1   
ALA CA   C N S 2   
ALA C    C N N 3   
ALA O    O N N 4   
ALA CB   C N N 5   
ALA OXT  O N N 6   
ALA H    H N N 7   
ALA H2   H N N 8   
ALA HA   H N N 9   
ALA HB1  H N N 10  
ALA HB2  H N N 11  
ALA HB3  H N N 12  
ALA HXT  H N N 13  
ARG N    N N N 14  
ARG CA   C N S 15  
ARG C    C N N 16  
ARG O    O N N 17  
ARG CB   C N N 18  
ARG CG   C N N 19  
ARG CD   C N N 20  
ARG NE   N N N 21  
ARG CZ   C N N 22  
ARG NH1  N N N 23  
ARG NH2  N N N 24  
ARG OXT  O N N 25  
ARG H    H N N 26  
ARG H2   H N N 27  
ARG HA   H N N 28  
ARG HB2  H N N 29  
ARG HB3  H N N 30  
ARG HG2  H N N 31  
ARG HG3  H N N 32  
ARG HD2  H N N 33  
ARG HD3  H N N 34  
ARG HE   H N N 35  
ARG HH11 H N N 36  
ARG HH12 H N N 37  
ARG HH21 H N N 38  
ARG HH22 H N N 39  
ARG HXT  H N N 40  
ASN N    N N N 41  
ASN CA   C N S 42  
ASN C    C N N 43  
ASN O    O N N 44  
ASN CB   C N N 45  
ASN CG   C N N 46  
ASN OD1  O N N 47  
ASN ND2  N N N 48  
ASN OXT  O N N 49  
ASN H    H N N 50  
ASN H2   H N N 51  
ASN HA   H N N 52  
ASN HB2  H N N 53  
ASN HB3  H N N 54  
ASN HD21 H N N 55  
ASN HD22 H N N 56  
ASN HXT  H N N 57  
ASP N    N N N 58  
ASP CA   C N S 59  
ASP C    C N N 60  
ASP O    O N N 61  
ASP CB   C N N 62  
ASP CG   C N N 63  
ASP OD1  O N N 64  
ASP OD2  O N N 65  
ASP OXT  O N N 66  
ASP H    H N N 67  
ASP H2   H N N 68  
ASP HA   H N N 69  
ASP HB2  H N N 70  
ASP HB3  H N N 71  
ASP HD2  H N N 72  
ASP HXT  H N N 73  
GLN N    N N N 74  
GLN CA   C N S 75  
GLN C    C N N 76  
GLN O    O N N 77  
GLN CB   C N N 78  
GLN CG   C N N 79  
GLN CD   C N N 80  
GLN OE1  O N N 81  
GLN NE2  N N N 82  
GLN OXT  O N N 83  
GLN H    H N N 84  
GLN H2   H N N 85  
GLN HA   H N N 86  
GLN HB2  H N N 87  
GLN HB3  H N N 88  
GLN HG2  H N N 89  
GLN HG3  H N N 90  
GLN HE21 H N N 91  
GLN HE22 H N N 92  
GLN HXT  H N N 93  
GLU N    N N N 94  
GLU CA   C N S 95  
GLU C    C N N 96  
GLU O    O N N 97  
GLU CB   C N N 98  
GLU CG   C N N 99  
GLU CD   C N N 100 
GLU OE1  O N N 101 
GLU OE2  O N N 102 
GLU OXT  O N N 103 
GLU H    H N N 104 
GLU H2   H N N 105 
GLU HA   H N N 106 
GLU HB2  H N N 107 
GLU HB3  H N N 108 
GLU HG2  H N N 109 
GLU HG3  H N N 110 
GLU HE2  H N N 111 
GLU HXT  H N N 112 
GLY N    N N N 113 
GLY CA   C N N 114 
GLY C    C N N 115 
GLY O    O N N 116 
GLY OXT  O N N 117 
GLY H    H N N 118 
GLY H2   H N N 119 
GLY HA2  H N N 120 
GLY HA3  H N N 121 
GLY HXT  H N N 122 
HIS N    N N N 123 
HIS CA   C N S 124 
HIS C    C N N 125 
HIS O    O N N 126 
HIS CB   C N N 127 
HIS CG   C Y N 128 
HIS ND1  N Y N 129 
HIS CD2  C Y N 130 
HIS CE1  C Y N 131 
HIS NE2  N Y N 132 
HIS OXT  O N N 133 
HIS H    H N N 134 
HIS H2   H N N 135 
HIS HA   H N N 136 
HIS HB2  H N N 137 
HIS HB3  H N N 138 
HIS HD1  H N N 139 
HIS HD2  H N N 140 
HIS HE1  H N N 141 
HIS HE2  H N N 142 
HIS HXT  H N N 143 
HOH O    O N N 144 
HOH H1   H N N 145 
HOH H2   H N N 146 
ILE N    N N N 147 
ILE CA   C N S 148 
ILE C    C N N 149 
ILE O    O N N 150 
ILE CB   C N S 151 
ILE CG1  C N N 152 
ILE CG2  C N N 153 
ILE CD1  C N N 154 
ILE OXT  O N N 155 
ILE H    H N N 156 
ILE H2   H N N 157 
ILE HA   H N N 158 
ILE HB   H N N 159 
ILE HG12 H N N 160 
ILE HG13 H N N 161 
ILE HG21 H N N 162 
ILE HG22 H N N 163 
ILE HG23 H N N 164 
ILE HD11 H N N 165 
ILE HD12 H N N 166 
ILE HD13 H N N 167 
ILE HXT  H N N 168 
LEU N    N N N 169 
LEU CA   C N S 170 
LEU C    C N N 171 
LEU O    O N N 172 
LEU CB   C N N 173 
LEU CG   C N N 174 
LEU CD1  C N N 175 
LEU CD2  C N N 176 
LEU OXT  O N N 177 
LEU H    H N N 178 
LEU H2   H N N 179 
LEU HA   H N N 180 
LEU HB2  H N N 181 
LEU HB3  H N N 182 
LEU HG   H N N 183 
LEU HD11 H N N 184 
LEU HD12 H N N 185 
LEU HD13 H N N 186 
LEU HD21 H N N 187 
LEU HD22 H N N 188 
LEU HD23 H N N 189 
LEU HXT  H N N 190 
LYS N    N N N 191 
LYS CA   C N S 192 
LYS C    C N N 193 
LYS O    O N N 194 
LYS CB   C N N 195 
LYS CG   C N N 196 
LYS CD   C N N 197 
LYS CE   C N N 198 
LYS NZ   N N N 199 
LYS OXT  O N N 200 
LYS H    H N N 201 
LYS H2   H N N 202 
LYS HA   H N N 203 
LYS HB2  H N N 204 
LYS HB3  H N N 205 
LYS HG2  H N N 206 
LYS HG3  H N N 207 
LYS HD2  H N N 208 
LYS HD3  H N N 209 
LYS HE2  H N N 210 
LYS HE3  H N N 211 
LYS HZ1  H N N 212 
LYS HZ2  H N N 213 
LYS HZ3  H N N 214 
LYS HXT  H N N 215 
MET N    N N N 216 
MET CA   C N S 217 
MET C    C N N 218 
MET O    O N N 219 
MET CB   C N N 220 
MET CG   C N N 221 
MET SD   S N N 222 
MET CE   C N N 223 
MET OXT  O N N 224 
MET H    H N N 225 
MET H2   H N N 226 
MET HA   H N N 227 
MET HB2  H N N 228 
MET HB3  H N N 229 
MET HG2  H N N 230 
MET HG3  H N N 231 
MET HE1  H N N 232 
MET HE2  H N N 233 
MET HE3  H N N 234 
MET HXT  H N N 235 
PHE N    N N N 236 
PHE CA   C N S 237 
PHE C    C N N 238 
PHE O    O N N 239 
PHE CB   C N N 240 
PHE CG   C Y N 241 
PHE CD1  C Y N 242 
PHE CD2  C Y N 243 
PHE CE1  C Y N 244 
PHE CE2  C Y N 245 
PHE CZ   C Y N 246 
PHE OXT  O N N 247 
PHE H    H N N 248 
PHE H2   H N N 249 
PHE HA   H N N 250 
PHE HB2  H N N 251 
PHE HB3  H N N 252 
PHE HD1  H N N 253 
PHE HD2  H N N 254 
PHE HE1  H N N 255 
PHE HE2  H N N 256 
PHE HZ   H N N 257 
PHE HXT  H N N 258 
PRO N    N N N 259 
PRO CA   C N S 260 
PRO C    C N N 261 
PRO O    O N N 262 
PRO CB   C N N 263 
PRO CG   C N N 264 
PRO CD   C N N 265 
PRO OXT  O N N 266 
PRO H    H N N 267 
PRO HA   H N N 268 
PRO HB2  H N N 269 
PRO HB3  H N N 270 
PRO HG2  H N N 271 
PRO HG3  H N N 272 
PRO HD2  H N N 273 
PRO HD3  H N N 274 
PRO HXT  H N N 275 
SER N    N N N 276 
SER CA   C N S 277 
SER C    C N N 278 
SER O    O N N 279 
SER CB   C N N 280 
SER OG   O N N 281 
SER OXT  O N N 282 
SER H    H N N 283 
SER H2   H N N 284 
SER HA   H N N 285 
SER HB2  H N N 286 
SER HB3  H N N 287 
SER HG   H N N 288 
SER HXT  H N N 289 
THR N    N N N 290 
THR CA   C N S 291 
THR C    C N N 292 
THR O    O N N 293 
THR CB   C N R 294 
THR OG1  O N N 295 
THR CG2  C N N 296 
THR OXT  O N N 297 
THR H    H N N 298 
THR H2   H N N 299 
THR HA   H N N 300 
THR HB   H N N 301 
THR HG1  H N N 302 
THR HG21 H N N 303 
THR HG22 H N N 304 
THR HG23 H N N 305 
THR HXT  H N N 306 
TRP N    N N N 307 
TRP CA   C N S 308 
TRP C    C N N 309 
TRP O    O N N 310 
TRP CB   C N N 311 
TRP CG   C Y N 312 
TRP CD1  C Y N 313 
TRP CD2  C Y N 314 
TRP NE1  N Y N 315 
TRP CE2  C Y N 316 
TRP CE3  C Y N 317 
TRP CZ2  C Y N 318 
TRP CZ3  C Y N 319 
TRP CH2  C Y N 320 
TRP OXT  O N N 321 
TRP H    H N N 322 
TRP H2   H N N 323 
TRP HA   H N N 324 
TRP HB2  H N N 325 
TRP HB3  H N N 326 
TRP HD1  H N N 327 
TRP HE1  H N N 328 
TRP HE3  H N N 329 
TRP HZ2  H N N 330 
TRP HZ3  H N N 331 
TRP HH2  H N N 332 
TRP HXT  H N N 333 
TYR N    N N N 334 
TYR CA   C N S 335 
TYR C    C N N 336 
TYR O    O N N 337 
TYR CB   C N N 338 
TYR CG   C Y N 339 
TYR CD1  C Y N 340 
TYR CD2  C Y N 341 
TYR CE1  C Y N 342 
TYR CE2  C Y N 343 
TYR CZ   C Y N 344 
TYR OH   O N N 345 
TYR OXT  O N N 346 
TYR H    H N N 347 
TYR H2   H N N 348 
TYR HA   H N N 349 
TYR HB2  H N N 350 
TYR HB3  H N N 351 
TYR HD1  H N N 352 
TYR HD2  H N N 353 
TYR HE1  H N N 354 
TYR HE2  H N N 355 
TYR HH   H N N 356 
TYR HXT  H N N 357 
VAL N    N N N 358 
VAL CA   C N S 359 
VAL C    C N N 360 
VAL O    O N N 361 
VAL CB   C N N 362 
VAL CG1  C N N 363 
VAL CG2  C N N 364 
VAL OXT  O N N 365 
VAL H    H N N 366 
VAL H2   H N N 367 
VAL HA   H N N 368 
VAL HB   H N N 369 
VAL HG11 H N N 370 
VAL HG12 H N N 371 
VAL HG13 H N N 372 
VAL HG21 H N N 373 
VAL HG22 H N N 374 
VAL HG23 H N N 375 
VAL HXT  H N N 376 
# 
loop_
_chem_comp_bond.comp_id 
_chem_comp_bond.atom_id_1 
_chem_comp_bond.atom_id_2 
_chem_comp_bond.value_order 
_chem_comp_bond.pdbx_aromatic_flag 
_chem_comp_bond.pdbx_stereo_config 
_chem_comp_bond.pdbx_ordinal 
ALA N   CA   sing N N 1   
ALA N   H    sing N N 2   
ALA N   H2   sing N N 3   
ALA CA  C    sing N N 4   
ALA CA  CB   sing N N 5   
ALA CA  HA   sing N N 6   
ALA C   O    doub N N 7   
ALA C   OXT  sing N N 8   
ALA CB  HB1  sing N N 9   
ALA CB  HB2  sing N N 10  
ALA CB  HB3  sing N N 11  
ALA OXT HXT  sing N N 12  
ARG N   CA   sing N N 13  
ARG N   H    sing N N 14  
ARG N   H2   sing N N 15  
ARG CA  C    sing N N 16  
ARG CA  CB   sing N N 17  
ARG CA  HA   sing N N 18  
ARG C   O    doub N N 19  
ARG C   OXT  sing N N 20  
ARG CB  CG   sing N N 21  
ARG CB  HB2  sing N N 22  
ARG CB  HB3  sing N N 23  
ARG CG  CD   sing N N 24  
ARG CG  HG2  sing N N 25  
ARG CG  HG3  sing N N 26  
ARG CD  NE   sing N N 27  
ARG CD  HD2  sing N N 28  
ARG CD  HD3  sing N N 29  
ARG NE  CZ   sing N N 30  
ARG NE  HE   sing N N 31  
ARG CZ  NH1  sing N N 32  
ARG CZ  NH2  doub N N 33  
ARG NH1 HH11 sing N N 34  
ARG NH1 HH12 sing N N 35  
ARG NH2 HH21 sing N N 36  
ARG NH2 HH22 sing N N 37  
ARG OXT HXT  sing N N 38  
ASN N   CA   sing N N 39  
ASN N   H    sing N N 40  
ASN N   H2   sing N N 41  
ASN CA  C    sing N N 42  
ASN CA  CB   sing N N 43  
ASN CA  HA   sing N N 44  
ASN C   O    doub N N 45  
ASN C   OXT  sing N N 46  
ASN CB  CG   sing N N 47  
ASN CB  HB2  sing N N 48  
ASN CB  HB3  sing N N 49  
ASN CG  OD1  doub N N 50  
ASN CG  ND2  sing N N 51  
ASN ND2 HD21 sing N N 52  
ASN ND2 HD22 sing N N 53  
ASN OXT HXT  sing N N 54  
ASP N   CA   sing N N 55  
ASP N   H    sing N N 56  
ASP N   H2   sing N N 57  
ASP CA  C    sing N N 58  
ASP CA  CB   sing N N 59  
ASP CA  HA   sing N N 60  
ASP C   O    doub N N 61  
ASP C   OXT  sing N N 62  
ASP CB  CG   sing N N 63  
ASP CB  HB2  sing N N 64  
ASP CB  HB3  sing N N 65  
ASP CG  OD1  doub N N 66  
ASP CG  OD2  sing N N 67  
ASP OD2 HD2  sing N N 68  
ASP OXT HXT  sing N N 69  
GLN N   CA   sing N N 70  
GLN N   H    sing N N 71  
GLN N   H2   sing N N 72  
GLN CA  C    sing N N 73  
GLN CA  CB   sing N N 74  
GLN CA  HA   sing N N 75  
GLN C   O    doub N N 76  
GLN C   OXT  sing N N 77  
GLN CB  CG   sing N N 78  
GLN CB  HB2  sing N N 79  
GLN CB  HB3  sing N N 80  
GLN CG  CD   sing N N 81  
GLN CG  HG2  sing N N 82  
GLN CG  HG3  sing N N 83  
GLN CD  OE1  doub N N 84  
GLN CD  NE2  sing N N 85  
GLN NE2 HE21 sing N N 86  
GLN NE2 HE22 sing N N 87  
GLN OXT HXT  sing N N 88  
GLU N   CA   sing N N 89  
GLU N   H    sing N N 90  
GLU N   H2   sing N N 91  
GLU CA  C    sing N N 92  
GLU CA  CB   sing N N 93  
GLU CA  HA   sing N N 94  
GLU C   O    doub N N 95  
GLU C   OXT  sing N N 96  
GLU CB  CG   sing N N 97  
GLU CB  HB2  sing N N 98  
GLU CB  HB3  sing N N 99  
GLU CG  CD   sing N N 100 
GLU CG  HG2  sing N N 101 
GLU CG  HG3  sing N N 102 
GLU CD  OE1  doub N N 103 
GLU CD  OE2  sing N N 104 
GLU OE2 HE2  sing N N 105 
GLU OXT HXT  sing N N 106 
GLY N   CA   sing N N 107 
GLY N   H    sing N N 108 
GLY N   H2   sing N N 109 
GLY CA  C    sing N N 110 
GLY CA  HA2  sing N N 111 
GLY CA  HA3  sing N N 112 
GLY C   O    doub N N 113 
GLY C   OXT  sing N N 114 
GLY OXT HXT  sing N N 115 
HIS N   CA   sing N N 116 
HIS N   H    sing N N 117 
HIS N   H2   sing N N 118 
HIS CA  C    sing N N 119 
HIS CA  CB   sing N N 120 
HIS CA  HA   sing N N 121 
HIS C   O    doub N N 122 
HIS C   OXT  sing N N 123 
HIS CB  CG   sing N N 124 
HIS CB  HB2  sing N N 125 
HIS CB  HB3  sing N N 126 
HIS CG  ND1  sing Y N 127 
HIS CG  CD2  doub Y N 128 
HIS ND1 CE1  doub Y N 129 
HIS ND1 HD1  sing N N 130 
HIS CD2 NE2  sing Y N 131 
HIS CD2 HD2  sing N N 132 
HIS CE1 NE2  sing Y N 133 
HIS CE1 HE1  sing N N 134 
HIS NE2 HE2  sing N N 135 
HIS OXT HXT  sing N N 136 
HOH O   H1   sing N N 137 
HOH O   H2   sing N N 138 
ILE N   CA   sing N N 139 
ILE N   H    sing N N 140 
ILE N   H2   sing N N 141 
ILE CA  C    sing N N 142 
ILE CA  CB   sing N N 143 
ILE CA  HA   sing N N 144 
ILE C   O    doub N N 145 
ILE C   OXT  sing N N 146 
ILE CB  CG1  sing N N 147 
ILE CB  CG2  sing N N 148 
ILE CB  HB   sing N N 149 
ILE CG1 CD1  sing N N 150 
ILE CG1 HG12 sing N N 151 
ILE CG1 HG13 sing N N 152 
ILE CG2 HG21 sing N N 153 
ILE CG2 HG22 sing N N 154 
ILE CG2 HG23 sing N N 155 
ILE CD1 HD11 sing N N 156 
ILE CD1 HD12 sing N N 157 
ILE CD1 HD13 sing N N 158 
ILE OXT HXT  sing N N 159 
LEU N   CA   sing N N 160 
LEU N   H    sing N N 161 
LEU N   H2   sing N N 162 
LEU CA  C    sing N N 163 
LEU CA  CB   sing N N 164 
LEU CA  HA   sing N N 165 
LEU C   O    doub N N 166 
LEU C   OXT  sing N N 167 
LEU CB  CG   sing N N 168 
LEU CB  HB2  sing N N 169 
LEU CB  HB3  sing N N 170 
LEU CG  CD1  sing N N 171 
LEU CG  CD2  sing N N 172 
LEU CG  HG   sing N N 173 
LEU CD1 HD11 sing N N 174 
LEU CD1 HD12 sing N N 175 
LEU CD1 HD13 sing N N 176 
LEU CD2 HD21 sing N N 177 
LEU CD2 HD22 sing N N 178 
LEU CD2 HD23 sing N N 179 
LEU OXT HXT  sing N N 180 
LYS N   CA   sing N N 181 
LYS N   H    sing N N 182 
LYS N   H2   sing N N 183 
LYS CA  C    sing N N 184 
LYS CA  CB   sing N N 185 
LYS CA  HA   sing N N 186 
LYS C   O    doub N N 187 
LYS C   OXT  sing N N 188 
LYS CB  CG   sing N N 189 
LYS CB  HB2  sing N N 190 
LYS CB  HB3  sing N N 191 
LYS CG  CD   sing N N 192 
LYS CG  HG2  sing N N 193 
LYS CG  HG3  sing N N 194 
LYS CD  CE   sing N N 195 
LYS CD  HD2  sing N N 196 
LYS CD  HD3  sing N N 197 
LYS CE  NZ   sing N N 198 
LYS CE  HE2  sing N N 199 
LYS CE  HE3  sing N N 200 
LYS NZ  HZ1  sing N N 201 
LYS NZ  HZ2  sing N N 202 
LYS NZ  HZ3  sing N N 203 
LYS OXT HXT  sing N N 204 
MET N   CA   sing N N 205 
MET N   H    sing N N 206 
MET N   H2   sing N N 207 
MET CA  C    sing N N 208 
MET CA  CB   sing N N 209 
MET CA  HA   sing N N 210 
MET C   O    doub N N 211 
MET C   OXT  sing N N 212 
MET CB  CG   sing N N 213 
MET CB  HB2  sing N N 214 
MET CB  HB3  sing N N 215 
MET CG  SD   sing N N 216 
MET CG  HG2  sing N N 217 
MET CG  HG3  sing N N 218 
MET SD  CE   sing N N 219 
MET CE  HE1  sing N N 220 
MET CE  HE2  sing N N 221 
MET CE  HE3  sing N N 222 
MET OXT HXT  sing N N 223 
PHE N   CA   sing N N 224 
PHE N   H    sing N N 225 
PHE N   H2   sing N N 226 
PHE CA  C    sing N N 227 
PHE CA  CB   sing N N 228 
PHE CA  HA   sing N N 229 
PHE C   O    doub N N 230 
PHE C   OXT  sing N N 231 
PHE CB  CG   sing N N 232 
PHE CB  HB2  sing N N 233 
PHE CB  HB3  sing N N 234 
PHE CG  CD1  doub Y N 235 
PHE CG  CD2  sing Y N 236 
PHE CD1 CE1  sing Y N 237 
PHE CD1 HD1  sing N N 238 
PHE CD2 CE2  doub Y N 239 
PHE CD2 HD2  sing N N 240 
PHE CE1 CZ   doub Y N 241 
PHE CE1 HE1  sing N N 242 
PHE CE2 CZ   sing Y N 243 
PHE CE2 HE2  sing N N 244 
PHE CZ  HZ   sing N N 245 
PHE OXT HXT  sing N N 246 
PRO N   CA   sing N N 247 
PRO N   CD   sing N N 248 
PRO N   H    sing N N 249 
PRO CA  C    sing N N 250 
PRO CA  CB   sing N N 251 
PRO CA  HA   sing N N 252 
PRO C   O    doub N N 253 
PRO C   OXT  sing N N 254 
PRO CB  CG   sing N N 255 
PRO CB  HB2  sing N N 256 
PRO CB  HB3  sing N N 257 
PRO CG  CD   sing N N 258 
PRO CG  HG2  sing N N 259 
PRO CG  HG3  sing N N 260 
PRO CD  HD2  sing N N 261 
PRO CD  HD3  sing N N 262 
PRO OXT HXT  sing N N 263 
SER N   CA   sing N N 264 
SER N   H    sing N N 265 
SER N   H2   sing N N 266 
SER CA  C    sing N N 267 
SER CA  CB   sing N N 268 
SER CA  HA   sing N N 269 
SER C   O    doub N N 270 
SER C   OXT  sing N N 271 
SER CB  OG   sing N N 272 
SER CB  HB2  sing N N 273 
SER CB  HB3  sing N N 274 
SER OG  HG   sing N N 275 
SER OXT HXT  sing N N 276 
THR N   CA   sing N N 277 
THR N   H    sing N N 278 
THR N   H2   sing N N 279 
THR CA  C    sing N N 280 
THR CA  CB   sing N N 281 
THR CA  HA   sing N N 282 
THR C   O    doub N N 283 
THR C   OXT  sing N N 284 
THR CB  OG1  sing N N 285 
THR CB  CG2  sing N N 286 
THR CB  HB   sing N N 287 
THR OG1 HG1  sing N N 288 
THR CG2 HG21 sing N N 289 
THR CG2 HG22 sing N N 290 
THR CG2 HG23 sing N N 291 
THR OXT HXT  sing N N 292 
TRP N   CA   sing N N 293 
TRP N   H    sing N N 294 
TRP N   H2   sing N N 295 
TRP CA  C    sing N N 296 
TRP CA  CB   sing N N 297 
TRP CA  HA   sing N N 298 
TRP C   O    doub N N 299 
TRP C   OXT  sing N N 300 
TRP CB  CG   sing N N 301 
TRP CB  HB2  sing N N 302 
TRP CB  HB3  sing N N 303 
TRP CG  CD1  doub Y N 304 
TRP CG  CD2  sing Y N 305 
TRP CD1 NE1  sing Y N 306 
TRP CD1 HD1  sing N N 307 
TRP CD2 CE2  doub Y N 308 
TRP CD2 CE3  sing Y N 309 
TRP NE1 CE2  sing Y N 310 
TRP NE1 HE1  sing N N 311 
TRP CE2 CZ2  sing Y N 312 
TRP CE3 CZ3  doub Y N 313 
TRP CE3 HE3  sing N N 314 
TRP CZ2 CH2  doub Y N 315 
TRP CZ2 HZ2  sing N N 316 
TRP CZ3 CH2  sing Y N 317 
TRP CZ3 HZ3  sing N N 318 
TRP CH2 HH2  sing N N 319 
TRP OXT HXT  sing N N 320 
TYR N   CA   sing N N 321 
TYR N   H    sing N N 322 
TYR N   H2   sing N N 323 
TYR CA  C    sing N N 324 
TYR CA  CB   sing N N 325 
TYR CA  HA   sing N N 326 
TYR C   O    doub N N 327 
TYR C   OXT  sing N N 328 
TYR CB  CG   sing N N 329 
TYR CB  HB2  sing N N 330 
TYR CB  HB3  sing N N 331 
TYR CG  CD1  doub Y N 332 
TYR CG  CD2  sing Y N 333 
TYR CD1 CE1  sing Y N 334 
TYR CD1 HD1  sing N N 335 
TYR CD2 CE2  doub Y N 336 
TYR CD2 HD2  sing N N 337 
TYR CE1 CZ   doub Y N 338 
TYR CE1 HE1  sing N N 339 
TYR CE2 CZ   sing Y N 340 
TYR CE2 HE2  sing N N 341 
TYR CZ  OH   sing N N 342 
TYR OH  HH   sing N N 343 
TYR OXT HXT  sing N N 344 
VAL N   CA   sing N N 345 
VAL N   H    sing N N 346 
VAL N   H2   sing N N 347 
VAL CA  C    sing N N 348 
VAL CA  CB   sing N N 349 
VAL CA  HA   sing N N 350 
VAL C   O    doub N N 351 
VAL C   OXT  sing N N 352 
VAL CB  CG1  sing N N 353 
VAL CB  CG2  sing N N 354 
VAL CB  HB   sing N N 355 
VAL CG1 HG11 sing N N 356 
VAL CG1 HG12 sing N N 357 
VAL CG1 HG13 sing N N 358 
VAL CG2 HG21 sing N N 359 
VAL CG2 HG22 sing N N 360 
VAL CG2 HG23 sing N N 361 
VAL OXT HXT  sing N N 362 
# 
_pdbx_entity_nonpoly.entity_id   2 
_pdbx_entity_nonpoly.name        water 
_pdbx_entity_nonpoly.comp_id     HOH 
# 
_pdbx_initial_refinement_model.id               1 
_pdbx_initial_refinement_model.entity_id_list   ? 
_pdbx_initial_refinement_model.type             'experimental model' 
_pdbx_initial_refinement_model.source_name      PDB 
_pdbx_initial_refinement_model.accession_code   3DRX 
_pdbx_initial_refinement_model.details          'PDB ENTRY 3DRX' 
# 
